data_1X4X
#
_entry.id   1X4X
#
_entity_poly.entity_id   1
_entity_poly.type   'polypeptide(L)'
_entity_poly.pdbx_seq_one_letter_code
;GSSGSSGPDQCKPPQVTCRSATCAQVNWEVPLSNGTDVTEYRLEWGGVEGSMQICYCGPGLSYEIKGLSPATTYYCRVQA
LSVVGAGPFSEVVACVTPPSSGPSSG
;
_entity_poly.pdbx_strand_id   A
#
# COMPACT_ATOMS: atom_id res chain seq x y z
N GLY A 1 14.84 -0.15 -24.19
CA GLY A 1 14.50 1.25 -24.35
C GLY A 1 14.44 1.67 -25.81
N SER A 2 15.60 1.79 -26.44
CA SER A 2 15.67 2.20 -27.84
C SER A 2 14.69 1.38 -28.69
N SER A 3 14.67 0.08 -28.45
CA SER A 3 13.78 -0.81 -29.20
C SER A 3 13.28 -1.95 -28.31
N GLY A 4 12.00 -1.89 -27.94
CA GLY A 4 11.43 -2.91 -27.09
C GLY A 4 11.08 -2.40 -25.72
N SER A 5 9.80 -2.49 -25.35
CA SER A 5 9.35 -2.02 -24.05
C SER A 5 9.74 -3.00 -22.95
N SER A 6 10.03 -2.47 -21.77
CA SER A 6 10.43 -3.31 -20.64
C SER A 6 9.77 -2.82 -19.35
N GLY A 7 9.40 -3.76 -18.49
CA GLY A 7 8.77 -3.40 -17.23
C GLY A 7 7.27 -3.65 -17.25
N PRO A 8 6.71 -4.03 -16.09
CA PRO A 8 5.28 -4.29 -15.96
C PRO A 8 4.43 -3.02 -16.06
N ASP A 9 3.12 -3.19 -16.10
CA ASP A 9 2.20 -2.06 -16.20
C ASP A 9 1.91 -1.47 -14.82
N GLN A 10 1.43 -0.24 -14.79
CA GLN A 10 1.12 0.44 -13.55
C GLN A 10 0.41 -0.51 -12.58
N CYS A 11 0.62 -0.31 -11.29
CA CYS A 11 0.00 -1.14 -10.27
C CYS A 11 -1.23 -0.46 -9.67
N LYS A 12 -2.33 -1.20 -9.58
CA LYS A 12 -3.57 -0.66 -9.04
C LYS A 12 -3.47 -0.49 -7.52
N PRO A 13 -4.24 0.46 -6.99
CA PRO A 13 -4.26 0.75 -5.54
C PRO A 13 -4.89 -0.37 -4.74
N PRO A 14 -4.30 -0.67 -3.57
CA PRO A 14 -4.80 -1.73 -2.68
C PRO A 14 -6.12 -1.36 -2.03
N GLN A 15 -6.65 -2.27 -1.21
CA GLN A 15 -7.92 -2.04 -0.53
C GLN A 15 -7.71 -1.96 0.97
N VAL A 16 -8.00 -0.80 1.55
CA VAL A 16 -7.85 -0.59 2.99
C VAL A 16 -9.14 -0.90 3.73
N THR A 17 -9.03 -1.63 4.84
CA THR A 17 -10.19 -2.00 5.64
C THR A 17 -9.96 -1.68 7.12
N CYS A 18 -10.37 -0.49 7.53
CA CYS A 18 -10.21 -0.07 8.92
C CYS A 18 -10.73 -1.14 9.88
N ARG A 19 -9.85 -2.03 10.31
CA ARG A 19 -10.22 -3.10 11.22
C ARG A 19 -10.62 -2.54 12.58
N SER A 20 -10.00 -1.43 12.96
CA SER A 20 -10.29 -0.80 14.25
C SER A 20 -9.69 0.61 14.30
N ALA A 21 -9.96 1.31 15.38
CA ALA A 21 -9.45 2.67 15.56
C ALA A 21 -7.94 2.72 15.36
N THR A 22 -7.26 1.66 15.78
CA THR A 22 -5.81 1.58 15.64
C THR A 22 -5.40 0.38 14.81
N CYS A 23 -6.28 -0.03 13.89
CA CYS A 23 -6.01 -1.17 13.02
C CYS A 23 -6.42 -0.87 11.59
N ALA A 24 -5.65 -1.37 10.63
CA ALA A 24 -5.94 -1.17 9.22
C ALA A 24 -5.31 -2.25 8.36
N GLN A 25 -6.15 -2.94 7.59
CA GLN A 25 -5.67 -4.01 6.72
C GLN A 25 -5.56 -3.53 5.27
N VAL A 26 -4.58 -4.07 4.56
CA VAL A 26 -4.37 -3.68 3.16
C VAL A 26 -4.28 -4.92 2.27
N ASN A 27 -4.62 -4.75 0.99
CA ASN A 27 -4.58 -5.84 0.04
C ASN A 27 -4.32 -5.34 -1.38
N TRP A 28 -3.37 -5.98 -2.06
CA TRP A 28 -3.02 -5.58 -3.42
C TRP A 28 -2.99 -6.79 -4.35
N GLU A 29 -2.65 -6.55 -5.61
CA GLU A 29 -2.58 -7.62 -6.59
C GLU A 29 -1.53 -7.32 -7.66
N VAL A 30 -1.27 -8.31 -8.51
CA VAL A 30 -0.28 -8.14 -9.58
C VAL A 30 -0.95 -7.70 -10.87
N PRO A 31 -0.33 -6.70 -11.54
CA PRO A 31 -0.85 -6.16 -12.80
C PRO A 31 -0.71 -7.14 -13.96
N LEU A 32 -1.19 -6.76 -15.12
CA LEU A 32 -1.13 -7.61 -16.31
C LEU A 32 0.30 -7.74 -16.79
N SER A 33 1.09 -8.58 -16.13
CA SER A 33 2.48 -8.79 -16.49
C SER A 33 2.68 -10.19 -17.07
N ASN A 34 2.95 -10.25 -18.37
CA ASN A 34 3.17 -11.52 -19.05
C ASN A 34 4.65 -11.81 -19.21
N GLY A 35 5.39 -10.84 -19.75
CA GLY A 35 6.81 -11.00 -19.95
C GLY A 35 7.55 -11.29 -18.66
N THR A 36 8.05 -10.24 -18.02
CA THR A 36 8.78 -10.38 -16.77
C THR A 36 7.83 -10.50 -15.58
N ASP A 37 8.18 -11.34 -14.63
CA ASP A 37 7.37 -11.54 -13.43
C ASP A 37 7.86 -10.69 -12.28
N VAL A 38 6.97 -10.40 -11.33
CA VAL A 38 7.33 -9.58 -10.18
C VAL A 38 8.14 -10.39 -9.16
N THR A 39 9.20 -9.78 -8.65
CA THR A 39 10.05 -10.44 -7.67
C THR A 39 9.53 -10.26 -6.26
N GLU A 40 9.23 -9.02 -5.89
CA GLU A 40 8.72 -8.71 -4.56
C GLU A 40 7.76 -7.52 -4.61
N TYR A 41 7.30 -7.09 -3.45
CA TYR A 41 6.38 -5.97 -3.35
C TYR A 41 6.74 -5.06 -2.18
N ARG A 42 7.05 -3.80 -2.48
CA ARG A 42 7.41 -2.84 -1.45
C ARG A 42 6.24 -1.92 -1.12
N LEU A 43 5.64 -2.12 0.06
CA LEU A 43 4.51 -1.31 0.49
C LEU A 43 4.96 -0.23 1.47
N GLU A 44 4.57 1.01 1.20
CA GLU A 44 4.93 2.13 2.05
C GLU A 44 3.70 2.67 2.78
N TRP A 45 3.86 2.97 4.06
CA TRP A 45 2.76 3.48 4.87
C TRP A 45 3.28 4.48 5.91
N GLY A 46 2.73 5.68 5.90
CA GLY A 46 3.15 6.71 6.84
C GLY A 46 2.00 7.60 7.27
N GLY A 47 2.22 8.36 8.34
CA GLY A 47 1.19 9.25 8.84
C GLY A 47 0.54 10.06 7.73
N VAL A 48 1.32 10.91 7.09
CA VAL A 48 0.81 11.75 6.00
C VAL A 48 1.47 11.38 4.67
N GLU A 49 0.82 11.77 3.58
CA GLU A 49 1.35 11.49 2.24
C GLU A 49 2.80 11.95 2.11
N GLY A 50 3.07 13.15 2.62
CA GLY A 50 4.42 13.68 2.55
C GLY A 50 5.44 12.79 3.23
N SER A 51 5.02 12.15 4.32
CA SER A 51 5.91 11.26 5.07
C SER A 51 5.50 9.80 4.88
N MET A 52 6.39 9.04 4.23
CA MET A 52 6.12 7.62 3.99
C MET A 52 7.41 6.85 3.76
N GLN A 53 7.46 5.61 4.22
CA GLN A 53 8.64 4.77 4.07
C GLN A 53 8.25 3.30 3.93
N ILE A 54 9.26 2.45 3.75
CA ILE A 54 9.03 1.02 3.60
C ILE A 54 8.55 0.40 4.91
N CYS A 55 7.32 -0.11 4.90
CA CYS A 55 6.74 -0.73 6.09
C CYS A 55 6.85 -2.25 6.02
N TYR A 56 6.56 -2.81 4.86
CA TYR A 56 6.62 -4.25 4.66
C TYR A 56 7.14 -4.58 3.27
N CYS A 57 7.96 -5.62 3.18
CA CYS A 57 8.53 -6.05 1.91
C CYS A 57 8.50 -7.57 1.78
N GLY A 58 7.99 -8.05 0.64
CA GLY A 58 7.90 -9.48 0.43
C GLY A 58 6.97 -9.83 -0.72
N PRO A 59 7.03 -11.10 -1.17
CA PRO A 59 6.19 -11.59 -2.26
C PRO A 59 4.72 -11.68 -1.87
N GLY A 60 4.42 -11.40 -0.62
CA GLY A 60 3.06 -11.45 -0.14
C GLY A 60 2.14 -10.51 -0.89
N LEU A 61 0.83 -10.75 -0.80
CA LEU A 61 -0.15 -9.92 -1.49
C LEU A 61 -1.06 -9.23 -0.49
N SER A 62 -1.13 -9.78 0.72
CA SER A 62 -1.98 -9.22 1.77
C SER A 62 -1.16 -8.92 3.03
N TYR A 63 -1.39 -7.76 3.62
CA TYR A 63 -0.68 -7.37 4.82
C TYR A 63 -1.58 -6.56 5.75
N GLU A 64 -1.47 -6.83 7.06
CA GLU A 64 -2.27 -6.13 8.05
C GLU A 64 -1.42 -5.17 8.87
N ILE A 65 -1.90 -3.94 9.02
CA ILE A 65 -1.18 -2.94 9.79
C ILE A 65 -1.85 -2.68 11.14
N LYS A 66 -1.03 -2.44 12.16
CA LYS A 66 -1.55 -2.17 13.50
C LYS A 66 -0.72 -1.10 14.20
N GLY A 67 -1.18 -0.67 15.37
CA GLY A 67 -0.48 0.35 16.11
C GLY A 67 -0.69 1.74 15.54
N LEU A 68 -1.91 2.01 15.08
CA LEU A 68 -2.24 3.30 14.50
C LEU A 68 -3.00 4.17 15.49
N SER A 69 -3.40 5.35 15.06
CA SER A 69 -4.14 6.27 15.92
C SER A 69 -5.47 6.65 15.29
N PRO A 70 -6.50 6.83 16.15
CA PRO A 70 -7.85 7.19 15.70
C PRO A 70 -7.92 8.61 15.16
N ALA A 71 -8.94 8.88 14.35
CA ALA A 71 -9.12 10.21 13.77
C ALA A 71 -7.81 10.73 13.19
N THR A 72 -7.14 9.91 12.41
CA THR A 72 -5.87 10.30 11.80
C THR A 72 -5.78 9.81 10.36
N THR A 73 -5.43 10.72 9.45
CA THR A 73 -5.31 10.39 8.04
C THR A 73 -4.04 9.58 7.77
N TYR A 74 -4.12 8.68 6.79
CA TYR A 74 -2.99 7.84 6.44
C TYR A 74 -2.95 7.57 4.93
N TYR A 75 -1.78 7.16 4.44
CA TYR A 75 -1.62 6.88 3.02
C TYR A 75 -0.79 5.62 2.81
N CYS A 76 -1.01 4.95 1.69
CA CYS A 76 -0.28 3.72 1.37
C CYS A 76 -0.09 3.59 -0.14
N ARG A 77 1.10 3.14 -0.53
CA ARG A 77 1.43 2.97 -1.94
C ARG A 77 2.19 1.67 -2.17
N VAL A 78 1.72 0.88 -3.14
CA VAL A 78 2.36 -0.39 -3.46
C VAL A 78 2.98 -0.36 -4.85
N GLN A 79 4.21 -0.84 -4.95
CA GLN A 79 4.92 -0.87 -6.22
C GLN A 79 5.40 -2.28 -6.55
N ALA A 80 5.49 -2.59 -7.84
CA ALA A 80 5.94 -3.90 -8.28
C ALA A 80 7.39 -3.85 -8.77
N LEU A 81 8.23 -4.67 -8.15
CA LEU A 81 9.64 -4.73 -8.52
C LEU A 81 9.92 -5.88 -9.47
N SER A 82 10.63 -5.59 -10.55
CA SER A 82 10.95 -6.61 -11.55
C SER A 82 12.46 -6.86 -11.60
N VAL A 83 12.89 -7.69 -12.54
CA VAL A 83 14.30 -8.01 -12.69
C VAL A 83 14.98 -7.05 -13.66
N VAL A 84 14.18 -6.22 -14.33
CA VAL A 84 14.70 -5.26 -15.28
C VAL A 84 14.67 -3.85 -14.71
N GLY A 85 13.88 -3.67 -13.66
CA GLY A 85 13.77 -2.36 -13.03
C GLY A 85 12.46 -2.18 -12.28
N ALA A 86 12.51 -1.43 -11.18
CA ALA A 86 11.32 -1.19 -10.38
C ALA A 86 10.29 -0.37 -11.16
N GLY A 87 9.04 -0.82 -11.12
CA GLY A 87 7.98 -0.11 -11.82
C GLY A 87 7.43 1.06 -11.04
N PRO A 88 6.48 1.78 -11.63
CA PRO A 88 5.85 2.95 -10.99
C PRO A 88 4.97 2.56 -9.82
N PHE A 89 4.63 3.54 -8.99
CA PHE A 89 3.77 3.30 -7.83
C PHE A 89 2.30 3.42 -8.19
N SER A 90 1.43 2.95 -7.30
CA SER A 90 0.00 3.00 -7.53
C SER A 90 -0.61 4.29 -6.97
N GLU A 91 -1.83 4.59 -7.36
CA GLU A 91 -2.52 5.79 -6.89
C GLU A 91 -2.60 5.80 -5.37
N VAL A 92 -1.93 6.76 -4.75
CA VAL A 92 -1.93 6.89 -3.31
C VAL A 92 -3.34 6.80 -2.75
N VAL A 93 -3.60 5.74 -1.97
CA VAL A 93 -4.92 5.55 -1.37
C VAL A 93 -4.99 6.17 0.02
N ALA A 94 -5.74 7.27 0.13
CA ALA A 94 -5.90 7.95 1.40
C ALA A 94 -6.99 7.30 2.25
N CYS A 95 -6.81 7.32 3.56
CA CYS A 95 -7.79 6.73 4.48
C CYS A 95 -7.66 7.35 5.87
N VAL A 96 -8.80 7.52 6.54
CA VAL A 96 -8.81 8.10 7.89
C VAL A 96 -9.46 7.14 8.88
N THR A 97 -8.75 6.85 9.96
CA THR A 97 -9.26 5.95 10.99
C THR A 97 -10.37 6.61 11.79
N PRO A 98 -11.32 5.79 12.28
CA PRO A 98 -12.46 6.27 13.08
C PRO A 98 -12.03 6.77 14.45
N PRO A 99 -12.77 7.75 14.99
CA PRO A 99 -12.49 8.33 16.31
C PRO A 99 -12.77 7.35 17.44
N SER A 100 -11.85 7.27 18.39
CA SER A 100 -12.00 6.37 19.53
C SER A 100 -12.51 7.13 20.76
N SER A 101 -13.77 7.54 20.71
CA SER A 101 -14.38 8.28 21.81
C SER A 101 -15.08 7.33 22.78
N GLY A 102 -14.31 6.78 23.71
CA GLY A 102 -14.87 5.86 24.68
C GLY A 102 -14.19 4.51 24.67
N PRO A 103 -14.89 3.48 25.17
CA PRO A 103 -14.38 2.11 25.21
C PRO A 103 -14.26 1.49 23.82
N SER A 104 -13.79 0.24 23.78
CA SER A 104 -13.64 -0.47 22.52
C SER A 104 -13.65 -1.98 22.74
N SER A 105 -14.15 -2.71 21.74
CA SER A 105 -14.23 -4.16 21.82
C SER A 105 -13.11 -4.82 21.03
N GLY A 106 -12.46 -5.81 21.63
CA GLY A 106 -11.37 -6.50 20.97
C GLY A 106 -10.47 -7.24 21.94
N GLY A 1 10.97 7.20 -23.30
CA GLY A 1 11.54 7.16 -24.63
C GLY A 1 11.22 5.88 -25.37
N SER A 2 12.17 5.39 -26.14
CA SER A 2 11.99 4.16 -26.91
C SER A 2 13.02 3.11 -26.51
N SER A 3 14.27 3.54 -26.36
CA SER A 3 15.35 2.64 -25.99
C SER A 3 15.12 2.05 -24.60
N GLY A 4 14.86 0.75 -24.54
CA GLY A 4 14.62 0.09 -23.28
C GLY A 4 13.16 0.09 -22.89
N SER A 5 12.36 -0.71 -23.60
CA SER A 5 10.94 -0.81 -23.33
C SER A 5 10.62 -2.03 -22.48
N SER A 6 11.24 -2.10 -21.30
CA SER A 6 11.03 -3.22 -20.39
C SER A 6 10.32 -2.76 -19.12
N GLY A 7 10.01 -3.71 -18.25
CA GLY A 7 9.33 -3.39 -17.01
C GLY A 7 7.84 -3.63 -17.09
N PRO A 8 7.23 -4.00 -15.95
CA PRO A 8 5.79 -4.27 -15.87
C PRO A 8 4.95 -3.01 -16.01
N ASP A 9 3.64 -3.16 -15.94
CA ASP A 9 2.73 -2.02 -16.05
C ASP A 9 2.42 -1.43 -14.68
N GLN A 10 1.93 -0.19 -14.67
CA GLN A 10 1.59 0.48 -13.43
C GLN A 10 0.85 -0.45 -12.49
N CYS A 11 0.97 -0.20 -11.19
CA CYS A 11 0.30 -1.01 -10.19
C CYS A 11 -0.96 -0.33 -9.68
N LYS A 12 -2.03 -1.11 -9.54
CA LYS A 12 -3.31 -0.57 -9.06
C LYS A 12 -3.27 -0.34 -7.55
N PRO A 13 -4.09 0.61 -7.08
CA PRO A 13 -4.17 0.95 -5.65
C PRO A 13 -4.81 -0.15 -4.83
N PRO A 14 -4.22 -0.45 -3.67
CA PRO A 14 -4.73 -1.49 -2.77
C PRO A 14 -6.04 -1.09 -2.11
N GLN A 15 -6.73 -2.07 -1.53
CA GLN A 15 -8.00 -1.82 -0.86
C GLN A 15 -7.83 -1.82 0.65
N VAL A 16 -7.93 -0.64 1.25
CA VAL A 16 -7.80 -0.50 2.70
C VAL A 16 -9.08 -0.87 3.41
N THR A 17 -8.96 -1.68 4.46
CA THR A 17 -10.13 -2.12 5.24
C THR A 17 -9.90 -1.89 6.73
N CYS A 18 -10.35 -0.74 7.22
CA CYS A 18 -10.21 -0.41 8.63
C CYS A 18 -10.81 -1.49 9.52
N ARG A 19 -9.99 -2.06 10.40
CA ARG A 19 -10.45 -3.11 11.31
C ARG A 19 -10.78 -2.53 12.67
N SER A 20 -10.22 -1.37 12.98
CA SER A 20 -10.46 -0.72 14.27
C SER A 20 -9.89 0.69 14.28
N ALA A 21 -10.00 1.37 15.41
CA ALA A 21 -9.49 2.73 15.55
C ALA A 21 -7.97 2.75 15.46
N THR A 22 -7.34 1.65 15.84
CA THR A 22 -5.88 1.55 15.81
C THR A 22 -5.43 0.35 14.97
N CYS A 23 -6.36 -0.19 14.19
CA CYS A 23 -6.06 -1.33 13.32
C CYS A 23 -6.41 -1.03 11.87
N ALA A 24 -5.68 -1.66 10.95
CA ALA A 24 -5.92 -1.45 9.52
C ALA A 24 -5.38 -2.63 8.71
N GLN A 25 -5.90 -2.79 7.50
CA GLN A 25 -5.48 -3.87 6.62
C GLN A 25 -5.41 -3.40 5.17
N VAL A 26 -4.39 -3.85 4.46
CA VAL A 26 -4.21 -3.48 3.05
C VAL A 26 -4.22 -4.71 2.16
N ASN A 27 -4.73 -4.54 0.94
CA ASN A 27 -4.79 -5.64 -0.02
C ASN A 27 -4.48 -5.15 -1.43
N TRP A 28 -3.42 -5.69 -2.02
CA TRP A 28 -3.00 -5.31 -3.36
C TRP A 28 -3.00 -6.52 -4.29
N GLU A 29 -2.60 -6.30 -5.54
CA GLU A 29 -2.54 -7.37 -6.53
C GLU A 29 -1.48 -7.08 -7.59
N VAL A 30 -1.22 -8.06 -8.44
CA VAL A 30 -0.24 -7.91 -9.50
C VAL A 30 -0.90 -7.52 -10.82
N PRO A 31 -0.31 -6.55 -11.51
CA PRO A 31 -0.83 -6.06 -12.80
C PRO A 31 -0.65 -7.09 -13.91
N LEU A 32 -0.89 -6.66 -15.15
CA LEU A 32 -0.76 -7.54 -16.31
C LEU A 32 0.70 -7.65 -16.74
N SER A 33 1.30 -8.81 -16.48
CA SER A 33 2.69 -9.04 -16.85
C SER A 33 2.82 -10.29 -17.71
N ASN A 34 2.91 -10.10 -19.02
CA ASN A 34 3.05 -11.22 -19.95
C ASN A 34 4.52 -11.48 -20.29
N GLY A 35 5.35 -11.58 -19.26
CA GLY A 35 6.76 -11.83 -19.46
C GLY A 35 7.56 -11.79 -18.17
N THR A 36 7.67 -10.60 -17.59
CA THR A 36 8.41 -10.42 -16.34
C THR A 36 7.53 -10.77 -15.14
N ASP A 37 8.16 -11.37 -14.12
CA ASP A 37 7.44 -11.75 -12.91
C ASP A 37 7.90 -10.91 -11.73
N VAL A 38 6.95 -10.30 -11.03
CA VAL A 38 7.25 -9.47 -9.88
C VAL A 38 7.94 -10.27 -8.79
N THR A 39 9.18 -9.90 -8.47
CA THR A 39 9.95 -10.59 -7.44
C THR A 39 9.39 -10.30 -6.05
N GLU A 40 9.34 -9.02 -5.69
CA GLU A 40 8.83 -8.61 -4.39
C GLU A 40 7.93 -7.39 -4.51
N TYR A 41 7.36 -6.97 -3.40
CA TYR A 41 6.46 -5.82 -3.38
C TYR A 41 6.81 -4.86 -2.24
N ARG A 42 7.21 -3.65 -2.60
CA ARG A 42 7.58 -2.63 -1.62
C ARG A 42 6.39 -1.76 -1.27
N LEU A 43 5.85 -1.95 -0.08
CA LEU A 43 4.70 -1.17 0.38
C LEU A 43 5.14 -0.11 1.39
N GLU A 44 4.86 1.16 1.06
CA GLU A 44 5.22 2.27 1.94
C GLU A 44 3.99 2.81 2.66
N TRP A 45 4.11 2.92 3.99
CA TRP A 45 3.00 3.41 4.80
C TRP A 45 3.51 4.35 5.89
N GLY A 46 2.98 5.58 5.91
CA GLY A 46 3.39 6.55 6.89
C GLY A 46 2.25 7.45 7.34
N GLY A 47 2.44 8.13 8.46
CA GLY A 47 1.40 9.01 8.98
C GLY A 47 0.77 9.85 7.90
N VAL A 48 1.56 10.70 7.26
CA VAL A 48 1.07 11.57 6.20
C VAL A 48 1.75 11.25 4.86
N GLU A 49 1.05 11.53 3.77
CA GLU A 49 1.59 11.27 2.44
C GLU A 49 3.02 11.76 2.32
N GLY A 50 3.27 12.97 2.83
CA GLY A 50 4.61 13.53 2.77
C GLY A 50 5.64 12.65 3.43
N SER A 51 5.22 11.92 4.46
CA SER A 51 6.13 11.03 5.19
C SER A 51 5.71 9.57 5.01
N MET A 52 6.46 8.85 4.18
CA MET A 52 6.18 7.45 3.92
C MET A 52 7.47 6.67 3.67
N GLN A 53 7.58 5.50 4.28
CA GLN A 53 8.76 4.66 4.12
C GLN A 53 8.37 3.18 4.02
N ILE A 54 9.34 2.35 3.63
CA ILE A 54 9.10 0.93 3.50
C ILE A 54 8.63 0.32 4.82
N CYS A 55 7.36 -0.05 4.89
CA CYS A 55 6.80 -0.65 6.09
C CYS A 55 6.84 -2.17 6.02
N TYR A 56 6.48 -2.70 4.86
CA TYR A 56 6.47 -4.15 4.65
C TYR A 56 6.98 -4.51 3.26
N CYS A 57 7.76 -5.58 3.19
CA CYS A 57 8.31 -6.03 1.92
C CYS A 57 8.22 -7.55 1.79
N GLY A 58 7.83 -8.01 0.60
CA GLY A 58 7.70 -9.44 0.37
C GLY A 58 6.75 -9.75 -0.77
N PRO A 59 6.76 -11.02 -1.21
CA PRO A 59 5.89 -11.49 -2.30
C PRO A 59 4.42 -11.52 -1.90
N GLY A 60 4.15 -11.36 -0.60
CA GLY A 60 2.78 -11.37 -0.12
C GLY A 60 1.88 -10.45 -0.91
N LEU A 61 0.58 -10.62 -0.73
CA LEU A 61 -0.41 -9.80 -1.44
C LEU A 61 -1.33 -9.09 -0.46
N SER A 62 -1.15 -9.36 0.83
CA SER A 62 -1.96 -8.76 1.87
C SER A 62 -1.15 -8.54 3.14
N TYR A 63 -1.39 -7.41 3.79
CA TYR A 63 -0.67 -7.08 5.03
C TYR A 63 -1.60 -6.38 6.02
N GLU A 64 -1.39 -6.65 7.30
CA GLU A 64 -2.20 -6.06 8.36
C GLU A 64 -1.38 -5.06 9.19
N ILE A 65 -1.78 -3.80 9.14
CA ILE A 65 -1.09 -2.75 9.88
C ILE A 65 -1.85 -2.39 11.15
N LYS A 66 -1.13 -2.37 12.28
CA LYS A 66 -1.74 -2.04 13.56
C LYS A 66 -0.90 -1.00 14.31
N GLY A 67 -1.42 -0.53 15.43
CA GLY A 67 -0.70 0.46 16.22
C GLY A 67 -0.91 1.88 15.71
N LEU A 68 -2.02 2.09 15.01
CA LEU A 68 -2.33 3.41 14.46
C LEU A 68 -3.11 4.25 15.48
N SER A 69 -3.52 5.44 15.05
CA SER A 69 -4.28 6.34 15.92
C SER A 69 -5.64 6.66 15.32
N PRO A 70 -6.65 6.80 16.19
CA PRO A 70 -8.02 7.10 15.77
C PRO A 70 -8.15 8.53 15.23
N ALA A 71 -9.11 8.73 14.33
CA ALA A 71 -9.33 10.05 13.75
C ALA A 71 -8.05 10.63 13.16
N THR A 72 -7.35 9.82 12.37
CA THR A 72 -6.10 10.25 11.76
C THR A 72 -6.02 9.81 10.30
N THR A 73 -5.49 10.68 9.45
CA THR A 73 -5.37 10.38 8.03
C THR A 73 -4.06 9.64 7.74
N TYR A 74 -4.13 8.66 6.85
CA TYR A 74 -2.95 7.87 6.49
C TYR A 74 -2.89 7.64 4.99
N TYR A 75 -1.73 7.22 4.50
CA TYR A 75 -1.54 6.96 3.08
C TYR A 75 -0.67 5.74 2.86
N CYS A 76 -0.95 5.00 1.79
CA CYS A 76 -0.19 3.80 1.46
C CYS A 76 -0.06 3.63 -0.05
N ARG A 77 1.09 3.11 -0.48
CA ARG A 77 1.35 2.91 -1.89
C ARG A 77 2.17 1.65 -2.12
N VAL A 78 1.78 0.85 -3.12
CA VAL A 78 2.48 -0.39 -3.43
C VAL A 78 3.02 -0.36 -4.85
N GLN A 79 4.11 -1.09 -5.08
CA GLN A 79 4.74 -1.15 -6.40
C GLN A 79 5.25 -2.56 -6.70
N ALA A 80 5.34 -2.89 -7.98
CA ALA A 80 5.82 -4.19 -8.39
C ALA A 80 7.26 -4.12 -8.91
N LEU A 81 8.15 -4.87 -8.28
CA LEU A 81 9.55 -4.88 -8.68
C LEU A 81 9.86 -6.10 -9.55
N SER A 82 10.78 -5.93 -10.49
CA SER A 82 11.16 -7.01 -11.39
C SER A 82 12.68 -7.20 -11.39
N VAL A 83 13.15 -8.10 -12.26
CA VAL A 83 14.58 -8.38 -12.36
C VAL A 83 15.25 -7.47 -13.39
N VAL A 84 14.42 -6.74 -14.14
CA VAL A 84 14.94 -5.82 -15.15
C VAL A 84 14.97 -4.39 -14.64
N GLY A 85 14.15 -4.11 -13.63
CA GLY A 85 14.10 -2.77 -13.06
C GLY A 85 13.06 -2.65 -11.96
N ALA A 86 12.14 -1.70 -12.13
CA ALA A 86 11.09 -1.48 -11.14
C ALA A 86 9.90 -0.74 -11.77
N GLY A 87 8.75 -0.82 -11.11
CA GLY A 87 7.56 -0.15 -11.62
C GLY A 87 7.21 1.08 -10.80
N PRO A 88 6.34 1.92 -11.36
CA PRO A 88 5.89 3.17 -10.70
C PRO A 88 5.01 2.88 -9.50
N PHE A 89 4.79 3.91 -8.67
CA PHE A 89 3.96 3.78 -7.48
C PHE A 89 2.48 3.96 -7.82
N SER A 90 1.65 3.05 -7.34
CA SER A 90 0.22 3.11 -7.59
C SER A 90 -0.38 4.42 -7.08
N GLU A 91 -1.66 4.63 -7.36
CA GLU A 91 -2.34 5.85 -6.93
C GLU A 91 -2.52 5.87 -5.41
N VAL A 92 -1.86 6.82 -4.76
CA VAL A 92 -1.94 6.95 -3.31
C VAL A 92 -3.37 6.79 -2.82
N VAL A 93 -3.59 5.84 -1.92
CA VAL A 93 -4.92 5.60 -1.38
C VAL A 93 -5.03 6.12 0.05
N ALA A 94 -5.71 7.25 0.21
CA ALA A 94 -5.90 7.87 1.52
C ALA A 94 -6.90 7.07 2.35
N CYS A 95 -6.75 7.14 3.67
CA CYS A 95 -7.64 6.44 4.57
C CYS A 95 -7.63 7.08 5.96
N VAL A 96 -8.82 7.34 6.49
CA VAL A 96 -8.95 7.95 7.81
C VAL A 96 -9.59 6.98 8.81
N THR A 97 -8.89 6.78 9.93
CA THR A 97 -9.38 5.88 10.96
C THR A 97 -10.51 6.52 11.76
N PRO A 98 -11.42 5.67 12.28
CA PRO A 98 -12.57 6.13 13.06
C PRO A 98 -12.15 6.67 14.43
N PRO A 99 -12.92 7.63 14.94
CA PRO A 99 -12.65 8.26 16.25
C PRO A 99 -12.91 7.30 17.41
N SER A 100 -12.00 7.30 18.37
CA SER A 100 -12.14 6.43 19.54
C SER A 100 -12.78 7.18 20.70
N SER A 101 -14.04 6.85 20.99
CA SER A 101 -14.78 7.48 22.06
C SER A 101 -16.01 6.66 22.44
N GLY A 102 -16.32 6.63 23.74
CA GLY A 102 -17.47 5.88 24.21
C GLY A 102 -18.68 6.76 24.41
N PRO A 103 -19.88 6.21 24.16
CA PRO A 103 -21.14 6.93 24.31
C PRO A 103 -21.48 7.20 25.77
N SER A 104 -21.43 6.14 26.59
CA SER A 104 -21.73 6.26 28.02
C SER A 104 -21.16 7.56 28.58
N SER A 105 -21.94 8.20 29.46
CA SER A 105 -21.53 9.46 30.07
C SER A 105 -22.45 9.82 31.22
N GLY A 106 -21.88 9.90 32.42
CA GLY A 106 -22.67 10.24 33.60
C GLY A 106 -22.82 9.08 34.56
N GLY A 1 6.49 12.70 -28.47
CA GLY A 1 6.03 11.67 -27.57
C GLY A 1 6.79 10.36 -27.74
N SER A 2 8.10 10.46 -27.76
CA SER A 2 8.95 9.28 -27.93
C SER A 2 9.68 8.94 -26.64
N SER A 3 9.12 8.03 -25.86
CA SER A 3 9.72 7.62 -24.60
C SER A 3 9.60 6.11 -24.41
N GLY A 4 10.75 5.46 -24.20
CA GLY A 4 10.76 4.02 -24.01
C GLY A 4 11.37 3.62 -22.68
N SER A 5 10.52 3.46 -21.68
CA SER A 5 10.98 3.08 -20.34
C SER A 5 11.04 1.56 -20.20
N SER A 6 11.70 1.10 -19.15
CA SER A 6 11.84 -0.33 -18.90
C SER A 6 11.20 -0.71 -17.57
N GLY A 7 10.15 -1.54 -17.63
CA GLY A 7 9.46 -1.96 -16.43
C GLY A 7 8.03 -2.38 -16.70
N PRO A 8 7.38 -2.96 -15.68
CA PRO A 8 5.99 -3.41 -15.78
C PRO A 8 5.00 -2.25 -15.89
N ASP A 9 3.73 -2.58 -16.01
CA ASP A 9 2.68 -1.56 -16.11
C ASP A 9 2.32 -1.01 -14.74
N GLN A 10 1.81 0.22 -14.71
CA GLN A 10 1.43 0.86 -13.46
C GLN A 10 0.65 -0.11 -12.57
N CYS A 11 0.86 -0.01 -11.27
CA CYS A 11 0.17 -0.87 -10.31
C CYS A 11 -1.07 -0.18 -9.75
N LYS A 12 -2.13 -0.95 -9.55
CA LYS A 12 -3.38 -0.42 -9.03
C LYS A 12 -3.27 -0.20 -7.52
N PRO A 13 -4.07 0.75 -7.00
CA PRO A 13 -4.09 1.08 -5.57
C PRO A 13 -4.71 -0.03 -4.73
N PRO A 14 -4.11 -0.33 -3.58
CA PRO A 14 -4.58 -1.36 -2.66
C PRO A 14 -5.90 -0.98 -1.99
N GLN A 15 -6.52 -1.94 -1.31
CA GLN A 15 -7.78 -1.70 -0.62
C GLN A 15 -7.59 -1.74 0.89
N VAL A 16 -7.83 -0.60 1.54
CA VAL A 16 -7.68 -0.50 3.00
C VAL A 16 -8.99 -0.87 3.70
N THR A 17 -8.87 -1.63 4.78
CA THR A 17 -10.03 -2.05 5.56
C THR A 17 -9.85 -1.78 7.04
N CYS A 18 -10.08 -0.53 7.44
CA CYS A 18 -9.93 -0.13 8.84
C CYS A 18 -10.56 -1.18 9.77
N ARG A 19 -9.74 -2.09 10.27
CA ARG A 19 -10.21 -3.13 11.17
C ARG A 19 -10.66 -2.54 12.51
N SER A 20 -9.96 -1.50 12.94
CA SER A 20 -10.28 -0.85 14.21
C SER A 20 -9.70 0.56 14.25
N ALA A 21 -10.03 1.29 15.32
CA ALA A 21 -9.54 2.65 15.48
C ALA A 21 -8.04 2.74 15.20
N THR A 22 -7.30 1.73 15.68
CA THR A 22 -5.85 1.70 15.48
C THR A 22 -5.44 0.43 14.73
N CYS A 23 -6.32 -0.06 13.87
CA CYS A 23 -6.05 -1.26 13.09
C CYS A 23 -6.52 -1.09 11.64
N ALA A 24 -5.69 -1.54 10.70
CA ALA A 24 -6.02 -1.44 9.28
C ALA A 24 -5.30 -2.51 8.48
N GLN A 25 -6.01 -3.09 7.50
CA GLN A 25 -5.43 -4.13 6.66
C GLN A 25 -5.40 -3.69 5.19
N VAL A 26 -4.24 -3.85 4.56
CA VAL A 26 -4.08 -3.47 3.16
C VAL A 26 -4.14 -4.69 2.25
N ASN A 27 -4.50 -4.47 0.99
CA ASN A 27 -4.59 -5.56 0.01
C ASN A 27 -4.33 -5.04 -1.40
N TRP A 28 -3.45 -5.73 -2.11
CA TRP A 28 -3.11 -5.34 -3.47
C TRP A 28 -3.18 -6.54 -4.42
N GLU A 29 -2.86 -6.31 -5.69
CA GLU A 29 -2.90 -7.38 -6.68
C GLU A 29 -1.86 -7.14 -7.78
N VAL A 30 -1.48 -8.20 -8.46
CA VAL A 30 -0.50 -8.11 -9.54
C VAL A 30 -1.12 -7.59 -10.83
N PRO A 31 -0.45 -6.62 -11.46
CA PRO A 31 -0.93 -6.02 -12.71
C PRO A 31 -0.86 -6.99 -13.89
N LEU A 32 -0.96 -6.44 -15.10
CA LEU A 32 -0.90 -7.26 -16.31
C LEU A 32 0.42 -7.06 -17.04
N SER A 33 1.51 -7.52 -16.44
CA SER A 33 2.83 -7.38 -17.03
C SER A 33 3.19 -8.63 -17.83
N ASN A 34 2.73 -8.69 -19.07
CA ASN A 34 3.01 -9.82 -19.94
C ASN A 34 4.48 -9.88 -20.30
N GLY A 35 5.18 -8.78 -20.07
CA GLY A 35 6.61 -8.72 -20.38
C GLY A 35 7.48 -9.01 -19.17
N THR A 36 7.61 -8.02 -18.30
CA THR A 36 8.43 -8.16 -17.10
C THR A 36 7.64 -8.82 -15.98
N ASP A 37 8.31 -9.64 -15.18
CA ASP A 37 7.67 -10.33 -14.07
C ASP A 37 8.12 -9.73 -12.74
N VAL A 38 7.19 -9.68 -11.78
CA VAL A 38 7.48 -9.14 -10.46
C VAL A 38 8.17 -10.17 -9.58
N THR A 39 9.02 -9.69 -8.69
CA THR A 39 9.75 -10.57 -7.78
C THR A 39 9.52 -10.17 -6.32
N GLU A 40 9.24 -8.90 -6.10
CA GLU A 40 9.01 -8.39 -4.76
C GLU A 40 7.99 -7.25 -4.77
N TYR A 41 7.59 -6.81 -3.59
CA TYR A 41 6.62 -5.72 -3.47
C TYR A 41 6.96 -4.81 -2.29
N ARG A 42 7.24 -3.55 -2.58
CA ARG A 42 7.59 -2.58 -1.54
C ARG A 42 6.39 -1.71 -1.21
N LEU A 43 5.76 -1.98 -0.08
CA LEU A 43 4.59 -1.20 0.36
C LEU A 43 4.99 -0.19 1.43
N GLU A 44 4.78 1.09 1.13
CA GLU A 44 5.11 2.15 2.07
C GLU A 44 3.85 2.69 2.73
N TRP A 45 3.94 2.95 4.03
CA TRP A 45 2.81 3.48 4.80
C TRP A 45 3.24 4.63 5.71
N GLY A 46 2.59 5.78 5.55
CA GLY A 46 2.92 6.92 6.37
C GLY A 46 1.75 7.85 6.57
N GLY A 47 1.47 8.19 7.83
CA GLY A 47 0.36 9.07 8.14
C GLY A 47 0.17 10.16 7.09
N VAL A 48 1.28 10.76 6.65
CA VAL A 48 1.24 11.81 5.65
C VAL A 48 1.90 11.36 4.36
N GLU A 49 1.14 11.40 3.26
CA GLU A 49 1.65 11.00 1.96
C GLU A 49 2.98 11.70 1.66
N GLY A 50 3.18 12.86 2.26
CA GLY A 50 4.40 13.61 2.05
C GLY A 50 5.63 12.87 2.52
N SER A 51 5.45 12.04 3.55
CA SER A 51 6.56 11.27 4.10
C SER A 51 6.15 9.82 4.34
N MET A 52 6.71 8.91 3.54
CA MET A 52 6.40 7.49 3.66
C MET A 52 7.67 6.65 3.62
N GLN A 53 7.59 5.43 4.13
CA GLN A 53 8.74 4.52 4.14
C GLN A 53 8.29 3.07 4.05
N ILE A 54 9.23 2.19 3.72
CA ILE A 54 8.93 0.77 3.59
C ILE A 54 8.27 0.23 4.85
N CYS A 55 7.12 -0.41 4.68
CA CYS A 55 6.38 -0.98 5.81
C CYS A 55 6.40 -2.50 5.76
N TYR A 56 6.26 -3.05 4.55
CA TYR A 56 6.25 -4.49 4.36
C TYR A 56 6.98 -4.88 3.07
N CYS A 57 7.68 -6.00 3.11
CA CYS A 57 8.42 -6.48 1.96
C CYS A 57 8.24 -7.99 1.78
N GLY A 58 8.27 -8.44 0.53
CA GLY A 58 8.10 -9.85 0.26
C GLY A 58 7.09 -10.11 -0.84
N PRO A 59 7.03 -11.37 -1.32
CA PRO A 59 6.11 -11.77 -2.39
C PRO A 59 4.66 -11.78 -1.92
N GLY A 60 4.46 -11.58 -0.62
CA GLY A 60 3.12 -11.57 -0.07
C GLY A 60 2.20 -10.60 -0.80
N LEU A 61 0.90 -10.84 -0.70
CA LEU A 61 -0.09 -9.98 -1.35
C LEU A 61 -1.15 -9.52 -0.36
N SER A 62 -0.77 -9.44 0.92
CA SER A 62 -1.69 -9.02 1.96
C SER A 62 -0.96 -8.84 3.29
N TYR A 63 -1.17 -7.68 3.93
CA TYR A 63 -0.53 -7.39 5.20
C TYR A 63 -1.50 -6.67 6.13
N GLU A 64 -1.31 -6.89 7.44
CA GLU A 64 -2.17 -6.27 8.44
C GLU A 64 -1.39 -5.24 9.25
N ILE A 65 -1.75 -3.96 9.08
CA ILE A 65 -1.08 -2.88 9.79
C ILE A 65 -1.83 -2.54 11.08
N LYS A 66 -1.09 -2.47 12.18
CA LYS A 66 -1.67 -2.14 13.48
C LYS A 66 -0.83 -1.10 14.21
N GLY A 67 -1.33 -0.63 15.34
CA GLY A 67 -0.63 0.37 16.11
C GLY A 67 -0.78 1.77 15.55
N LEU A 68 -1.95 2.04 14.97
CA LEU A 68 -2.22 3.35 14.39
C LEU A 68 -2.94 4.25 15.38
N SER A 69 -3.30 5.45 14.94
CA SER A 69 -3.99 6.41 15.78
C SER A 69 -5.34 6.79 15.19
N PRO A 70 -6.35 6.95 16.06
CA PRO A 70 -7.71 7.31 15.64
C PRO A 70 -7.80 8.75 15.12
N ALA A 71 -8.85 9.04 14.38
CA ALA A 71 -9.05 10.37 13.81
C ALA A 71 -7.76 10.92 13.24
N THR A 72 -7.14 10.16 12.34
CA THR A 72 -5.89 10.58 11.72
C THR A 72 -5.81 10.11 10.27
N THR A 73 -5.32 10.99 9.39
CA THR A 73 -5.19 10.66 7.98
C THR A 73 -3.98 9.78 7.72
N TYR A 74 -4.15 8.80 6.83
CA TYR A 74 -3.06 7.88 6.50
C TYR A 74 -3.01 7.64 4.99
N TYR A 75 -1.86 7.14 4.53
CA TYR A 75 -1.67 6.87 3.10
C TYR A 75 -0.86 5.60 2.90
N CYS A 76 -0.94 5.03 1.71
CA CYS A 76 -0.22 3.81 1.38
C CYS A 76 -0.07 3.65 -0.13
N ARG A 77 1.07 3.12 -0.56
CA ARG A 77 1.32 2.91 -1.98
C ARG A 77 2.12 1.63 -2.20
N VAL A 78 1.65 0.80 -3.13
CA VAL A 78 2.31 -0.46 -3.45
C VAL A 78 3.00 -0.40 -4.79
N GLN A 79 4.21 -0.94 -4.86
CA GLN A 79 4.98 -0.94 -6.11
C GLN A 79 5.41 -2.36 -6.48
N ALA A 80 5.63 -2.58 -7.78
CA ALA A 80 6.05 -3.89 -8.25
C ALA A 80 7.52 -3.89 -8.64
N LEU A 81 8.29 -4.77 -8.01
CA LEU A 81 9.72 -4.87 -8.28
C LEU A 81 10.01 -5.95 -9.33
N SER A 82 10.83 -5.60 -10.31
CA SER A 82 11.18 -6.55 -11.37
C SER A 82 12.69 -6.76 -11.44
N VAL A 83 13.13 -7.52 -12.44
CA VAL A 83 14.55 -7.80 -12.61
C VAL A 83 15.23 -6.73 -13.48
N VAL A 84 14.41 -6.00 -14.24
CA VAL A 84 14.92 -4.96 -15.12
C VAL A 84 14.83 -3.59 -14.45
N GLY A 85 14.20 -3.55 -13.29
CA GLY A 85 14.05 -2.30 -12.56
C GLY A 85 12.66 -2.13 -11.98
N ALA A 86 12.59 -1.64 -10.75
CA ALA A 86 11.33 -1.43 -10.07
C ALA A 86 10.39 -0.59 -10.93
N GLY A 87 9.09 -0.64 -10.61
CA GLY A 87 8.11 0.13 -11.36
C GLY A 87 7.58 1.31 -10.58
N PRO A 88 6.61 2.03 -11.18
CA PRO A 88 6.00 3.21 -10.55
C PRO A 88 5.13 2.84 -9.36
N PHE A 89 4.63 3.85 -8.66
CA PHE A 89 3.78 3.64 -7.49
C PHE A 89 2.32 3.87 -7.84
N SER A 90 1.44 2.98 -7.36
CA SER A 90 0.02 3.09 -7.63
C SER A 90 -0.54 4.43 -7.15
N GLU A 91 -1.84 4.62 -7.29
CA GLU A 91 -2.48 5.86 -6.86
C GLU A 91 -2.64 5.91 -5.35
N VAL A 92 -1.98 6.86 -4.72
CA VAL A 92 -2.05 7.02 -3.26
C VAL A 92 -3.48 6.83 -2.77
N VAL A 93 -3.64 5.96 -1.77
CA VAL A 93 -4.96 5.69 -1.20
C VAL A 93 -5.07 6.28 0.20
N ALA A 94 -5.78 7.40 0.31
CA ALA A 94 -5.97 8.06 1.60
C ALA A 94 -7.02 7.34 2.44
N CYS A 95 -6.84 7.37 3.76
CA CYS A 95 -7.77 6.71 4.66
C CYS A 95 -7.67 7.30 6.07
N VAL A 96 -8.80 7.71 6.62
CA VAL A 96 -8.84 8.30 7.96
C VAL A 96 -9.50 7.34 8.95
N THR A 97 -8.75 6.96 9.97
CA THR A 97 -9.25 6.06 11.00
C THR A 97 -10.30 6.75 11.87
N PRO A 98 -11.26 5.95 12.37
CA PRO A 98 -12.34 6.47 13.22
C PRO A 98 -11.84 6.89 14.59
N PRO A 99 -12.52 7.87 15.20
CA PRO A 99 -12.16 8.39 16.53
C PRO A 99 -12.44 7.38 17.64
N SER A 100 -11.50 7.27 18.57
CA SER A 100 -11.64 6.34 19.68
C SER A 100 -11.84 7.08 21.00
N SER A 101 -13.09 7.15 21.45
CA SER A 101 -13.42 7.85 22.70
C SER A 101 -14.78 7.40 23.22
N GLY A 102 -15.02 7.66 24.49
CA GLY A 102 -16.29 7.28 25.10
C GLY A 102 -16.11 6.63 26.47
N PRO A 103 -17.10 6.83 27.35
CA PRO A 103 -17.06 6.27 28.70
C PRO A 103 -17.23 4.75 28.71
N SER A 104 -16.39 4.08 29.49
CA SER A 104 -16.43 2.62 29.59
C SER A 104 -17.66 2.16 30.39
N SER A 105 -17.92 2.85 31.50
CA SER A 105 -19.05 2.51 32.35
C SER A 105 -20.30 2.22 31.52
N GLY A 106 -21.14 1.33 32.02
CA GLY A 106 -22.35 0.98 31.31
C GLY A 106 -23.40 0.37 32.21
N GLY A 1 9.18 9.80 -29.81
CA GLY A 1 8.34 9.69 -28.65
C GLY A 1 8.24 8.27 -28.13
N SER A 2 9.31 7.79 -27.52
CA SER A 2 9.34 6.43 -26.98
C SER A 2 10.53 6.24 -26.04
N SER A 3 10.43 5.25 -25.16
CA SER A 3 11.50 4.98 -24.21
C SER A 3 12.05 3.57 -24.42
N GLY A 4 13.29 3.36 -23.97
CA GLY A 4 13.92 2.06 -24.12
C GLY A 4 14.16 1.38 -22.78
N SER A 5 13.09 1.05 -22.09
CA SER A 5 13.20 0.40 -20.78
C SER A 5 12.18 -0.75 -20.66
N SER A 6 12.52 -1.73 -19.82
CA SER A 6 11.63 -2.88 -19.62
C SER A 6 11.03 -2.85 -18.22
N GLY A 7 9.77 -3.26 -18.12
CA GLY A 7 9.09 -3.28 -16.85
C GLY A 7 7.61 -3.60 -16.97
N PRO A 8 7.00 -4.06 -15.87
CA PRO A 8 5.58 -4.41 -15.84
C PRO A 8 4.68 -3.18 -15.94
N ASP A 9 3.37 -3.41 -15.90
CA ASP A 9 2.40 -2.33 -15.99
C ASP A 9 2.16 -1.71 -14.61
N GLN A 10 1.65 -0.49 -14.60
CA GLN A 10 1.36 0.21 -13.35
C GLN A 10 0.63 -0.71 -12.36
N CYS A 11 0.71 -0.37 -11.09
CA CYS A 11 0.07 -1.16 -10.05
C CYS A 11 -1.22 -0.50 -9.59
N LYS A 12 -2.29 -1.29 -9.47
CA LYS A 12 -3.59 -0.79 -9.05
C LYS A 12 -3.58 -0.46 -7.55
N PRO A 13 -4.43 0.49 -7.15
CA PRO A 13 -4.54 0.92 -5.76
C PRO A 13 -5.16 -0.15 -4.87
N PRO A 14 -4.51 -0.44 -3.73
CA PRO A 14 -4.97 -1.45 -2.78
C PRO A 14 -6.23 -1.01 -2.05
N GLN A 15 -6.96 -1.97 -1.49
CA GLN A 15 -8.19 -1.68 -0.75
C GLN A 15 -7.95 -1.76 0.75
N VAL A 16 -8.02 -0.61 1.41
CA VAL A 16 -7.82 -0.55 2.85
C VAL A 16 -9.09 -0.93 3.60
N THR A 17 -8.93 -1.64 4.71
CA THR A 17 -10.07 -2.05 5.51
C THR A 17 -9.82 -1.78 7.00
N CYS A 18 -10.28 -0.62 7.46
CA CYS A 18 -10.11 -0.24 8.85
C CYS A 18 -10.69 -1.30 9.79
N ARG A 19 -9.82 -2.10 10.39
CA ARG A 19 -10.25 -3.15 11.30
C ARG A 19 -10.77 -2.56 12.61
N SER A 20 -10.11 -1.52 13.09
CA SER A 20 -10.49 -0.87 14.33
C SER A 20 -9.92 0.54 14.41
N ALA A 21 -10.17 1.21 15.54
CA ALA A 21 -9.66 2.57 15.73
C ALA A 21 -8.16 2.64 15.49
N THR A 22 -7.43 1.65 16.00
CA THR A 22 -5.99 1.61 15.84
C THR A 22 -5.56 0.38 15.05
N CYS A 23 -6.37 -0.01 14.07
CA CYS A 23 -6.09 -1.16 13.23
C CYS A 23 -6.43 -0.88 11.77
N ALA A 24 -5.70 -1.52 10.86
CA ALA A 24 -5.93 -1.34 9.43
C ALA A 24 -5.39 -2.52 8.64
N GLN A 25 -5.94 -2.75 7.45
CA GLN A 25 -5.52 -3.85 6.60
C GLN A 25 -5.41 -3.39 5.15
N VAL A 26 -4.32 -3.80 4.48
CA VAL A 26 -4.10 -3.44 3.10
C VAL A 26 -4.14 -4.67 2.19
N ASN A 27 -4.68 -4.50 0.99
CA ASN A 27 -4.77 -5.59 0.04
C ASN A 27 -4.48 -5.10 -1.38
N TRP A 28 -3.76 -5.91 -2.14
CA TRP A 28 -3.41 -5.56 -3.52
C TRP A 28 -3.34 -6.81 -4.39
N GLU A 29 -3.00 -6.61 -5.67
CA GLU A 29 -2.90 -7.72 -6.60
C GLU A 29 -1.78 -7.47 -7.62
N VAL A 30 -1.49 -8.49 -8.43
CA VAL A 30 -0.45 -8.39 -9.44
C VAL A 30 -1.04 -8.05 -10.80
N PRO A 31 -0.38 -7.13 -11.53
CA PRO A 31 -0.82 -6.70 -12.86
C PRO A 31 -0.63 -7.80 -13.91
N LEU A 32 -0.82 -7.43 -15.17
CA LEU A 32 -0.66 -8.37 -16.27
C LEU A 32 0.74 -8.30 -16.87
N SER A 33 1.68 -9.02 -16.26
CA SER A 33 3.06 -9.03 -16.73
C SER A 33 3.31 -10.24 -17.64
N ASN A 34 3.56 -9.96 -18.91
CA ASN A 34 3.82 -11.02 -19.89
C ASN A 34 5.32 -11.18 -20.13
N GLY A 35 5.91 -12.18 -19.49
CA GLY A 35 7.33 -12.43 -19.65
C GLY A 35 8.04 -12.61 -18.31
N THR A 36 8.05 -11.55 -17.51
CA THR A 36 8.70 -11.61 -16.20
C THR A 36 7.68 -11.50 -15.07
N ASP A 37 8.02 -12.09 -13.93
CA ASP A 37 7.13 -12.06 -12.78
C ASP A 37 7.66 -11.11 -11.70
N VAL A 38 6.76 -10.59 -10.88
CA VAL A 38 7.13 -9.66 -9.82
C VAL A 38 7.98 -10.35 -8.76
N THR A 39 9.21 -9.88 -8.59
CA THR A 39 10.13 -10.46 -7.61
C THR A 39 9.61 -10.25 -6.20
N GLU A 40 9.34 -9.00 -5.84
CA GLU A 40 8.84 -8.67 -4.51
C GLU A 40 7.91 -7.46 -4.56
N TYR A 41 7.42 -7.05 -3.40
CA TYR A 41 6.51 -5.91 -3.31
C TYR A 41 6.85 -5.05 -2.10
N ARG A 42 7.17 -3.78 -2.37
CA ARG A 42 7.50 -2.84 -1.30
C ARG A 42 6.34 -1.90 -1.02
N LEU A 43 5.74 -2.05 0.15
CA LEU A 43 4.62 -1.20 0.55
C LEU A 43 5.08 -0.07 1.47
N GLU A 44 4.83 1.17 1.05
CA GLU A 44 5.21 2.33 1.84
C GLU A 44 4.00 2.91 2.58
N TRP A 45 4.07 2.89 3.90
CA TRP A 45 2.98 3.41 4.73
C TRP A 45 3.53 4.23 5.88
N GLY A 46 2.94 5.41 6.11
CA GLY A 46 3.37 6.26 7.19
C GLY A 46 2.24 7.04 7.81
N GLY A 47 1.69 7.99 7.07
CA GLY A 47 0.60 8.80 7.58
C GLY A 47 0.28 9.98 6.69
N VAL A 48 1.32 10.64 6.19
CA VAL A 48 1.14 11.79 5.32
C VAL A 48 1.75 11.54 3.94
N GLU A 49 0.93 11.62 2.91
CA GLU A 49 1.38 11.40 1.54
C GLU A 49 2.71 12.12 1.29
N GLY A 50 2.92 13.23 2.00
CA GLY A 50 4.14 13.99 1.85
C GLY A 50 5.36 13.22 2.29
N SER A 51 5.22 12.47 3.38
CA SER A 51 6.33 11.68 3.92
C SER A 51 5.88 10.27 4.26
N MET A 52 6.56 9.28 3.68
CA MET A 52 6.23 7.88 3.92
C MET A 52 7.49 7.03 3.95
N GLN A 53 7.34 5.76 4.35
CA GLN A 53 8.46 4.84 4.43
C GLN A 53 8.01 3.41 4.19
N ILE A 54 8.96 2.53 3.90
CA ILE A 54 8.66 1.12 3.65
C ILE A 54 8.17 0.43 4.92
N CYS A 55 6.88 0.15 4.96
CA CYS A 55 6.28 -0.51 6.12
C CYS A 55 6.49 -2.03 6.05
N TYR A 56 6.27 -2.60 4.87
CA TYR A 56 6.43 -4.02 4.67
C TYR A 56 7.02 -4.33 3.30
N CYS A 57 7.83 -5.38 3.23
CA CYS A 57 8.46 -5.77 1.96
C CYS A 57 8.40 -7.29 1.78
N GLY A 58 8.07 -7.71 0.57
CA GLY A 58 7.99 -9.13 0.28
C GLY A 58 7.04 -9.44 -0.86
N PRO A 59 7.09 -10.68 -1.36
CA PRO A 59 6.23 -11.13 -2.47
C PRO A 59 4.77 -11.25 -2.05
N GLY A 60 4.52 -11.10 -0.76
CA GLY A 60 3.15 -11.20 -0.26
C GLY A 60 2.18 -10.35 -1.06
N LEU A 61 0.89 -10.59 -0.85
CA LEU A 61 -0.15 -9.85 -1.56
C LEU A 61 -1.09 -9.15 -0.58
N SER A 62 -1.02 -9.56 0.68
CA SER A 62 -1.88 -8.98 1.72
C SER A 62 -1.08 -8.74 3.00
N TYR A 63 -1.27 -7.58 3.61
CA TYR A 63 -0.57 -7.23 4.84
C TYR A 63 -1.51 -6.54 5.82
N GLU A 64 -1.24 -6.72 7.11
CA GLU A 64 -2.06 -6.11 8.15
C GLU A 64 -1.26 -5.10 8.95
N ILE A 65 -1.84 -3.91 9.15
CA ILE A 65 -1.17 -2.85 9.90
C ILE A 65 -1.90 -2.57 11.20
N LYS A 66 -1.15 -2.37 12.28
CA LYS A 66 -1.72 -2.10 13.59
C LYS A 66 -0.92 -1.01 14.31
N GLY A 67 -1.40 -0.62 15.49
CA GLY A 67 -0.72 0.40 16.25
C GLY A 67 -0.90 1.79 15.67
N LEU A 68 -2.11 2.09 15.23
CA LEU A 68 -2.41 3.38 14.64
C LEU A 68 -3.20 4.26 15.61
N SER A 69 -3.51 5.48 15.19
CA SER A 69 -4.26 6.41 16.03
C SER A 69 -5.60 6.75 15.39
N PRO A 70 -6.64 6.90 16.24
CA PRO A 70 -7.99 7.21 15.78
C PRO A 70 -8.10 8.64 15.25
N ALA A 71 -9.06 8.87 14.35
CA ALA A 71 -9.28 10.18 13.78
C ALA A 71 -7.98 10.74 13.19
N THR A 72 -7.35 9.95 12.31
CA THR A 72 -6.10 10.37 11.68
C THR A 72 -6.04 9.89 10.24
N THR A 73 -5.45 10.71 9.37
CA THR A 73 -5.33 10.37 7.96
C THR A 73 -4.07 9.55 7.70
N TYR A 74 -4.13 8.70 6.69
CA TYR A 74 -3.01 7.84 6.33
C TYR A 74 -2.89 7.67 4.82
N TYR A 75 -1.76 7.14 4.37
CA TYR A 75 -1.53 6.94 2.95
C TYR A 75 -0.61 5.74 2.72
N CYS A 76 -0.81 5.06 1.59
CA CYS A 76 -0.02 3.89 1.25
C CYS A 76 0.18 3.78 -0.26
N ARG A 77 1.22 3.07 -0.66
CA ARG A 77 1.52 2.89 -2.09
C ARG A 77 2.26 1.59 -2.32
N VAL A 78 1.75 0.78 -3.25
CA VAL A 78 2.36 -0.50 -3.58
C VAL A 78 2.84 -0.53 -5.02
N GLN A 79 3.97 -1.19 -5.26
CA GLN A 79 4.53 -1.29 -6.60
C GLN A 79 5.07 -2.69 -6.86
N ALA A 80 5.31 -3.00 -8.13
CA ALA A 80 5.83 -4.31 -8.51
C ALA A 80 7.30 -4.22 -8.92
N LEU A 81 8.13 -5.06 -8.33
CA LEU A 81 9.56 -5.07 -8.64
C LEU A 81 9.90 -6.21 -9.59
N SER A 82 10.95 -6.02 -10.38
CA SER A 82 11.39 -7.03 -11.34
C SER A 82 12.90 -7.13 -11.37
N VAL A 83 13.41 -8.03 -12.21
CA VAL A 83 14.85 -8.23 -12.34
C VAL A 83 15.44 -7.36 -13.45
N VAL A 84 14.58 -6.55 -14.07
CA VAL A 84 15.01 -5.66 -15.13
C VAL A 84 14.69 -4.21 -14.82
N GLY A 85 14.07 -3.98 -13.65
CA GLY A 85 13.73 -2.64 -13.24
C GLY A 85 12.71 -2.63 -12.11
N ALA A 86 12.07 -1.48 -11.90
CA ALA A 86 11.08 -1.34 -10.85
C ALA A 86 9.87 -0.56 -11.34
N GLY A 87 8.69 -1.18 -11.26
CA GLY A 87 7.47 -0.53 -11.70
C GLY A 87 7.15 0.71 -10.89
N PRO A 88 6.24 1.55 -11.42
CA PRO A 88 5.83 2.77 -10.75
C PRO A 88 4.99 2.51 -9.50
N PHE A 89 4.61 3.58 -8.82
CA PHE A 89 3.81 3.45 -7.60
C PHE A 89 2.32 3.65 -7.90
N SER A 90 1.51 2.71 -7.43
CA SER A 90 0.06 2.77 -7.64
C SER A 90 -0.52 4.08 -7.13
N GLU A 91 -1.82 4.25 -7.31
CA GLU A 91 -2.49 5.46 -6.85
C GLU A 91 -2.60 5.50 -5.33
N VAL A 92 -1.97 6.50 -4.72
CA VAL A 92 -1.99 6.65 -3.27
C VAL A 92 -3.41 6.50 -2.71
N VAL A 93 -3.62 5.49 -1.89
CA VAL A 93 -4.93 5.24 -1.29
C VAL A 93 -5.03 5.88 0.08
N ALA A 94 -5.73 7.01 0.16
CA ALA A 94 -5.91 7.73 1.41
C ALA A 94 -7.04 7.12 2.23
N CYS A 95 -6.93 7.21 3.55
CA CYS A 95 -7.95 6.68 4.44
C CYS A 95 -7.84 7.28 5.83
N VAL A 96 -8.98 7.61 6.43
CA VAL A 96 -9.01 8.19 7.77
C VAL A 96 -9.59 7.22 8.79
N THR A 97 -8.86 7.00 9.87
CA THR A 97 -9.31 6.10 10.92
C THR A 97 -10.46 6.69 11.72
N PRO A 98 -11.34 5.83 12.23
CA PRO A 98 -12.50 6.25 13.02
C PRO A 98 -12.11 6.81 14.39
N PRO A 99 -12.89 7.79 14.86
CA PRO A 99 -12.65 8.43 16.16
C PRO A 99 -12.91 7.50 17.33
N SER A 100 -12.02 7.52 18.32
CA SER A 100 -12.17 6.67 19.50
C SER A 100 -12.72 7.45 20.68
N SER A 101 -13.73 6.89 21.34
CA SER A 101 -14.37 7.54 22.47
C SER A 101 -14.19 6.72 23.75
N GLY A 102 -14.56 5.44 23.67
CA GLY A 102 -14.44 4.56 24.82
C GLY A 102 -15.11 3.22 24.60
N PRO A 103 -15.52 2.57 25.69
CA PRO A 103 -16.18 1.27 25.65
C PRO A 103 -17.57 1.35 25.04
N SER A 104 -17.96 2.54 24.61
CA SER A 104 -19.28 2.75 24.01
C SER A 104 -19.39 2.03 22.67
N SER A 105 -20.59 1.51 22.39
CA SER A 105 -20.82 0.79 21.15
C SER A 105 -22.31 0.81 20.78
N GLY A 106 -22.64 1.54 19.72
CA GLY A 106 -24.02 1.62 19.28
C GLY A 106 -24.43 0.47 18.39
N GLY A 1 10.52 -1.30 -30.88
CA GLY A 1 9.62 -1.23 -29.74
C GLY A 1 10.10 -0.25 -28.68
N SER A 2 9.36 -0.15 -27.58
CA SER A 2 9.71 0.76 -26.50
C SER A 2 11.15 0.54 -26.05
N SER A 3 11.96 1.59 -26.12
CA SER A 3 13.36 1.50 -25.73
C SER A 3 13.62 2.37 -24.49
N GLY A 4 14.79 2.18 -23.89
CA GLY A 4 15.15 2.95 -22.71
C GLY A 4 14.94 2.16 -21.43
N SER A 5 13.80 2.38 -20.78
CA SER A 5 13.49 1.69 -19.53
C SER A 5 12.57 0.51 -19.79
N SER A 6 12.67 -0.50 -18.92
CA SER A 6 11.84 -1.70 -19.06
C SER A 6 11.21 -2.07 -17.71
N GLY A 7 10.03 -2.70 -17.78
CA GLY A 7 9.36 -3.10 -16.57
C GLY A 7 7.87 -3.34 -16.79
N PRO A 8 7.19 -3.83 -15.74
CA PRO A 8 5.74 -4.11 -15.80
C PRO A 8 4.91 -2.84 -15.90
N ASP A 9 3.59 -3.00 -15.96
CA ASP A 9 2.68 -1.87 -16.04
C ASP A 9 2.39 -1.30 -14.65
N GLN A 10 1.99 -0.03 -14.61
CA GLN A 10 1.69 0.63 -13.35
C GLN A 10 0.89 -0.28 -12.44
N CYS A 11 1.13 -0.17 -11.13
CA CYS A 11 0.42 -0.99 -10.15
C CYS A 11 -0.90 -0.33 -9.75
N LYS A 12 -1.90 -1.16 -9.48
CA LYS A 12 -3.21 -0.67 -9.08
C LYS A 12 -3.27 -0.41 -7.58
N PRO A 13 -4.13 0.54 -7.17
CA PRO A 13 -4.29 0.89 -5.76
C PRO A 13 -4.98 -0.21 -4.96
N PRO A 14 -4.37 -0.60 -3.83
CA PRO A 14 -4.89 -1.64 -2.96
C PRO A 14 -6.16 -1.21 -2.23
N GLN A 15 -6.77 -2.14 -1.49
CA GLN A 15 -7.99 -1.84 -0.75
C GLN A 15 -7.70 -1.75 0.75
N VAL A 16 -7.93 -0.57 1.32
CA VAL A 16 -7.69 -0.35 2.74
C VAL A 16 -8.97 -0.60 3.54
N THR A 17 -8.80 -1.13 4.75
CA THR A 17 -9.94 -1.42 5.62
C THR A 17 -9.59 -1.10 7.08
N CYS A 18 -10.32 -0.13 7.64
CA CYS A 18 -10.09 0.28 9.02
C CYS A 18 -10.59 -0.80 9.99
N ARG A 19 -9.79 -1.84 10.18
CA ARG A 19 -10.15 -2.93 11.08
C ARG A 19 -10.68 -2.40 12.40
N SER A 20 -10.03 -1.36 12.92
CA SER A 20 -10.44 -0.76 14.19
C SER A 20 -9.81 0.63 14.35
N ALA A 21 -10.03 1.23 15.52
CA ALA A 21 -9.49 2.55 15.80
C ALA A 21 -7.99 2.61 15.53
N THR A 22 -7.27 1.62 16.04
CA THR A 22 -5.82 1.55 15.85
C THR A 22 -5.43 0.32 15.05
N CYS A 23 -6.29 -0.07 14.12
CA CYS A 23 -6.04 -1.24 13.27
C CYS A 23 -6.49 -0.98 11.85
N ALA A 24 -5.70 -1.47 10.89
CA ALA A 24 -6.02 -1.29 9.47
C ALA A 24 -5.50 -2.46 8.64
N GLN A 25 -6.09 -2.65 7.47
CA GLN A 25 -5.68 -3.73 6.57
C GLN A 25 -5.51 -3.23 5.15
N VAL A 26 -4.59 -3.86 4.42
CA VAL A 26 -4.32 -3.47 3.03
C VAL A 26 -4.32 -4.70 2.12
N ASN A 27 -4.69 -4.49 0.86
CA ASN A 27 -4.73 -5.58 -0.11
C ASN A 27 -4.43 -5.05 -1.52
N TRP A 28 -3.33 -5.51 -2.09
CA TRP A 28 -2.93 -5.09 -3.43
C TRP A 28 -3.06 -6.24 -4.42
N GLU A 29 -2.69 -5.98 -5.67
CA GLU A 29 -2.76 -7.00 -6.71
C GLU A 29 -1.68 -6.77 -7.77
N VAL A 30 -1.35 -7.83 -8.51
CA VAL A 30 -0.33 -7.74 -9.54
C VAL A 30 -0.93 -7.23 -10.85
N PRO A 31 -0.19 -6.34 -11.53
CA PRO A 31 -0.62 -5.76 -12.80
C PRO A 31 -0.62 -6.78 -13.93
N LEU A 32 -1.03 -6.33 -15.12
CA LEU A 32 -1.06 -7.21 -16.29
C LEU A 32 0.30 -7.26 -16.98
N SER A 33 1.25 -7.95 -16.35
CA SER A 33 2.59 -8.07 -16.90
C SER A 33 2.83 -9.47 -17.45
N ASN A 34 2.75 -9.61 -18.77
CA ASN A 34 2.96 -10.89 -19.43
C ASN A 34 4.42 -11.06 -19.86
N GLY A 35 5.33 -10.70 -18.97
CA GLY A 35 6.75 -10.81 -19.28
C GLY A 35 7.59 -11.08 -18.05
N THR A 36 8.06 -10.03 -17.41
CA THR A 36 8.88 -10.17 -16.20
C THR A 36 8.02 -10.40 -14.97
N ASP A 37 8.52 -11.22 -14.05
CA ASP A 37 7.80 -11.52 -12.82
C ASP A 37 8.25 -10.60 -11.69
N VAL A 38 7.29 -10.13 -10.91
CA VAL A 38 7.58 -9.25 -9.78
C VAL A 38 8.48 -9.93 -8.76
N THR A 39 9.69 -9.41 -8.59
CA THR A 39 10.64 -9.98 -7.63
C THR A 39 10.15 -9.81 -6.20
N GLU A 40 9.81 -8.57 -5.84
CA GLU A 40 9.32 -8.28 -4.50
C GLU A 40 8.38 -7.08 -4.51
N TYR A 41 7.57 -6.96 -3.46
CA TYR A 41 6.61 -5.87 -3.35
C TYR A 41 6.95 -4.97 -2.16
N ARG A 42 7.20 -3.70 -2.45
CA ARG A 42 7.53 -2.74 -1.40
C ARG A 42 6.35 -1.81 -1.11
N LEU A 43 5.72 -2.00 0.05
CA LEU A 43 4.58 -1.18 0.43
C LEU A 43 4.97 -0.19 1.53
N GLU A 44 4.87 1.10 1.20
CA GLU A 44 5.21 2.15 2.16
C GLU A 44 3.96 2.74 2.79
N TRP A 45 3.94 2.81 4.11
CA TRP A 45 2.80 3.36 4.84
C TRP A 45 3.23 4.51 5.74
N GLY A 46 2.65 5.69 5.50
CA GLY A 46 2.98 6.85 6.29
C GLY A 46 1.78 7.71 6.59
N GLY A 47 1.63 8.10 7.86
CA GLY A 47 0.51 8.92 8.25
C GLY A 47 0.19 10.00 7.23
N VAL A 48 1.23 10.63 6.69
CA VAL A 48 1.06 11.68 5.70
C VAL A 48 1.71 11.30 4.37
N GLU A 49 0.91 11.31 3.31
CA GLU A 49 1.41 10.95 1.98
C GLU A 49 2.71 11.68 1.68
N GLY A 50 2.86 12.88 2.26
CA GLY A 50 4.06 13.66 2.04
C GLY A 50 5.32 12.91 2.41
N SER A 51 5.24 12.14 3.49
CA SER A 51 6.39 11.37 3.96
C SER A 51 5.99 9.93 4.25
N MET A 52 6.61 9.00 3.54
CA MET A 52 6.32 7.57 3.72
C MET A 52 7.61 6.75 3.65
N GLN A 53 7.56 5.55 4.23
CA GLN A 53 8.72 4.67 4.24
C GLN A 53 8.28 3.21 4.11
N ILE A 54 9.24 2.34 3.78
CA ILE A 54 8.96 0.92 3.63
C ILE A 54 8.36 0.34 4.90
N CYS A 55 7.34 -0.50 4.75
CA CYS A 55 6.68 -1.12 5.88
C CYS A 55 6.63 -2.64 5.72
N TYR A 56 6.43 -3.09 4.48
CA TYR A 56 6.36 -4.51 4.19
C TYR A 56 7.06 -4.83 2.88
N CYS A 57 7.81 -5.94 2.88
CA CYS A 57 8.54 -6.36 1.69
C CYS A 57 8.41 -7.86 1.47
N GLY A 58 7.93 -8.25 0.30
CA GLY A 58 7.76 -9.65 -0.01
C GLY A 58 6.74 -9.89 -1.10
N PRO A 59 6.67 -11.14 -1.60
CA PRO A 59 5.74 -11.53 -2.66
C PRO A 59 4.29 -11.55 -2.17
N GLY A 60 4.12 -11.60 -0.86
CA GLY A 60 2.78 -11.63 -0.30
C GLY A 60 1.86 -10.62 -0.94
N LEU A 61 0.55 -10.81 -0.79
CA LEU A 61 -0.44 -9.91 -1.36
C LEU A 61 -1.44 -9.46 -0.31
N SER A 62 -1.04 -9.53 0.96
CA SER A 62 -1.89 -9.13 2.06
C SER A 62 -1.08 -8.86 3.32
N TYR A 63 -1.33 -7.72 3.95
CA TYR A 63 -0.61 -7.34 5.16
C TYR A 63 -1.53 -6.60 6.13
N GLU A 64 -1.42 -6.95 7.42
CA GLU A 64 -2.25 -6.32 8.44
C GLU A 64 -1.43 -5.30 9.24
N ILE A 65 -1.87 -4.05 9.22
CA ILE A 65 -1.20 -2.99 9.95
C ILE A 65 -1.87 -2.70 11.28
N LYS A 66 -1.06 -2.41 12.30
CA LYS A 66 -1.59 -2.12 13.62
C LYS A 66 -0.75 -1.05 14.32
N GLY A 67 -1.19 -0.63 15.50
CA GLY A 67 -0.47 0.38 16.25
C GLY A 67 -0.67 1.78 15.69
N LEU A 68 -1.87 2.03 15.16
CA LEU A 68 -2.18 3.33 14.58
C LEU A 68 -3.00 4.18 15.56
N SER A 69 -3.24 5.43 15.19
CA SER A 69 -4.00 6.34 16.04
C SER A 69 -5.40 6.57 15.46
N PRO A 70 -6.39 6.70 16.36
CA PRO A 70 -7.79 6.92 15.97
C PRO A 70 -8.00 8.31 15.38
N ALA A 71 -9.02 8.43 14.53
CA ALA A 71 -9.33 9.70 13.88
C ALA A 71 -8.08 10.35 13.30
N THR A 72 -7.35 9.60 12.49
CA THR A 72 -6.13 10.09 11.87
C THR A 72 -6.03 9.65 10.42
N THR A 73 -5.56 10.54 9.56
CA THR A 73 -5.41 10.24 8.14
C THR A 73 -4.17 9.39 7.89
N TYR A 74 -4.25 8.52 6.89
CA TYR A 74 -3.12 7.64 6.55
C TYR A 74 -3.05 7.42 5.04
N TYR A 75 -1.88 7.01 4.56
CA TYR A 75 -1.67 6.77 3.15
C TYR A 75 -0.79 5.54 2.93
N CYS A 76 -1.04 4.83 1.84
CA CYS A 76 -0.26 3.63 1.52
C CYS A 76 -0.12 3.47 0.00
N ARG A 77 1.05 3.01 -0.42
CA ARG A 77 1.32 2.80 -1.84
C ARG A 77 2.09 1.51 -2.08
N VAL A 78 1.75 0.80 -3.15
CA VAL A 78 2.41 -0.45 -3.48
C VAL A 78 2.92 -0.44 -4.92
N GLN A 79 4.06 -1.08 -5.15
CA GLN A 79 4.64 -1.14 -6.48
C GLN A 79 5.25 -2.51 -6.74
N ALA A 80 5.53 -2.80 -8.02
CA ALA A 80 6.10 -4.08 -8.40
C ALA A 80 7.55 -3.92 -8.84
N LEU A 81 8.45 -4.64 -8.17
CA LEU A 81 9.88 -4.57 -8.48
C LEU A 81 10.28 -5.70 -9.41
N SER A 82 11.18 -5.41 -10.35
CA SER A 82 11.65 -6.42 -11.30
C SER A 82 13.17 -6.47 -11.33
N VAL A 83 13.71 -7.27 -12.24
CA VAL A 83 15.16 -7.41 -12.37
C VAL A 83 15.71 -6.45 -13.42
N VAL A 84 14.80 -5.76 -14.11
CA VAL A 84 15.20 -4.80 -15.14
C VAL A 84 14.80 -3.38 -14.77
N GLY A 85 14.07 -3.26 -13.66
CA GLY A 85 13.64 -1.94 -13.20
C GLY A 85 12.63 -2.03 -12.07
N ALA A 86 12.05 -0.89 -11.73
CA ALA A 86 11.05 -0.84 -10.65
C ALA A 86 9.79 -0.11 -11.11
N GLY A 87 8.66 -0.79 -10.99
CA GLY A 87 7.39 -0.18 -11.39
C GLY A 87 7.01 0.99 -10.52
N PRO A 88 6.23 1.93 -11.09
CA PRO A 88 5.79 3.13 -10.36
C PRO A 88 4.76 2.80 -9.28
N PHE A 89 4.81 3.54 -8.19
CA PHE A 89 3.89 3.33 -7.07
C PHE A 89 2.45 3.53 -7.52
N SER A 90 1.57 2.62 -7.10
CA SER A 90 0.16 2.70 -7.46
C SER A 90 -0.47 3.99 -6.95
N GLU A 91 -1.74 4.21 -7.30
CA GLU A 91 -2.45 5.40 -6.87
C GLU A 91 -2.57 5.46 -5.35
N VAL A 92 -1.89 6.43 -4.75
CA VAL A 92 -1.93 6.59 -3.30
C VAL A 92 -3.34 6.44 -2.76
N VAL A 93 -3.53 5.49 -1.85
CA VAL A 93 -4.84 5.25 -1.25
C VAL A 93 -4.93 5.87 0.14
N ALA A 94 -5.60 7.02 0.22
CA ALA A 94 -5.77 7.72 1.48
C ALA A 94 -6.92 7.13 2.29
N CYS A 95 -6.77 7.12 3.61
CA CYS A 95 -7.80 6.58 4.49
C CYS A 95 -7.80 7.31 5.84
N VAL A 96 -8.92 7.24 6.55
CA VAL A 96 -9.05 7.88 7.85
C VAL A 96 -9.63 6.93 8.88
N THR A 97 -8.90 6.73 9.98
CA THR A 97 -9.35 5.85 11.04
C THR A 97 -10.50 6.46 11.83
N PRO A 98 -11.39 5.61 12.36
CA PRO A 98 -12.54 6.06 13.15
C PRO A 98 -12.13 6.63 14.50
N PRO A 99 -12.95 7.55 15.03
CA PRO A 99 -12.69 8.19 16.32
C PRO A 99 -12.88 7.22 17.49
N SER A 100 -11.99 7.30 18.46
CA SER A 100 -12.05 6.43 19.63
C SER A 100 -12.42 7.22 20.89
N SER A 101 -11.69 8.31 21.13
CA SER A 101 -11.93 9.15 22.29
C SER A 101 -12.89 10.29 21.94
N GLY A 102 -14.01 10.35 22.65
CA GLY A 102 -14.99 11.40 22.40
C GLY A 102 -16.36 10.83 22.10
N PRO A 103 -16.74 10.83 20.81
CA PRO A 103 -18.04 10.32 20.37
C PRO A 103 -18.15 8.80 20.51
N SER A 104 -18.65 8.35 21.66
CA SER A 104 -18.81 6.93 21.92
C SER A 104 -20.04 6.38 21.23
N SER A 105 -19.85 5.39 20.36
CA SER A 105 -20.96 4.78 19.63
C SER A 105 -20.56 3.41 19.09
N GLY A 106 -21.51 2.75 18.43
CA GLY A 106 -21.24 1.43 17.88
C GLY A 106 -21.73 1.29 16.45
N GLY A 1 6.48 13.63 -19.41
CA GLY A 1 5.90 12.84 -18.34
C GLY A 1 6.90 11.88 -17.71
N SER A 2 6.40 10.77 -17.20
CA SER A 2 7.26 9.77 -16.57
C SER A 2 7.96 8.92 -17.61
N SER A 3 9.29 8.93 -17.59
CA SER A 3 10.08 8.15 -18.54
C SER A 3 10.23 6.70 -18.07
N GLY A 4 9.62 5.79 -18.82
CA GLY A 4 9.69 4.38 -18.46
C GLY A 4 9.50 3.47 -19.66
N SER A 5 10.49 2.61 -19.91
CA SER A 5 10.42 1.69 -21.04
C SER A 5 10.62 0.25 -20.58
N SER A 6 11.69 0.01 -19.82
CA SER A 6 12.00 -1.33 -19.32
C SER A 6 11.36 -1.54 -17.94
N GLY A 7 10.19 -2.16 -17.93
CA GLY A 7 9.51 -2.41 -16.67
C GLY A 7 8.06 -2.82 -16.87
N PRO A 8 7.44 -3.37 -15.82
CA PRO A 8 6.05 -3.81 -15.85
C PRO A 8 5.08 -2.65 -15.94
N ASP A 9 3.79 -2.96 -16.09
CA ASP A 9 2.75 -1.94 -16.19
C ASP A 9 2.37 -1.42 -14.80
N GLN A 10 1.80 -0.22 -14.76
CA GLN A 10 1.40 0.39 -13.49
C GLN A 10 0.61 -0.61 -12.65
N CYS A 11 0.62 -0.41 -11.34
CA CYS A 11 -0.09 -1.28 -10.41
C CYS A 11 -1.32 -0.58 -9.84
N LYS A 12 -2.40 -1.34 -9.67
CA LYS A 12 -3.64 -0.79 -9.14
C LYS A 12 -3.53 -0.57 -7.63
N PRO A 13 -4.31 0.39 -7.11
CA PRO A 13 -4.32 0.73 -5.69
C PRO A 13 -4.95 -0.37 -4.84
N PRO A 14 -4.34 -0.65 -3.67
CA PRO A 14 -4.83 -1.67 -2.75
C PRO A 14 -6.15 -1.29 -2.09
N GLN A 15 -6.76 -2.24 -1.40
CA GLN A 15 -8.03 -2.00 -0.72
C GLN A 15 -7.84 -1.95 0.79
N VAL A 16 -7.99 -0.76 1.37
CA VAL A 16 -7.83 -0.58 2.80
C VAL A 16 -9.12 -0.91 3.54
N THR A 17 -8.99 -1.63 4.66
CA THR A 17 -10.15 -2.01 5.46
C THR A 17 -9.92 -1.71 6.94
N CYS A 18 -10.29 -0.51 7.36
CA CYS A 18 -10.12 -0.10 8.75
C CYS A 18 -10.71 -1.15 9.69
N ARG A 19 -9.84 -1.97 10.27
CA ARG A 19 -10.28 -3.01 11.19
C ARG A 19 -10.75 -2.41 12.51
N SER A 20 -10.08 -1.35 12.95
CA SER A 20 -10.43 -0.68 14.19
C SER A 20 -9.83 0.72 14.25
N ALA A 21 -10.12 1.43 15.33
CA ALA A 21 -9.60 2.79 15.51
C ALA A 21 -8.08 2.81 15.46
N THR A 22 -7.47 1.68 15.80
CA THR A 22 -6.01 1.57 15.79
C THR A 22 -5.56 0.37 14.96
N CYS A 23 -6.47 -0.18 14.17
CA CYS A 23 -6.16 -1.33 13.34
C CYS A 23 -6.52 -1.05 11.88
N ALA A 24 -5.79 -1.70 10.97
CA ALA A 24 -6.04 -1.52 9.55
C ALA A 24 -5.50 -2.71 8.74
N GLN A 25 -6.00 -2.87 7.53
CA GLN A 25 -5.57 -3.96 6.67
C GLN A 25 -5.47 -3.50 5.22
N VAL A 26 -4.47 -4.02 4.51
CA VAL A 26 -4.25 -3.66 3.12
C VAL A 26 -4.22 -4.90 2.22
N ASN A 27 -4.63 -4.73 0.98
CA ASN A 27 -4.66 -5.83 0.03
C ASN A 27 -4.37 -5.34 -1.39
N TRP A 28 -3.57 -6.11 -2.13
CA TRP A 28 -3.21 -5.75 -3.50
C TRP A 28 -3.18 -6.98 -4.38
N GLU A 29 -2.83 -6.79 -5.66
CA GLU A 29 -2.76 -7.89 -6.61
C GLU A 29 -1.66 -7.64 -7.64
N VAL A 30 -1.39 -8.65 -8.47
CA VAL A 30 -0.37 -8.53 -9.49
C VAL A 30 -0.98 -8.18 -10.85
N PRO A 31 -0.48 -7.09 -11.46
CA PRO A 31 -0.96 -6.63 -12.76
C PRO A 31 -0.57 -7.56 -13.90
N LEU A 32 -0.68 -7.08 -15.12
CA LEU A 32 -0.34 -7.88 -16.30
C LEU A 32 1.02 -7.47 -16.85
N SER A 33 2.08 -8.00 -16.25
CA SER A 33 3.45 -7.69 -16.68
C SER A 33 3.86 -8.59 -17.84
N ASN A 34 3.35 -8.29 -19.03
CA ASN A 34 3.67 -9.07 -20.22
C ASN A 34 5.18 -9.15 -20.44
N GLY A 35 5.84 -10.07 -19.74
CA GLY A 35 7.27 -10.22 -19.88
C GLY A 35 7.96 -10.38 -18.54
N THR A 36 8.26 -9.26 -17.88
CA THR A 36 8.93 -9.28 -16.59
C THR A 36 7.98 -9.72 -15.49
N ASP A 37 8.50 -10.47 -14.52
CA ASP A 37 7.69 -10.96 -13.41
C ASP A 37 7.96 -10.15 -12.15
N VAL A 38 6.98 -10.10 -11.25
CA VAL A 38 7.12 -9.37 -10.00
C VAL A 38 7.85 -10.20 -8.96
N THR A 39 9.06 -9.77 -8.60
CA THR A 39 9.87 -10.47 -7.60
C THR A 39 9.33 -10.22 -6.19
N GLU A 40 9.30 -8.96 -5.79
CA GLU A 40 8.81 -8.59 -4.46
C GLU A 40 7.92 -7.35 -4.54
N TYR A 41 7.32 -7.01 -3.41
CA TYR A 41 6.43 -5.85 -3.34
C TYR A 41 6.87 -4.90 -2.23
N ARG A 42 6.97 -3.61 -2.57
CA ARG A 42 7.38 -2.59 -1.59
C ARG A 42 6.19 -1.74 -1.18
N LEU A 43 5.66 -2.01 0.02
CA LEU A 43 4.52 -1.26 0.54
C LEU A 43 4.97 -0.24 1.58
N GLU A 44 4.56 1.00 1.40
CA GLU A 44 4.91 2.07 2.32
C GLU A 44 3.67 2.64 3.00
N TRP A 45 3.80 2.96 4.29
CA TRP A 45 2.68 3.51 5.05
C TRP A 45 3.15 4.65 5.94
N GLY A 46 2.61 5.85 5.70
CA GLY A 46 2.98 7.00 6.48
C GLY A 46 1.84 7.98 6.66
N GLY A 47 1.61 8.42 7.90
CA GLY A 47 0.54 9.35 8.17
C GLY A 47 0.39 10.40 7.09
N VAL A 48 1.50 11.00 6.69
CA VAL A 48 1.49 12.02 5.65
C VAL A 48 2.26 11.57 4.42
N GLU A 49 1.63 11.71 3.25
CA GLU A 49 2.26 11.31 1.99
C GLU A 49 3.65 11.92 1.86
N GLY A 50 3.81 13.13 2.40
CA GLY A 50 5.10 13.81 2.34
C GLY A 50 6.20 13.03 3.03
N SER A 51 5.82 12.19 3.98
CA SER A 51 6.78 11.38 4.73
C SER A 51 6.28 9.95 4.89
N MET A 52 6.91 9.04 4.17
CA MET A 52 6.53 7.62 4.23
C MET A 52 7.77 6.73 4.24
N GLN A 53 7.60 5.50 4.71
CA GLN A 53 8.71 4.54 4.78
C GLN A 53 8.23 3.13 4.42
N ILE A 54 9.18 2.23 4.21
CA ILE A 54 8.86 0.85 3.87
C ILE A 54 8.21 0.13 5.05
N CYS A 55 6.89 -0.05 4.96
CA CYS A 55 6.15 -0.73 6.02
C CYS A 55 6.33 -2.24 5.94
N TYR A 56 6.22 -2.78 4.73
CA TYR A 56 6.38 -4.21 4.51
C TYR A 56 7.14 -4.49 3.22
N CYS A 57 7.94 -5.56 3.23
CA CYS A 57 8.73 -5.94 2.07
C CYS A 57 8.64 -7.44 1.82
N GLY A 58 8.14 -7.81 0.65
CA GLY A 58 8.01 -9.21 0.31
C GLY A 58 7.01 -9.45 -0.81
N PRO A 59 7.02 -10.67 -1.37
CA PRO A 59 6.13 -11.05 -2.46
C PRO A 59 4.67 -11.16 -2.00
N GLY A 60 4.47 -11.17 -0.69
CA GLY A 60 3.14 -11.29 -0.14
C GLY A 60 2.13 -10.47 -0.93
N LEU A 61 0.84 -10.84 -0.80
CA LEU A 61 -0.22 -10.14 -1.50
C LEU A 61 -1.16 -9.45 -0.53
N SER A 62 -0.92 -9.66 0.76
CA SER A 62 -1.75 -9.07 1.80
C SER A 62 -0.93 -8.80 3.07
N TYR A 63 -1.14 -7.63 3.66
CA TYR A 63 -0.41 -7.26 4.88
C TYR A 63 -1.33 -6.51 5.83
N GLU A 64 -1.33 -6.93 7.09
CA GLU A 64 -2.16 -6.30 8.12
C GLU A 64 -1.35 -5.27 8.91
N ILE A 65 -1.95 -4.10 9.13
CA ILE A 65 -1.30 -3.04 9.87
C ILE A 65 -2.01 -2.76 11.18
N LYS A 66 -1.23 -2.50 12.23
CA LYS A 66 -1.79 -2.20 13.55
C LYS A 66 -0.95 -1.17 14.29
N GLY A 67 -1.46 -0.70 15.42
CA GLY A 67 -0.74 0.29 16.21
C GLY A 67 -0.90 1.69 15.66
N LEU A 68 -2.08 1.97 15.10
CA LEU A 68 -2.37 3.28 14.55
C LEU A 68 -3.19 4.12 15.51
N SER A 69 -3.32 5.41 15.21
CA SER A 69 -4.08 6.32 16.06
C SER A 69 -5.41 6.68 15.40
N PRO A 70 -6.46 6.84 16.22
CA PRO A 70 -7.80 7.19 15.75
C PRO A 70 -7.87 8.62 15.24
N ALA A 71 -8.84 8.88 14.37
CA ALA A 71 -9.02 10.22 13.81
C ALA A 71 -7.71 10.76 13.23
N THR A 72 -7.05 9.95 12.40
CA THR A 72 -5.80 10.35 11.78
C THR A 72 -5.74 9.93 10.32
N THR A 73 -5.12 10.77 9.50
CA THR A 73 -5.00 10.50 8.07
C THR A 73 -3.77 9.65 7.78
N TYR A 74 -3.88 8.75 6.82
CA TYR A 74 -2.78 7.88 6.44
C TYR A 74 -2.76 7.66 4.93
N TYR A 75 -1.66 7.06 4.45
CA TYR A 75 -1.51 6.79 3.02
C TYR A 75 -0.72 5.51 2.79
N CYS A 76 -1.01 4.83 1.70
CA CYS A 76 -0.32 3.58 1.35
C CYS A 76 -0.13 3.46 -0.15
N ARG A 77 1.02 2.92 -0.55
CA ARG A 77 1.33 2.75 -1.97
C ARG A 77 2.06 1.43 -2.20
N VAL A 78 1.69 0.74 -3.28
CA VAL A 78 2.31 -0.53 -3.63
C VAL A 78 2.83 -0.52 -5.06
N GLN A 79 4.07 -0.97 -5.24
CA GLN A 79 4.68 -1.01 -6.55
C GLN A 79 5.20 -2.42 -6.87
N ALA A 80 5.39 -2.70 -8.16
CA ALA A 80 5.89 -4.00 -8.59
C ALA A 80 7.36 -3.93 -8.96
N LEU A 81 8.18 -4.79 -8.35
CA LEU A 81 9.60 -4.83 -8.62
C LEU A 81 9.96 -6.02 -9.48
N SER A 82 10.74 -5.78 -10.53
CA SER A 82 11.15 -6.85 -11.44
C SER A 82 12.67 -7.00 -11.44
N VAL A 83 13.17 -7.91 -12.27
CA VAL A 83 14.61 -8.15 -12.37
C VAL A 83 15.26 -7.23 -13.40
N VAL A 84 14.43 -6.44 -14.08
CA VAL A 84 14.93 -5.51 -15.09
C VAL A 84 14.82 -4.07 -14.60
N GLY A 85 14.29 -3.89 -13.39
CA GLY A 85 14.15 -2.56 -12.84
C GLY A 85 12.83 -2.36 -12.14
N ALA A 86 12.82 -1.60 -11.06
CA ALA A 86 11.61 -1.33 -10.31
C ALA A 86 10.59 -0.58 -11.16
N GLY A 87 9.31 -0.79 -10.87
CA GLY A 87 8.26 -0.13 -11.63
C GLY A 87 7.66 1.05 -10.88
N PRO A 88 6.70 1.72 -11.52
CA PRO A 88 6.03 2.89 -10.93
C PRO A 88 5.13 2.51 -9.76
N PHE A 89 4.77 3.49 -8.94
CA PHE A 89 3.91 3.26 -7.79
C PHE A 89 2.44 3.39 -8.17
N SER A 90 1.56 2.84 -7.35
CA SER A 90 0.13 2.89 -7.60
C SER A 90 -0.46 4.23 -7.13
N GLU A 91 -1.78 4.35 -7.22
CA GLU A 91 -2.46 5.58 -6.81
C GLU A 91 -2.57 5.64 -5.29
N VAL A 92 -1.93 6.65 -4.70
CA VAL A 92 -1.95 6.83 -3.26
C VAL A 92 -3.37 6.72 -2.72
N VAL A 93 -3.59 5.73 -1.85
CA VAL A 93 -4.91 5.52 -1.25
C VAL A 93 -4.97 6.10 0.16
N ALA A 94 -5.59 7.27 0.29
CA ALA A 94 -5.72 7.93 1.58
C ALA A 94 -6.80 7.25 2.43
N CYS A 95 -6.52 7.15 3.73
CA CYS A 95 -7.46 6.51 4.66
C CYS A 95 -7.38 7.16 6.04
N VAL A 96 -8.52 7.62 6.54
CA VAL A 96 -8.58 8.25 7.85
C VAL A 96 -9.25 7.35 8.88
N THR A 97 -8.49 6.95 9.89
CA THR A 97 -9.01 6.08 10.94
C THR A 97 -10.08 6.78 11.75
N PRO A 98 -11.05 6.00 12.26
CA PRO A 98 -12.15 6.53 13.06
C PRO A 98 -11.70 7.00 14.43
N PRO A 99 -12.38 8.01 14.98
CA PRO A 99 -12.06 8.58 16.29
C PRO A 99 -12.40 7.63 17.43
N SER A 100 -11.52 7.56 18.43
CA SER A 100 -11.72 6.69 19.57
C SER A 100 -12.11 7.48 20.81
N SER A 101 -13.42 7.64 21.02
CA SER A 101 -13.92 8.40 22.16
C SER A 101 -13.53 7.71 23.47
N GLY A 102 -13.62 6.39 23.49
CA GLY A 102 -13.28 5.65 24.69
C GLY A 102 -14.23 4.48 24.94
N PRO A 103 -13.69 3.39 25.51
CA PRO A 103 -14.47 2.19 25.80
C PRO A 103 -15.46 2.41 26.95
N SER A 104 -16.48 1.57 27.02
CA SER A 104 -17.50 1.67 28.06
C SER A 104 -18.17 0.33 28.31
N SER A 105 -18.43 0.03 29.57
CA SER A 105 -19.07 -1.23 29.94
C SER A 105 -20.41 -0.98 30.63
N GLY A 106 -21.18 -0.04 30.08
CA GLY A 106 -22.46 0.28 30.66
C GLY A 106 -23.58 0.24 29.63
N GLY A 1 4.47 8.72 -28.40
CA GLY A 1 4.87 7.32 -28.34
C GLY A 1 5.57 6.96 -27.05
N SER A 2 4.79 6.70 -26.01
CA SER A 2 5.34 6.34 -24.71
C SER A 2 5.39 4.83 -24.53
N SER A 3 5.79 4.13 -25.59
CA SER A 3 5.88 2.68 -25.55
C SER A 3 7.32 2.22 -25.40
N GLY A 4 7.51 1.03 -24.85
CA GLY A 4 8.85 0.50 -24.66
C GLY A 4 9.47 0.96 -23.35
N SER A 5 8.82 0.61 -22.24
CA SER A 5 9.32 1.00 -20.92
C SER A 5 9.92 -0.20 -20.20
N SER A 6 10.88 0.07 -19.32
CA SER A 6 11.54 -0.98 -18.56
C SER A 6 10.76 -1.32 -17.30
N GLY A 7 10.11 -2.48 -17.30
CA GLY A 7 9.34 -2.90 -16.14
C GLY A 7 7.90 -3.21 -16.49
N PRO A 8 7.16 -3.78 -15.53
CA PRO A 8 5.76 -4.16 -15.72
C PRO A 8 4.85 -2.94 -15.82
N ASP A 9 3.56 -3.18 -16.00
CA ASP A 9 2.58 -2.09 -16.11
C ASP A 9 2.25 -1.53 -14.73
N GLN A 10 1.70 -0.32 -14.72
CA GLN A 10 1.33 0.33 -13.46
C GLN A 10 0.56 -0.62 -12.55
N CYS A 11 0.77 -0.50 -11.25
CA CYS A 11 0.10 -1.34 -10.27
C CYS A 11 -1.16 -0.66 -9.73
N LYS A 12 -2.24 -1.41 -9.63
CA LYS A 12 -3.50 -0.89 -9.13
C LYS A 12 -3.42 -0.63 -7.62
N PRO A 13 -4.24 0.33 -7.14
CA PRO A 13 -4.27 0.68 -5.71
C PRO A 13 -4.90 -0.42 -4.87
N PRO A 14 -4.26 -0.72 -3.72
CA PRO A 14 -4.74 -1.74 -2.79
C PRO A 14 -6.02 -1.34 -2.08
N GLN A 15 -6.73 -2.32 -1.54
CA GLN A 15 -7.98 -2.07 -0.84
C GLN A 15 -7.75 -2.04 0.68
N VAL A 16 -7.99 -0.87 1.28
CA VAL A 16 -7.81 -0.71 2.72
C VAL A 16 -9.09 -1.07 3.47
N THR A 17 -8.91 -1.65 4.65
CA THR A 17 -10.05 -2.05 5.48
C THR A 17 -9.81 -1.71 6.94
N CYS A 18 -10.50 -0.67 7.42
CA CYS A 18 -10.37 -0.25 8.81
C CYS A 18 -10.90 -1.31 9.76
N ARG A 19 -10.00 -2.02 10.43
CA ARG A 19 -10.38 -3.06 11.37
C ARG A 19 -10.79 -2.47 12.70
N SER A 20 -10.21 -1.31 13.05
CA SER A 20 -10.51 -0.64 14.30
C SER A 20 -9.94 0.77 14.32
N ALA A 21 -10.12 1.47 15.43
CA ALA A 21 -9.62 2.82 15.57
C ALA A 21 -8.11 2.88 15.35
N THR A 22 -7.41 1.86 15.83
CA THR A 22 -5.96 1.79 15.68
C THR A 22 -5.54 0.53 14.94
N CYS A 23 -6.41 0.08 14.04
CA CYS A 23 -6.12 -1.12 13.24
C CYS A 23 -6.56 -0.95 11.80
N ALA A 24 -5.78 -1.51 10.88
CA ALA A 24 -6.09 -1.42 9.46
C ALA A 24 -5.47 -2.57 8.69
N GLN A 25 -5.97 -2.80 7.48
CA GLN A 25 -5.46 -3.88 6.63
C GLN A 25 -5.38 -3.43 5.17
N VAL A 26 -4.34 -3.89 4.48
CA VAL A 26 -4.14 -3.54 3.08
C VAL A 26 -4.09 -4.79 2.20
N ASN A 27 -4.59 -4.65 0.97
CA ASN A 27 -4.60 -5.78 0.04
C ASN A 27 -4.36 -5.29 -1.39
N TRP A 28 -3.35 -5.87 -2.04
CA TRP A 28 -3.02 -5.49 -3.41
C TRP A 28 -3.09 -6.70 -4.33
N GLU A 29 -2.78 -6.49 -5.61
CA GLU A 29 -2.82 -7.56 -6.60
C GLU A 29 -1.74 -7.35 -7.67
N VAL A 30 -1.57 -8.34 -8.54
CA VAL A 30 -0.59 -8.28 -9.61
C VAL A 30 -1.24 -7.82 -10.91
N PRO A 31 -0.57 -6.90 -11.61
CA PRO A 31 -1.04 -6.37 -12.89
C PRO A 31 -0.99 -7.40 -14.01
N LEU A 32 -1.24 -6.96 -15.23
CA LEU A 32 -1.22 -7.85 -16.39
C LEU A 32 0.21 -8.06 -16.89
N SER A 33 1.11 -8.41 -15.97
CA SER A 33 2.50 -8.63 -16.32
C SER A 33 2.61 -9.40 -17.63
N ASN A 34 2.99 -8.67 -18.69
CA ASN A 34 3.14 -9.28 -20.01
C ASN A 34 3.78 -10.66 -19.90
N GLY A 35 4.91 -10.73 -19.19
CA GLY A 35 5.60 -11.99 -19.02
C GLY A 35 6.76 -11.90 -18.05
N THR A 36 6.58 -11.13 -16.99
CA THR A 36 7.62 -10.95 -15.99
C THR A 36 7.14 -11.39 -14.60
N ASP A 37 8.06 -11.86 -13.78
CA ASP A 37 7.74 -12.32 -12.44
C ASP A 37 8.09 -11.26 -11.41
N VAL A 38 7.08 -10.66 -10.80
CA VAL A 38 7.28 -9.63 -9.79
C VAL A 38 8.14 -10.14 -8.64
N THR A 39 9.41 -9.75 -8.65
CA THR A 39 10.35 -10.18 -7.61
C THR A 39 9.73 -10.01 -6.22
N GLU A 40 9.49 -8.76 -5.83
CA GLU A 40 8.90 -8.47 -4.54
C GLU A 40 8.03 -7.21 -4.59
N TYR A 41 7.30 -6.96 -3.52
CA TYR A 41 6.42 -5.80 -3.45
C TYR A 41 6.81 -4.89 -2.29
N ARG A 42 7.12 -3.63 -2.61
CA ARG A 42 7.52 -2.66 -1.59
C ARG A 42 6.33 -1.76 -1.21
N LEU A 43 5.75 -2.03 -0.06
CA LEU A 43 4.61 -1.24 0.42
C LEU A 43 5.06 -0.15 1.37
N GLU A 44 4.81 1.10 1.00
CA GLU A 44 5.19 2.25 1.82
C GLU A 44 4.00 2.75 2.63
N TRP A 45 4.25 3.07 3.90
CA TRP A 45 3.20 3.58 4.78
C TRP A 45 3.78 4.51 5.82
N GLY A 46 3.13 5.66 6.01
CA GLY A 46 3.59 6.63 6.98
C GLY A 46 2.46 7.40 7.61
N GLY A 47 1.76 8.19 6.81
CA GLY A 47 0.65 8.98 7.32
C GLY A 47 0.29 10.14 6.41
N VAL A 48 1.32 10.82 5.89
CA VAL A 48 1.11 11.96 5.01
C VAL A 48 1.71 11.70 3.63
N GLU A 49 0.86 11.72 2.61
CA GLU A 49 1.30 11.49 1.24
C GLU A 49 2.60 12.24 0.96
N GLY A 50 2.80 13.34 1.65
CA GLY A 50 4.01 14.13 1.46
C GLY A 50 5.25 13.42 1.96
N SER A 51 5.12 12.73 3.08
CA SER A 51 6.25 11.99 3.66
C SER A 51 5.83 10.58 4.06
N MET A 52 6.53 9.59 3.50
CA MET A 52 6.23 8.19 3.80
C MET A 52 7.46 7.32 3.56
N GLN A 53 7.45 6.13 4.15
CA GLN A 53 8.56 5.20 4.01
C GLN A 53 8.06 3.77 3.90
N ILE A 54 8.99 2.83 3.73
CA ILE A 54 8.64 1.42 3.61
C ILE A 54 8.18 0.86 4.96
N CYS A 55 7.10 0.09 4.93
CA CYS A 55 6.55 -0.52 6.14
C CYS A 55 6.60 -2.04 6.05
N TYR A 56 6.35 -2.57 4.86
CA TYR A 56 6.37 -4.01 4.65
C TYR A 56 6.99 -4.35 3.30
N CYS A 57 7.75 -5.45 3.26
CA CYS A 57 8.41 -5.88 2.04
C CYS A 57 8.28 -7.40 1.88
N GLY A 58 7.90 -7.83 0.68
CA GLY A 58 7.76 -9.25 0.42
C GLY A 58 6.84 -9.54 -0.75
N PRO A 59 6.89 -10.78 -1.26
CA PRO A 59 6.06 -11.20 -2.39
C PRO A 59 4.58 -11.30 -2.02
N GLY A 60 4.30 -11.24 -0.72
CA GLY A 60 2.93 -11.33 -0.27
C GLY A 60 1.98 -10.47 -1.08
N LEU A 61 0.69 -10.72 -0.95
CA LEU A 61 -0.32 -9.96 -1.68
C LEU A 61 -1.24 -9.22 -0.72
N SER A 62 -1.14 -9.54 0.56
CA SER A 62 -1.96 -8.91 1.59
C SER A 62 -1.19 -8.76 2.89
N TYR A 63 -1.41 -7.64 3.58
CA TYR A 63 -0.73 -7.37 4.84
C TYR A 63 -1.66 -6.64 5.80
N GLU A 64 -1.45 -6.86 7.10
CA GLU A 64 -2.26 -6.24 8.13
C GLU A 64 -1.44 -5.23 8.93
N ILE A 65 -1.96 -4.01 9.02
CA ILE A 65 -1.28 -2.95 9.77
C ILE A 65 -2.01 -2.61 11.05
N LYS A 66 -1.26 -2.40 12.12
CA LYS A 66 -1.84 -2.06 13.42
C LYS A 66 -1.00 -1.01 14.14
N GLY A 67 -1.47 -0.59 15.31
CA GLY A 67 -0.75 0.41 16.08
C GLY A 67 -0.88 1.80 15.49
N LEU A 68 -2.08 2.12 15.00
CA LEU A 68 -2.34 3.42 14.41
C LEU A 68 -3.09 4.33 15.38
N SER A 69 -3.36 5.56 14.95
CA SER A 69 -4.08 6.51 15.78
C SER A 69 -5.45 6.83 15.20
N PRO A 70 -6.45 7.00 16.08
CA PRO A 70 -7.82 7.32 15.67
C PRO A 70 -7.95 8.73 15.11
N ALA A 71 -8.98 8.93 14.29
CA ALA A 71 -9.21 10.24 13.69
C ALA A 71 -7.93 10.82 13.10
N THR A 72 -7.28 10.05 12.24
CA THR A 72 -6.04 10.48 11.61
C THR A 72 -5.94 9.97 10.18
N THR A 73 -5.46 10.83 9.29
CA THR A 73 -5.32 10.46 7.88
C THR A 73 -4.06 9.64 7.65
N TYR A 74 -4.10 8.77 6.65
CA TYR A 74 -2.97 7.91 6.32
C TYR A 74 -2.86 7.69 4.81
N TYR A 75 -1.72 7.18 4.37
CA TYR A 75 -1.49 6.92 2.96
C TYR A 75 -0.56 5.73 2.76
N CYS A 76 -0.71 5.05 1.63
CA CYS A 76 0.11 3.89 1.33
C CYS A 76 0.17 3.64 -0.18
N ARG A 77 1.34 3.20 -0.66
CA ARG A 77 1.54 2.94 -2.08
C ARG A 77 2.26 1.62 -2.29
N VAL A 78 1.80 0.84 -3.25
CA VAL A 78 2.40 -0.45 -3.55
C VAL A 78 2.89 -0.50 -5.00
N GLN A 79 4.04 -1.14 -5.20
CA GLN A 79 4.62 -1.25 -6.54
C GLN A 79 5.18 -2.66 -6.77
N ALA A 80 5.22 -3.07 -8.03
CA ALA A 80 5.73 -4.39 -8.38
C ALA A 80 7.15 -4.30 -8.93
N LEU A 81 8.06 -5.04 -8.32
CA LEU A 81 9.46 -5.05 -8.74
C LEU A 81 9.75 -6.24 -9.64
N SER A 82 10.45 -6.00 -10.74
CA SER A 82 10.79 -7.06 -11.68
C SER A 82 12.29 -7.34 -11.65
N VAL A 83 12.74 -8.22 -12.55
CA VAL A 83 14.15 -8.59 -12.62
C VAL A 83 14.87 -7.76 -13.67
N VAL A 84 14.14 -6.89 -14.35
CA VAL A 84 14.71 -6.04 -15.38
C VAL A 84 14.54 -4.56 -15.04
N GLY A 85 13.76 -4.29 -14.00
CA GLY A 85 13.52 -2.92 -13.57
C GLY A 85 12.64 -2.84 -12.35
N ALA A 86 11.64 -1.96 -12.41
CA ALA A 86 10.72 -1.78 -11.28
C ALA A 86 9.51 -0.93 -11.69
N GLY A 87 8.32 -1.46 -11.45
CA GLY A 87 7.11 -0.73 -11.80
C GLY A 87 6.87 0.46 -10.90
N PRO A 88 6.10 1.44 -11.40
CA PRO A 88 5.77 2.65 -10.66
C PRO A 88 4.84 2.39 -9.48
N PHE A 89 4.71 3.37 -8.60
CA PHE A 89 3.85 3.24 -7.42
C PHE A 89 2.39 3.49 -7.79
N SER A 90 1.51 2.59 -7.36
CA SER A 90 0.08 2.71 -7.64
C SER A 90 -0.46 4.04 -7.14
N GLU A 91 -1.76 4.25 -7.31
CA GLU A 91 -2.41 5.48 -6.88
C GLU A 91 -2.51 5.54 -5.36
N VAL A 92 -1.79 6.48 -4.75
CA VAL A 92 -1.81 6.64 -3.30
C VAL A 92 -3.23 6.47 -2.75
N VAL A 93 -3.38 5.51 -1.84
CA VAL A 93 -4.68 5.26 -1.22
C VAL A 93 -4.79 5.93 0.14
N ALA A 94 -5.76 6.82 0.27
CA ALA A 94 -5.98 7.54 1.52
C ALA A 94 -7.00 6.82 2.40
N CYS A 95 -6.84 6.94 3.72
CA CYS A 95 -7.75 6.29 4.66
C CYS A 95 -7.66 6.97 6.02
N VAL A 96 -8.82 7.35 6.56
CA VAL A 96 -8.87 8.00 7.86
C VAL A 96 -9.55 7.11 8.89
N THR A 97 -8.81 6.76 9.95
CA THR A 97 -9.34 5.91 11.01
C THR A 97 -10.38 6.64 11.85
N PRO A 98 -11.35 5.90 12.39
CA PRO A 98 -12.41 6.46 13.22
C PRO A 98 -11.90 6.95 14.57
N PRO A 99 -12.53 7.99 15.11
CA PRO A 99 -12.17 8.57 16.41
C PRO A 99 -12.49 7.65 17.57
N SER A 100 -11.55 7.51 18.49
CA SER A 100 -11.74 6.66 19.66
C SER A 100 -12.09 7.48 20.90
N SER A 101 -13.24 7.18 21.49
CA SER A 101 -13.69 7.90 22.68
C SER A 101 -13.41 7.09 23.94
N GLY A 102 -13.92 5.86 23.98
CA GLY A 102 -13.73 5.00 25.13
C GLY A 102 -14.43 3.67 24.99
N PRO A 103 -14.23 2.78 25.97
CA PRO A 103 -14.85 1.45 25.98
C PRO A 103 -16.36 1.51 26.22
N SER A 104 -17.11 1.51 25.13
CA SER A 104 -18.57 1.57 25.22
C SER A 104 -19.11 0.42 26.05
N SER A 105 -20.10 0.71 26.90
CA SER A 105 -20.69 -0.30 27.75
C SER A 105 -21.90 -0.95 27.07
N GLY A 106 -21.78 -2.25 26.80
CA GLY A 106 -22.85 -2.98 26.15
C GLY A 106 -22.59 -4.47 26.07
N GLY A 1 14.55 7.42 -9.04
CA GLY A 1 13.97 6.27 -9.72
C GLY A 1 12.80 6.63 -10.61
N SER A 2 13.02 6.59 -11.92
CA SER A 2 11.98 6.93 -12.88
C SER A 2 11.62 5.72 -13.73
N SER A 3 10.35 5.66 -14.15
CA SER A 3 9.87 4.55 -14.97
C SER A 3 10.94 4.12 -15.98
N GLY A 4 11.42 2.89 -15.84
CA GLY A 4 12.43 2.38 -16.75
C GLY A 4 11.83 1.77 -18.00
N SER A 5 12.56 1.86 -19.11
CA SER A 5 12.10 1.32 -20.38
C SER A 5 11.58 -0.10 -20.21
N SER A 6 12.47 -1.00 -19.77
CA SER A 6 12.10 -2.40 -19.57
C SER A 6 11.51 -2.60 -18.17
N GLY A 7 10.25 -2.99 -18.12
CA GLY A 7 9.59 -3.23 -16.84
C GLY A 7 8.10 -3.47 -16.99
N PRO A 8 7.47 -3.93 -15.90
CA PRO A 8 6.03 -4.22 -15.89
C PRO A 8 5.18 -2.95 -15.97
N ASP A 9 3.88 -3.13 -16.10
CA ASP A 9 2.96 -2.00 -16.20
C ASP A 9 2.63 -1.45 -14.81
N GLN A 10 2.19 -0.20 -14.76
CA GLN A 10 1.85 0.44 -13.50
C GLN A 10 0.98 -0.48 -12.64
N CYS A 11 1.15 -0.38 -11.32
CA CYS A 11 0.38 -1.21 -10.39
C CYS A 11 -0.94 -0.54 -10.04
N LYS A 12 -1.77 -1.25 -9.28
CA LYS A 12 -3.07 -0.74 -8.87
C LYS A 12 -3.08 -0.40 -7.39
N PRO A 13 -3.95 0.56 -7.01
CA PRO A 13 -4.08 0.99 -5.61
C PRO A 13 -4.71 -0.08 -4.73
N PRO A 14 -4.07 -0.36 -3.58
CA PRO A 14 -4.56 -1.36 -2.63
C PRO A 14 -5.84 -0.91 -1.92
N GLN A 15 -6.58 -1.88 -1.39
CA GLN A 15 -7.83 -1.58 -0.69
C GLN A 15 -7.62 -1.62 0.82
N VAL A 16 -7.79 -0.47 1.47
CA VAL A 16 -7.62 -0.37 2.91
C VAL A 16 -8.90 -0.74 3.64
N THR A 17 -8.76 -1.57 4.67
CA THR A 17 -9.92 -2.01 5.46
C THR A 17 -9.74 -1.69 6.93
N CYS A 18 -10.41 -0.66 7.40
CA CYS A 18 -10.31 -0.24 8.79
C CYS A 18 -10.82 -1.35 9.72
N ARG A 19 -9.89 -2.00 10.41
CA ARG A 19 -10.23 -3.08 11.33
C ARG A 19 -10.65 -2.53 12.69
N SER A 20 -10.05 -1.40 13.08
CA SER A 20 -10.36 -0.77 14.36
C SER A 20 -9.73 0.61 14.44
N ALA A 21 -9.94 1.29 15.56
CA ALA A 21 -9.41 2.63 15.78
C ALA A 21 -7.89 2.64 15.58
N THR A 22 -7.23 1.58 16.04
CA THR A 22 -5.78 1.48 15.92
C THR A 22 -5.39 0.24 15.12
N CYS A 23 -6.24 -0.16 14.19
CA CYS A 23 -5.98 -1.33 13.35
C CYS A 23 -6.42 -1.09 11.91
N ALA A 24 -5.66 -1.64 10.97
CA ALA A 24 -5.97 -1.48 9.56
C ALA A 24 -5.34 -2.59 8.73
N GLN A 25 -5.92 -2.87 7.57
CA GLN A 25 -5.40 -3.91 6.68
C GLN A 25 -5.35 -3.43 5.24
N VAL A 26 -4.34 -3.87 4.50
CA VAL A 26 -4.18 -3.48 3.11
C VAL A 26 -4.24 -4.69 2.19
N ASN A 27 -4.58 -4.45 0.93
CA ASN A 27 -4.68 -5.53 -0.05
C ASN A 27 -4.39 -5.01 -1.46
N TRP A 28 -3.34 -5.52 -2.08
CA TRP A 28 -2.96 -5.12 -3.42
C TRP A 28 -3.02 -6.29 -4.39
N GLU A 29 -2.65 -6.05 -5.64
CA GLU A 29 -2.66 -7.08 -6.65
C GLU A 29 -1.57 -6.85 -7.70
N VAL A 30 -1.24 -7.88 -8.45
CA VAL A 30 -0.21 -7.79 -9.49
C VAL A 30 -0.81 -7.38 -10.83
N PRO A 31 -0.16 -6.43 -11.50
CA PRO A 31 -0.60 -5.92 -12.80
C PRO A 31 -0.44 -6.96 -13.91
N LEU A 32 -0.50 -6.50 -15.15
CA LEU A 32 -0.35 -7.39 -16.31
C LEU A 32 1.08 -7.38 -16.82
N SER A 33 1.91 -8.26 -16.25
CA SER A 33 3.31 -8.35 -16.65
C SER A 33 3.43 -8.65 -18.13
N ASN A 34 3.76 -7.64 -18.92
CA ASN A 34 3.90 -7.80 -20.37
C ASN A 34 5.38 -7.94 -20.75
N GLY A 35 6.14 -8.64 -19.91
CA GLY A 35 7.54 -8.84 -20.19
C GLY A 35 8.30 -9.35 -18.97
N THR A 36 8.06 -8.74 -17.82
CA THR A 36 8.73 -9.15 -16.58
C THR A 36 7.72 -9.37 -15.47
N ASP A 37 7.85 -10.49 -14.78
CA ASP A 37 6.95 -10.82 -13.68
C ASP A 37 7.45 -10.24 -12.37
N VAL A 38 6.56 -9.65 -11.59
CA VAL A 38 6.92 -9.06 -10.31
C VAL A 38 7.56 -10.10 -9.39
N THR A 39 8.70 -9.73 -8.80
CA THR A 39 9.40 -10.64 -7.90
C THR A 39 9.30 -10.15 -6.46
N GLU A 40 9.12 -8.85 -6.29
CA GLU A 40 9.01 -8.26 -4.96
C GLU A 40 7.92 -7.18 -4.93
N TYR A 41 7.58 -6.73 -3.72
CA TYR A 41 6.57 -5.70 -3.55
C TYR A 41 6.88 -4.82 -2.36
N ARG A 42 7.13 -3.53 -2.62
CA ARG A 42 7.45 -2.58 -1.57
C ARG A 42 6.23 -1.75 -1.21
N LEU A 43 5.71 -1.96 0.00
CA LEU A 43 4.54 -1.22 0.47
C LEU A 43 4.93 -0.19 1.52
N GLU A 44 4.67 1.08 1.22
CA GLU A 44 4.98 2.16 2.14
C GLU A 44 3.74 2.61 2.92
N TRP A 45 3.96 3.11 4.12
CA TRP A 45 2.86 3.56 4.97
C TRP A 45 3.31 4.71 5.86
N GLY A 46 2.69 5.87 5.68
CA GLY A 46 3.03 7.03 6.48
C GLY A 46 1.86 7.97 6.68
N GLY A 47 1.71 8.48 7.90
CA GLY A 47 0.62 9.39 8.20
C GLY A 47 0.32 10.34 7.06
N VAL A 48 1.36 10.99 6.53
CA VAL A 48 1.19 11.92 5.43
C VAL A 48 1.83 11.38 4.15
N GLU A 49 1.03 11.23 3.11
CA GLU A 49 1.52 10.72 1.83
C GLU A 49 2.83 11.41 1.44
N GLY A 50 2.96 12.68 1.82
CA GLY A 50 4.15 13.43 1.50
C GLY A 50 5.42 12.74 1.98
N SER A 51 5.33 12.11 3.14
CA SER A 51 6.48 11.41 3.72
C SER A 51 6.08 10.01 4.20
N MET A 52 6.54 8.99 3.47
CA MET A 52 6.23 7.61 3.82
C MET A 52 7.44 6.72 3.59
N GLN A 53 7.52 5.63 4.34
CA GLN A 53 8.63 4.68 4.22
C GLN A 53 8.11 3.26 4.05
N ILE A 54 9.01 2.35 3.70
CA ILE A 54 8.65 0.95 3.51
C ILE A 54 8.14 0.33 4.81
N CYS A 55 6.86 0.01 4.84
CA CYS A 55 6.25 -0.59 6.02
C CYS A 55 6.36 -2.11 5.99
N TYR A 56 6.08 -2.69 4.83
CA TYR A 56 6.16 -4.13 4.66
C TYR A 56 6.79 -4.50 3.33
N CYS A 57 7.52 -5.60 3.31
CA CYS A 57 8.18 -6.06 2.08
C CYS A 57 8.03 -7.57 1.93
N GLY A 58 8.12 -8.04 0.68
CA GLY A 58 7.98 -9.46 0.41
C GLY A 58 7.02 -9.74 -0.73
N PRO A 59 6.97 -11.01 -1.17
CA PRO A 59 6.09 -11.44 -2.26
C PRO A 59 4.62 -11.43 -1.86
N GLY A 60 4.38 -11.26 -0.56
CA GLY A 60 3.00 -11.23 -0.06
C GLY A 60 2.12 -10.32 -0.89
N LEU A 61 0.81 -10.52 -0.76
CA LEU A 61 -0.16 -9.70 -1.50
C LEU A 61 -1.07 -8.93 -0.55
N SER A 62 -1.09 -9.35 0.71
CA SER A 62 -1.92 -8.70 1.72
C SER A 62 -1.17 -8.60 3.05
N TYR A 63 -1.26 -7.42 3.66
CA TYR A 63 -0.58 -7.18 4.94
C TYR A 63 -1.54 -6.57 5.96
N GLU A 64 -1.30 -6.86 7.23
CA GLU A 64 -2.15 -6.34 8.30
C GLU A 64 -1.36 -5.38 9.20
N ILE A 65 -1.71 -4.11 9.14
CA ILE A 65 -1.04 -3.10 9.95
C ILE A 65 -1.78 -2.86 11.26
N LYS A 66 -1.03 -2.53 12.30
CA LYS A 66 -1.60 -2.28 13.61
C LYS A 66 -0.84 -1.18 14.35
N GLY A 67 -1.34 -0.81 15.52
CA GLY A 67 -0.69 0.23 16.30
C GLY A 67 -0.84 1.60 15.67
N LEU A 68 -2.06 1.93 15.25
CA LEU A 68 -2.32 3.22 14.62
C LEU A 68 -3.07 4.14 15.58
N SER A 69 -3.34 5.36 15.13
CA SER A 69 -4.04 6.33 15.94
C SER A 69 -5.39 6.69 15.33
N PRO A 70 -6.40 6.92 16.19
CA PRO A 70 -7.75 7.27 15.74
C PRO A 70 -7.82 8.67 15.14
N ALA A 71 -8.82 8.89 14.29
CA ALA A 71 -8.99 10.19 13.64
C ALA A 71 -7.67 10.71 13.07
N THR A 72 -7.02 9.88 12.27
CA THR A 72 -5.74 10.25 11.67
C THR A 72 -5.68 9.82 10.21
N THR A 73 -5.25 10.74 9.34
CA THR A 73 -5.15 10.45 7.92
C THR A 73 -3.90 9.65 7.60
N TYR A 74 -4.06 8.61 6.79
CA TYR A 74 -2.93 7.76 6.42
C TYR A 74 -2.92 7.49 4.91
N TYR A 75 -1.78 7.05 4.40
CA TYR A 75 -1.64 6.75 2.98
C TYR A 75 -0.71 5.57 2.76
N CYS A 76 -0.94 4.83 1.68
CA CYS A 76 -0.12 3.67 1.35
C CYS A 76 0.00 3.50 -0.16
N ARG A 77 1.11 2.93 -0.60
CA ARG A 77 1.35 2.71 -2.03
C ARG A 77 2.15 1.43 -2.25
N VAL A 78 1.68 0.59 -3.18
CA VAL A 78 2.35 -0.66 -3.49
C VAL A 78 3.02 -0.60 -4.85
N GLN A 79 4.28 -1.02 -4.90
CA GLN A 79 5.04 -1.01 -6.16
C GLN A 79 5.51 -2.41 -6.51
N ALA A 80 5.70 -2.67 -7.80
CA ALA A 80 6.14 -3.97 -8.27
C ALA A 80 7.61 -3.91 -8.72
N LEU A 81 8.38 -4.91 -8.31
CA LEU A 81 9.79 -4.97 -8.66
C LEU A 81 10.06 -6.13 -9.62
N SER A 82 11.09 -5.99 -10.45
CA SER A 82 11.46 -7.02 -11.41
C SER A 82 12.96 -7.28 -11.37
N VAL A 83 13.40 -8.19 -12.24
CA VAL A 83 14.82 -8.54 -12.32
C VAL A 83 15.56 -7.64 -13.31
N VAL A 84 14.82 -6.70 -13.90
CA VAL A 84 15.40 -5.78 -14.87
C VAL A 84 15.48 -4.37 -14.31
N GLY A 85 14.70 -4.10 -13.26
CA GLY A 85 14.70 -2.79 -12.65
C GLY A 85 13.66 -2.67 -11.54
N ALA A 86 12.73 -1.74 -11.70
CA ALA A 86 11.68 -1.53 -10.71
C ALA A 86 10.54 -0.68 -11.29
N GLY A 87 9.32 -1.21 -11.18
CA GLY A 87 8.16 -0.50 -11.70
C GLY A 87 7.72 0.62 -10.78
N PRO A 88 6.93 1.56 -11.32
CA PRO A 88 6.41 2.70 -10.56
C PRO A 88 5.37 2.28 -9.53
N PHE A 89 5.06 3.19 -8.61
CA PHE A 89 4.08 2.91 -7.57
C PHE A 89 2.67 3.21 -8.05
N SER A 90 1.68 2.61 -7.40
CA SER A 90 0.28 2.82 -7.77
C SER A 90 -0.23 4.16 -7.26
N GLU A 91 -1.48 4.46 -7.55
CA GLU A 91 -2.10 5.71 -7.11
C GLU A 91 -2.28 5.74 -5.61
N VAL A 92 -1.61 6.67 -4.94
CA VAL A 92 -1.71 6.79 -3.49
C VAL A 92 -3.15 6.60 -3.02
N VAL A 93 -3.31 5.92 -1.89
CA VAL A 93 -4.64 5.68 -1.33
C VAL A 93 -4.75 6.25 0.08
N ALA A 94 -5.56 7.30 0.22
CA ALA A 94 -5.76 7.94 1.51
C ALA A 94 -6.79 7.17 2.35
N CYS A 95 -6.60 7.19 3.67
CA CYS A 95 -7.51 6.50 4.57
C CYS A 95 -7.51 7.15 5.95
N VAL A 96 -8.69 7.48 6.46
CA VAL A 96 -8.82 8.11 7.77
C VAL A 96 -9.45 7.16 8.77
N THR A 97 -8.69 6.83 9.82
CA THR A 97 -9.17 5.93 10.86
C THR A 97 -10.29 6.57 11.67
N PRO A 98 -11.19 5.74 12.21
CA PRO A 98 -12.32 6.21 13.01
C PRO A 98 -11.89 6.75 14.36
N PRO A 99 -12.63 7.74 14.88
CA PRO A 99 -12.34 8.36 16.17
C PRO A 99 -12.60 7.42 17.35
N SER A 100 -11.69 7.41 18.31
CA SER A 100 -11.82 6.55 19.48
C SER A 100 -12.32 7.35 20.69
N SER A 101 -13.55 7.07 21.11
CA SER A 101 -14.14 7.75 22.24
C SER A 101 -14.16 6.86 23.48
N GLY A 102 -14.18 5.55 23.26
CA GLY A 102 -14.18 4.61 24.36
C GLY A 102 -15.01 3.37 24.06
N PRO A 103 -15.46 2.68 25.13
CA PRO A 103 -16.27 1.47 24.99
C PRO A 103 -17.67 1.76 24.47
N SER A 104 -17.86 1.59 23.17
CA SER A 104 -19.16 1.83 22.54
C SER A 104 -19.87 3.00 23.22
N SER A 105 -19.13 4.08 23.45
CA SER A 105 -19.69 5.27 24.10
C SER A 105 -20.12 6.29 23.07
N GLY A 106 -20.85 7.31 23.51
CA GLY A 106 -21.31 8.35 22.61
C GLY A 106 -22.79 8.23 22.29
N GLY A 1 2.93 -2.22 -30.97
CA GLY A 1 3.44 -0.88 -31.16
C GLY A 1 4.86 -0.72 -30.64
N SER A 2 5.15 0.45 -30.09
CA SER A 2 6.47 0.74 -29.55
C SER A 2 6.45 0.73 -28.02
N SER A 3 7.44 0.07 -27.43
CA SER A 3 7.54 -0.03 -25.98
C SER A 3 8.80 0.64 -25.47
N GLY A 4 8.82 0.97 -24.19
CA GLY A 4 9.98 1.61 -23.59
C GLY A 4 9.82 1.85 -22.10
N SER A 5 9.73 0.76 -21.34
CA SER A 5 9.57 0.84 -19.90
C SER A 5 10.62 0.00 -19.18
N SER A 6 11.05 0.47 -18.01
CA SER A 6 12.05 -0.24 -17.23
C SER A 6 11.39 -1.14 -16.19
N GLY A 7 10.22 -1.67 -16.53
CA GLY A 7 9.52 -2.54 -15.62
C GLY A 7 8.11 -2.87 -16.10
N PRO A 8 7.31 -3.48 -15.22
CA PRO A 8 5.93 -3.86 -15.54
C PRO A 8 5.01 -2.64 -15.69
N ASP A 9 3.71 -2.89 -15.77
CA ASP A 9 2.73 -1.82 -15.91
C ASP A 9 2.33 -1.27 -14.55
N GLN A 10 1.84 -0.03 -14.54
CA GLN A 10 1.42 0.61 -13.30
C GLN A 10 0.59 -0.33 -12.44
N CYS A 11 0.77 -0.26 -11.13
CA CYS A 11 0.03 -1.12 -10.21
C CYS A 11 -1.21 -0.41 -9.69
N LYS A 12 -2.27 -1.16 -9.46
CA LYS A 12 -3.53 -0.61 -8.96
C LYS A 12 -3.46 -0.39 -7.45
N PRO A 13 -4.24 0.58 -6.96
CA PRO A 13 -4.30 0.91 -5.53
C PRO A 13 -4.96 -0.19 -4.71
N PRO A 14 -4.34 -0.54 -3.57
CA PRO A 14 -4.87 -1.57 -2.67
C PRO A 14 -6.14 -1.14 -1.96
N GLN A 15 -6.77 -2.07 -1.26
CA GLN A 15 -8.01 -1.79 -0.53
C GLN A 15 -7.76 -1.75 0.97
N VAL A 16 -7.97 -0.59 1.58
CA VAL A 16 -7.78 -0.43 3.01
C VAL A 16 -9.07 -0.66 3.77
N THR A 17 -9.02 -1.55 4.76
CA THR A 17 -10.20 -1.86 5.56
C THR A 17 -9.93 -1.60 7.05
N CYS A 18 -10.16 -0.37 7.47
CA CYS A 18 -9.95 0.01 8.87
C CYS A 18 -10.71 -0.92 9.80
N ARG A 19 -10.06 -2.00 10.21
CA ARG A 19 -10.68 -2.97 11.10
C ARG A 19 -11.12 -2.31 12.40
N SER A 20 -10.25 -1.47 12.96
CA SER A 20 -10.55 -0.77 14.21
C SER A 20 -9.89 0.60 14.23
N ALA A 21 -10.13 1.35 15.29
CA ALA A 21 -9.57 2.68 15.45
C ALA A 21 -8.04 2.64 15.36
N THR A 22 -7.46 1.55 15.85
CA THR A 22 -6.00 1.40 15.82
C THR A 22 -5.60 0.15 15.05
N CYS A 23 -6.46 -0.27 14.12
CA CYS A 23 -6.20 -1.45 13.31
C CYS A 23 -6.65 -1.22 11.87
N ALA A 24 -5.92 -1.80 10.92
CA ALA A 24 -6.25 -1.67 9.51
C ALA A 24 -5.65 -2.81 8.69
N GLN A 25 -6.23 -3.08 7.54
CA GLN A 25 -5.75 -4.15 6.67
C GLN A 25 -5.62 -3.66 5.23
N VAL A 26 -4.56 -4.09 4.55
CA VAL A 26 -4.31 -3.69 3.17
C VAL A 26 -4.33 -4.91 2.25
N ASN A 27 -4.75 -4.69 1.01
CA ASN A 27 -4.81 -5.77 0.02
C ASN A 27 -4.48 -5.24 -1.38
N TRP A 28 -3.61 -5.97 -2.08
CA TRP A 28 -3.21 -5.58 -3.42
C TRP A 28 -3.15 -6.79 -4.35
N GLU A 29 -2.75 -6.56 -5.59
CA GLU A 29 -2.65 -7.63 -6.58
C GLU A 29 -1.56 -7.33 -7.60
N VAL A 30 -1.26 -8.32 -8.44
CA VAL A 30 -0.24 -8.16 -9.47
C VAL A 30 -0.86 -7.73 -10.80
N PRO A 31 -0.25 -6.72 -11.44
CA PRO A 31 -0.72 -6.20 -12.72
C PRO A 31 -0.50 -7.19 -13.87
N LEU A 32 -0.69 -6.71 -15.09
CA LEU A 32 -0.52 -7.56 -16.27
C LEU A 32 0.95 -7.72 -16.61
N SER A 33 1.51 -8.87 -16.26
CA SER A 33 2.92 -9.16 -16.52
C SER A 33 3.08 -9.95 -17.81
N ASN A 34 3.51 -9.26 -18.87
CA ASN A 34 3.72 -9.89 -20.16
C ASN A 34 5.19 -10.21 -20.40
N GLY A 35 6.06 -9.32 -19.94
CA GLY A 35 7.48 -9.52 -20.10
C GLY A 35 8.17 -9.87 -18.80
N THR A 36 8.42 -8.86 -17.98
CA THR A 36 9.08 -9.06 -16.70
C THR A 36 8.11 -9.58 -15.65
N ASP A 37 8.58 -10.51 -14.82
CA ASP A 37 7.75 -11.09 -13.77
C ASP A 37 8.09 -10.48 -12.41
N VAL A 38 7.06 -10.09 -11.67
CA VAL A 38 7.25 -9.49 -10.35
C VAL A 38 8.02 -10.44 -9.43
N THR A 39 8.94 -9.88 -8.65
CA THR A 39 9.75 -10.66 -7.73
C THR A 39 9.55 -10.20 -6.29
N GLU A 40 9.39 -8.89 -6.12
CA GLU A 40 9.18 -8.32 -4.79
C GLU A 40 8.11 -7.24 -4.82
N TYR A 41 7.64 -6.85 -3.63
CA TYR A 41 6.61 -5.82 -3.53
C TYR A 41 6.93 -4.84 -2.40
N ARG A 42 7.16 -3.58 -2.78
CA ARG A 42 7.49 -2.54 -1.81
C ARG A 42 6.24 -1.72 -1.47
N LEU A 43 5.79 -1.84 -0.23
CA LEU A 43 4.61 -1.10 0.23
C LEU A 43 4.99 -0.10 1.31
N GLU A 44 4.73 1.18 1.05
CA GLU A 44 5.04 2.24 2.00
C GLU A 44 3.77 2.68 2.74
N TRP A 45 3.93 3.06 4.00
CA TRP A 45 2.81 3.51 4.82
C TRP A 45 3.25 4.62 5.78
N GLY A 46 2.62 5.78 5.65
CA GLY A 46 2.95 6.90 6.51
C GLY A 46 1.79 7.85 6.70
N GLY A 47 1.51 8.19 7.95
CA GLY A 47 0.41 9.09 8.25
C GLY A 47 0.26 10.18 7.20
N VAL A 48 1.27 11.01 7.06
CA VAL A 48 1.24 12.11 6.09
C VAL A 48 1.88 11.68 4.77
N GLU A 49 1.13 11.80 3.68
CA GLU A 49 1.62 11.43 2.36
C GLU A 49 2.98 12.07 2.08
N GLY A 50 3.20 13.26 2.66
CA GLY A 50 4.45 13.95 2.47
C GLY A 50 5.65 13.13 2.90
N SER A 51 5.49 12.38 3.99
CA SER A 51 6.56 11.55 4.51
C SER A 51 6.11 10.10 4.67
N MET A 52 6.57 9.24 3.76
CA MET A 52 6.21 7.83 3.80
C MET A 52 7.46 6.94 3.76
N GLN A 53 7.34 5.74 4.30
CA GLN A 53 8.45 4.81 4.32
C GLN A 53 7.97 3.37 4.11
N ILE A 54 8.91 2.49 3.77
CA ILE A 54 8.57 1.09 3.54
C ILE A 54 8.05 0.43 4.81
N CYS A 55 6.77 0.04 4.79
CA CYS A 55 6.15 -0.60 5.94
C CYS A 55 6.35 -2.12 5.89
N TYR A 56 6.15 -2.69 4.71
CA TYR A 56 6.30 -4.13 4.53
C TYR A 56 6.90 -4.44 3.17
N CYS A 57 7.77 -5.44 3.13
CA CYS A 57 8.43 -5.85 1.89
C CYS A 57 8.46 -7.37 1.77
N GLY A 58 8.12 -7.86 0.58
CA GLY A 58 8.11 -9.29 0.35
C GLY A 58 7.17 -9.69 -0.77
N PRO A 59 7.18 -10.98 -1.12
CA PRO A 59 6.33 -11.53 -2.19
C PRO A 59 4.86 -11.54 -1.81
N GLY A 60 4.59 -11.48 -0.51
CA GLY A 60 3.21 -11.48 -0.04
C GLY A 60 2.31 -10.61 -0.88
N LEU A 61 1.01 -10.81 -0.76
CA LEU A 61 0.03 -10.03 -1.52
C LEU A 61 -0.89 -9.26 -0.58
N SER A 62 -0.78 -9.54 0.72
CA SER A 62 -1.61 -8.87 1.71
C SER A 62 -0.84 -8.69 3.02
N TYR A 63 -1.05 -7.55 3.67
CA TYR A 63 -0.37 -7.25 4.92
C TYR A 63 -1.28 -6.45 5.85
N GLU A 64 -1.27 -6.81 7.13
CA GLU A 64 -2.10 -6.13 8.12
C GLU A 64 -1.27 -5.10 8.89
N ILE A 65 -1.93 -4.02 9.31
CA ILE A 65 -1.26 -2.97 10.06
C ILE A 65 -1.97 -2.69 11.39
N LYS A 66 -1.19 -2.55 12.45
CA LYS A 66 -1.75 -2.27 13.78
C LYS A 66 -0.93 -1.20 14.49
N GLY A 67 -1.42 -0.78 15.66
CA GLY A 67 -0.73 0.22 16.44
C GLY A 67 -0.90 1.61 15.87
N LEU A 68 -2.02 1.83 15.18
CA LEU A 68 -2.32 3.12 14.58
C LEU A 68 -3.08 4.02 15.56
N SER A 69 -3.33 5.25 15.14
CA SER A 69 -4.06 6.21 15.99
C SER A 69 -5.37 6.62 15.33
N PRO A 70 -6.41 6.82 16.16
CA PRO A 70 -7.74 7.23 15.68
C PRO A 70 -7.75 8.65 15.16
N ALA A 71 -8.66 8.93 14.23
CA ALA A 71 -8.79 10.26 13.65
C ALA A 71 -7.44 10.75 13.13
N THR A 72 -6.80 9.95 12.29
CA THR A 72 -5.51 10.31 11.74
C THR A 72 -5.41 9.90 10.27
N THR A 73 -5.05 10.84 9.41
CA THR A 73 -4.93 10.58 7.98
C THR A 73 -3.70 9.71 7.69
N TYR A 74 -3.90 8.67 6.91
CA TYR A 74 -2.82 7.76 6.55
C TYR A 74 -2.79 7.50 5.05
N TYR A 75 -1.67 6.99 4.57
CA TYR A 75 -1.51 6.70 3.15
C TYR A 75 -0.73 5.40 2.94
N CYS A 76 -1.03 4.70 1.85
CA CYS A 76 -0.37 3.44 1.53
C CYS A 76 -0.22 3.27 0.02
N ARG A 77 0.98 2.89 -0.42
CA ARG A 77 1.25 2.70 -1.82
C ARG A 77 2.05 1.41 -2.05
N VAL A 78 1.68 0.66 -3.08
CA VAL A 78 2.36 -0.58 -3.41
C VAL A 78 2.96 -0.54 -4.81
N GLN A 79 4.10 -1.18 -4.97
CA GLN A 79 4.78 -1.21 -6.27
C GLN A 79 5.28 -2.62 -6.59
N ALA A 80 5.61 -2.85 -7.86
CA ALA A 80 6.10 -4.15 -8.29
C ALA A 80 7.57 -4.07 -8.71
N LEU A 81 8.40 -4.93 -8.12
CA LEU A 81 9.82 -4.94 -8.43
C LEU A 81 10.13 -6.04 -9.45
N SER A 82 11.08 -5.76 -10.34
CA SER A 82 11.48 -6.72 -11.36
C SER A 82 12.99 -6.93 -11.35
N VAL A 83 13.48 -7.70 -12.32
CA VAL A 83 14.91 -7.98 -12.42
C VAL A 83 15.61 -6.93 -13.28
N VAL A 84 14.84 -5.95 -13.75
CA VAL A 84 15.39 -4.88 -14.59
C VAL A 84 15.24 -3.53 -13.91
N GLY A 85 14.62 -3.52 -12.74
CA GLY A 85 14.43 -2.28 -12.01
C GLY A 85 13.34 -2.39 -10.95
N ALA A 86 12.63 -1.29 -10.72
CA ALA A 86 11.56 -1.27 -9.73
C ALA A 86 10.35 -0.50 -10.24
N GLY A 87 9.30 -1.22 -10.62
CA GLY A 87 8.10 -0.58 -11.12
C GLY A 87 7.70 0.62 -10.30
N PRO A 88 6.85 1.49 -10.88
CA PRO A 88 6.36 2.70 -10.21
C PRO A 88 5.40 2.38 -9.07
N PHE A 89 4.88 3.42 -8.44
CA PHE A 89 3.94 3.25 -7.33
C PHE A 89 2.51 3.49 -7.79
N SER A 90 1.57 2.83 -7.12
CA SER A 90 0.15 2.96 -7.46
C SER A 90 -0.41 4.27 -6.93
N GLU A 91 -1.69 4.51 -7.20
CA GLU A 91 -2.36 5.73 -6.75
C GLU A 91 -2.45 5.76 -5.23
N VAL A 92 -1.75 6.71 -4.62
CA VAL A 92 -1.74 6.86 -3.17
C VAL A 92 -3.16 6.78 -2.61
N VAL A 93 -3.44 5.73 -1.86
CA VAL A 93 -4.76 5.54 -1.26
C VAL A 93 -4.80 6.10 0.16
N ALA A 94 -5.54 7.19 0.33
CA ALA A 94 -5.67 7.81 1.64
C ALA A 94 -6.69 7.09 2.51
N CYS A 95 -6.52 7.17 3.82
CA CYS A 95 -7.43 6.51 4.75
C CYS A 95 -7.30 7.11 6.16
N VAL A 96 -8.42 7.52 6.73
CA VAL A 96 -8.42 8.10 8.07
C VAL A 96 -9.18 7.22 9.05
N THR A 97 -8.45 6.63 10.00
CA THR A 97 -9.06 5.77 11.00
C THR A 97 -10.14 6.49 11.78
N PRO A 98 -11.15 5.74 12.23
CA PRO A 98 -12.28 6.29 12.99
C PRO A 98 -11.86 6.73 14.39
N PRO A 99 -12.53 7.77 14.90
CA PRO A 99 -12.25 8.31 16.24
C PRO A 99 -12.68 7.35 17.35
N SER A 100 -11.84 7.22 18.38
CA SER A 100 -12.13 6.34 19.50
C SER A 100 -12.66 7.13 20.68
N SER A 101 -13.99 7.23 20.78
CA SER A 101 -14.63 7.96 21.86
C SER A 101 -15.41 7.02 22.77
N GLY A 102 -14.82 6.67 23.91
CA GLY A 102 -15.47 5.78 24.84
C GLY A 102 -15.65 4.38 24.29
N PRO A 103 -15.57 3.37 25.17
CA PRO A 103 -15.71 1.97 24.77
C PRO A 103 -17.15 1.63 24.36
N SER A 104 -17.35 1.44 23.05
CA SER A 104 -18.66 1.11 22.53
C SER A 104 -18.57 -0.03 21.52
N SER A 105 -18.87 -1.24 21.98
CA SER A 105 -18.82 -2.43 21.13
C SER A 105 -20.06 -3.29 21.32
N GLY A 106 -20.35 -4.12 20.33
CA GLY A 106 -21.51 -4.99 20.41
C GLY A 106 -21.45 -6.13 19.41
N GLY A 1 3.93 -8.48 -30.78
CA GLY A 1 5.23 -8.27 -30.17
C GLY A 1 5.44 -6.83 -29.76
N SER A 2 6.03 -6.63 -28.58
CA SER A 2 6.29 -5.28 -28.08
C SER A 2 7.58 -4.72 -28.66
N SER A 3 7.68 -3.40 -28.71
CA SER A 3 8.86 -2.73 -29.25
C SER A 3 9.88 -2.47 -28.15
N GLY A 4 9.48 -1.68 -27.15
CA GLY A 4 10.38 -1.36 -26.06
C GLY A 4 9.64 -1.11 -24.76
N SER A 5 9.29 -2.19 -24.06
CA SER A 5 8.58 -2.10 -22.80
C SER A 5 9.37 -2.74 -21.67
N SER A 6 10.07 -1.92 -20.90
CA SER A 6 10.88 -2.40 -19.79
C SER A 6 10.13 -2.25 -18.47
N GLY A 7 9.43 -3.30 -18.07
CA GLY A 7 8.68 -3.27 -16.83
C GLY A 7 7.20 -3.54 -17.04
N PRO A 8 6.54 -4.05 -15.99
CA PRO A 8 5.11 -4.37 -16.04
C PRO A 8 4.24 -3.12 -16.09
N ASP A 9 2.93 -3.32 -16.22
CA ASP A 9 1.99 -2.21 -16.29
C ASP A 9 1.72 -1.64 -14.90
N GLN A 10 1.23 -0.41 -14.85
CA GLN A 10 0.92 0.25 -13.59
C GLN A 10 0.19 -0.70 -12.65
N CYS A 11 0.26 -0.43 -11.36
CA CYS A 11 -0.41 -1.25 -10.36
C CYS A 11 -1.60 -0.52 -9.74
N LYS A 12 -2.73 -1.21 -9.65
CA LYS A 12 -3.94 -0.63 -9.09
C LYS A 12 -3.79 -0.41 -7.59
N PRO A 13 -4.52 0.58 -7.05
CA PRO A 13 -4.48 0.91 -5.62
C PRO A 13 -5.13 -0.17 -4.76
N PRO A 14 -4.49 -0.49 -3.63
CA PRO A 14 -5.00 -1.50 -2.70
C PRO A 14 -6.26 -1.05 -1.97
N GLN A 15 -6.98 -2.00 -1.38
CA GLN A 15 -8.20 -1.70 -0.66
C GLN A 15 -7.96 -1.72 0.84
N VAL A 16 -8.01 -0.54 1.45
CA VAL A 16 -7.80 -0.41 2.89
C VAL A 16 -9.07 -0.74 3.66
N THR A 17 -8.99 -1.76 4.51
CA THR A 17 -10.13 -2.19 5.31
C THR A 17 -9.89 -1.92 6.79
N CYS A 18 -10.29 -0.74 7.24
CA CYS A 18 -10.13 -0.36 8.64
C CYS A 18 -10.74 -1.41 9.56
N ARG A 19 -9.90 -2.02 10.39
CA ARG A 19 -10.35 -3.04 11.33
C ARG A 19 -10.86 -2.41 12.62
N SER A 20 -10.13 -1.41 13.11
CA SER A 20 -10.49 -0.72 14.34
C SER A 20 -9.91 0.69 14.36
N ALA A 21 -10.10 1.37 15.49
CA ALA A 21 -9.60 2.74 15.64
C ALA A 21 -8.09 2.79 15.43
N THR A 22 -7.40 1.73 15.83
CA THR A 22 -5.95 1.66 15.68
C THR A 22 -5.54 0.42 14.89
N CYS A 23 -6.44 -0.04 14.02
CA CYS A 23 -6.16 -1.22 13.20
C CYS A 23 -6.56 -0.98 11.74
N ALA A 24 -5.83 -1.59 10.83
CA ALA A 24 -6.10 -1.45 9.41
C ALA A 24 -5.55 -2.63 8.61
N GLN A 25 -6.06 -2.81 7.39
CA GLN A 25 -5.61 -3.90 6.54
C GLN A 25 -5.51 -3.45 5.08
N VAL A 26 -4.46 -3.89 4.41
CA VAL A 26 -4.24 -3.53 3.01
C VAL A 26 -4.26 -4.76 2.11
N ASN A 27 -4.74 -4.58 0.88
CA ASN A 27 -4.81 -5.69 -0.07
C ASN A 27 -4.56 -5.18 -1.49
N TRP A 28 -3.60 -5.79 -2.17
CA TRP A 28 -3.27 -5.42 -3.54
C TRP A 28 -3.28 -6.64 -4.46
N GLU A 29 -2.95 -6.41 -5.72
CA GLU A 29 -2.93 -7.49 -6.71
C GLU A 29 -1.79 -7.29 -7.70
N VAL A 30 -1.58 -8.30 -8.55
CA VAL A 30 -0.51 -8.23 -9.55
C VAL A 30 -1.06 -7.77 -10.90
N PRO A 31 -0.34 -6.84 -11.55
CA PRO A 31 -0.74 -6.31 -12.85
C PRO A 31 -0.59 -7.33 -13.97
N LEU A 32 -1.01 -6.95 -15.18
CA LEU A 32 -0.92 -7.84 -16.32
C LEU A 32 0.52 -8.00 -16.78
N SER A 33 1.22 -8.96 -16.18
CA SER A 33 2.62 -9.21 -16.53
C SER A 33 2.86 -10.71 -16.71
N ASN A 34 3.27 -11.08 -17.92
CA ASN A 34 3.54 -12.47 -18.24
C ASN A 34 5.05 -12.73 -18.37
N GLY A 35 5.72 -11.89 -19.16
CA GLY A 35 7.14 -12.04 -19.35
C GLY A 35 7.91 -12.00 -18.04
N THR A 36 8.28 -10.80 -17.61
CA THR A 36 9.02 -10.62 -16.37
C THR A 36 8.11 -10.76 -15.16
N ASP A 37 8.60 -11.44 -14.13
CA ASP A 37 7.83 -11.64 -12.91
C ASP A 37 8.23 -10.62 -11.84
N VAL A 38 7.29 -10.29 -10.96
CA VAL A 38 7.55 -9.34 -9.88
C VAL A 38 8.37 -9.97 -8.77
N THR A 39 9.63 -9.58 -8.68
CA THR A 39 10.53 -10.10 -7.66
C THR A 39 9.89 -10.02 -6.28
N GLU A 40 9.61 -8.80 -5.83
CA GLU A 40 8.99 -8.59 -4.52
C GLU A 40 8.06 -7.39 -4.55
N TYR A 41 7.33 -7.18 -3.45
CA TYR A 41 6.40 -6.07 -3.35
C TYR A 41 6.69 -5.24 -2.11
N ARG A 42 7.07 -3.98 -2.33
CA ARG A 42 7.38 -3.07 -1.23
C ARG A 42 6.24 -2.09 -1.00
N LEU A 43 5.56 -2.24 0.13
CA LEU A 43 4.43 -1.37 0.47
C LEU A 43 4.89 -0.23 1.39
N GLU A 44 4.67 1.00 0.94
CA GLU A 44 5.06 2.16 1.72
C GLU A 44 3.86 2.75 2.47
N TRP A 45 3.99 2.89 3.77
CA TRP A 45 2.91 3.43 4.60
C TRP A 45 3.45 4.48 5.58
N GLY A 46 2.81 5.64 5.58
CA GLY A 46 3.24 6.72 6.47
C GLY A 46 2.09 7.63 6.86
N GLY A 47 1.98 7.91 8.15
CA GLY A 47 0.92 8.78 8.64
C GLY A 47 0.66 9.95 7.71
N VAL A 48 1.65 10.81 7.55
CA VAL A 48 1.52 11.98 6.68
C VAL A 48 2.16 11.72 5.32
N GLU A 49 1.41 11.95 4.25
CA GLU A 49 1.90 11.75 2.90
C GLU A 49 3.23 12.45 2.70
N GLY A 50 3.40 13.59 3.35
CA GLY A 50 4.64 14.35 3.22
C GLY A 50 5.86 13.51 3.51
N SER A 51 5.75 12.62 4.50
CA SER A 51 6.85 11.76 4.88
C SER A 51 6.40 10.31 5.01
N MET A 52 6.66 9.51 3.99
CA MET A 52 6.28 8.11 3.99
C MET A 52 7.49 7.21 3.80
N GLN A 53 7.40 5.98 4.30
CA GLN A 53 8.49 5.02 4.19
C GLN A 53 7.96 3.59 4.07
N ILE A 54 8.86 2.65 3.83
CA ILE A 54 8.48 1.25 3.69
C ILE A 54 8.33 0.59 5.06
N CYS A 55 7.31 -0.25 5.18
CA CYS A 55 7.04 -0.95 6.44
C CYS A 55 6.99 -2.46 6.22
N TYR A 56 6.70 -2.86 4.99
CA TYR A 56 6.62 -4.28 4.65
C TYR A 56 7.28 -4.55 3.30
N CYS A 57 8.10 -5.60 3.25
CA CYS A 57 8.78 -5.97 2.03
C CYS A 57 8.76 -7.49 1.82
N GLY A 58 8.48 -7.91 0.59
CA GLY A 58 8.42 -9.32 0.29
C GLY A 58 7.44 -9.65 -0.81
N PRO A 59 7.41 -10.91 -1.23
CA PRO A 59 6.50 -11.38 -2.29
C PRO A 59 5.05 -11.40 -1.85
N GLY A 60 4.83 -11.29 -0.54
CA GLY A 60 3.48 -11.30 -0.01
C GLY A 60 2.54 -10.42 -0.80
N LEU A 61 1.24 -10.59 -0.56
CA LEU A 61 0.23 -9.80 -1.27
C LEU A 61 -0.71 -9.13 -0.28
N SER A 62 -0.86 -9.73 0.89
CA SER A 62 -1.73 -9.18 1.93
C SER A 62 -0.96 -8.93 3.22
N TYR A 63 -1.26 -7.82 3.88
CA TYR A 63 -0.60 -7.46 5.13
C TYR A 63 -1.58 -6.79 6.09
N GLU A 64 -1.33 -6.96 7.39
CA GLU A 64 -2.18 -6.37 8.41
C GLU A 64 -1.40 -5.37 9.26
N ILE A 65 -1.87 -4.12 9.29
CA ILE A 65 -1.22 -3.08 10.06
C ILE A 65 -1.95 -2.82 11.38
N LYS A 66 -1.19 -2.56 12.43
CA LYS A 66 -1.76 -2.29 13.75
C LYS A 66 -0.98 -1.21 14.48
N GLY A 67 -1.46 -0.83 15.66
CA GLY A 67 -0.79 0.20 16.43
C GLY A 67 -0.88 1.57 15.80
N LEU A 68 -2.09 1.94 15.36
CA LEU A 68 -2.31 3.23 14.72
C LEU A 68 -3.06 4.17 15.66
N SER A 69 -3.37 5.37 15.17
CA SER A 69 -4.07 6.36 15.96
C SER A 69 -5.42 6.70 15.32
N PRO A 70 -6.44 6.90 16.17
CA PRO A 70 -7.79 7.24 15.72
C PRO A 70 -7.87 8.64 15.13
N ALA A 71 -8.88 8.87 14.28
CA ALA A 71 -9.07 10.16 13.66
C ALA A 71 -7.75 10.73 13.15
N THR A 72 -7.05 9.93 12.34
CA THR A 72 -5.77 10.35 11.79
C THR A 72 -5.65 9.97 10.32
N THR A 73 -5.22 10.92 9.51
CA THR A 73 -5.06 10.68 8.07
C THR A 73 -3.87 9.78 7.79
N TYR A 74 -4.06 8.80 6.90
CA TYR A 74 -3.00 7.87 6.54
C TYR A 74 -2.91 7.71 5.03
N TYR A 75 -1.82 7.12 4.57
CA TYR A 75 -1.61 6.90 3.14
C TYR A 75 -0.80 5.63 2.90
N CYS A 76 -0.88 5.11 1.68
CA CYS A 76 -0.15 3.90 1.32
C CYS A 76 0.06 3.82 -0.19
N ARG A 77 1.18 3.22 -0.59
CA ARG A 77 1.50 3.09 -2.01
C ARG A 77 2.22 1.77 -2.27
N VAL A 78 1.72 1.02 -3.25
CA VAL A 78 2.31 -0.27 -3.60
C VAL A 78 2.75 -0.28 -5.06
N GLN A 79 3.79 -1.06 -5.36
CA GLN A 79 4.31 -1.17 -6.71
C GLN A 79 4.91 -2.54 -6.97
N ALA A 80 5.13 -2.86 -8.23
CA ALA A 80 5.70 -4.15 -8.61
C ALA A 80 7.18 -4.02 -8.97
N LEU A 81 8.02 -4.80 -8.30
CA LEU A 81 9.45 -4.77 -8.53
C LEU A 81 9.87 -5.89 -9.48
N SER A 82 10.62 -5.54 -10.52
CA SER A 82 11.08 -6.52 -11.49
C SER A 82 12.61 -6.57 -11.52
N VAL A 83 13.14 -7.37 -12.44
CA VAL A 83 14.59 -7.51 -12.58
C VAL A 83 15.15 -6.51 -13.59
N VAL A 84 14.31 -5.57 -14.00
CA VAL A 84 14.71 -4.55 -14.97
C VAL A 84 14.39 -3.16 -14.45
N GLY A 85 13.35 -3.06 -13.63
CA GLY A 85 12.97 -1.76 -13.08
C GLY A 85 11.86 -1.88 -12.05
N ALA A 86 11.66 -0.83 -11.28
CA ALA A 86 10.62 -0.81 -10.25
C ALA A 86 9.37 -0.12 -10.75
N GLY A 87 8.28 -0.88 -10.90
CA GLY A 87 7.03 -0.32 -11.37
C GLY A 87 6.64 0.93 -10.61
N PRO A 88 5.73 1.72 -11.20
CA PRO A 88 5.26 2.97 -10.59
C PRO A 88 4.38 2.71 -9.37
N PHE A 89 4.32 3.70 -8.48
CA PHE A 89 3.51 3.58 -7.26
C PHE A 89 2.05 3.93 -7.54
N SER A 90 1.16 2.98 -7.26
CA SER A 90 -0.26 3.19 -7.49
C SER A 90 -0.72 4.53 -6.93
N GLU A 91 -1.94 4.92 -7.25
CA GLU A 91 -2.49 6.19 -6.79
C GLU A 91 -2.64 6.20 -5.26
N VAL A 92 -1.85 7.04 -4.60
CA VAL A 92 -1.89 7.14 -3.15
C VAL A 92 -3.31 6.96 -2.63
N VAL A 93 -3.50 5.96 -1.78
CA VAL A 93 -4.81 5.69 -1.20
C VAL A 93 -4.94 6.31 0.18
N ALA A 94 -5.67 7.42 0.26
CA ALA A 94 -5.88 8.11 1.53
C ALA A 94 -6.95 7.41 2.38
N CYS A 95 -6.75 7.39 3.68
CA CYS A 95 -7.69 6.75 4.60
C CYS A 95 -7.53 7.30 6.01
N VAL A 96 -8.66 7.67 6.62
CA VAL A 96 -8.64 8.22 7.98
C VAL A 96 -9.35 7.29 8.95
N THR A 97 -8.62 6.81 9.95
CA THR A 97 -9.19 5.91 10.95
C THR A 97 -10.32 6.59 11.71
N PRO A 98 -11.25 5.78 12.22
CA PRO A 98 -12.41 6.26 12.99
C PRO A 98 -11.99 6.82 14.36
N PRO A 99 -12.75 7.81 14.84
CA PRO A 99 -12.49 8.45 16.14
C PRO A 99 -12.80 7.51 17.30
N SER A 100 -11.91 7.51 18.31
CA SER A 100 -12.09 6.67 19.48
C SER A 100 -12.80 7.43 20.60
N SER A 101 -13.72 8.30 20.21
CA SER A 101 -14.47 9.10 21.18
C SER A 101 -15.52 8.25 21.90
N GLY A 102 -15.14 7.70 23.04
CA GLY A 102 -16.07 6.87 23.80
C GLY A 102 -15.64 5.42 23.84
N PRO A 103 -14.78 5.08 24.81
CA PRO A 103 -14.28 3.71 24.99
C PRO A 103 -15.36 2.75 25.46
N SER A 104 -15.52 1.64 24.75
CA SER A 104 -16.51 0.64 25.09
C SER A 104 -15.88 -0.74 25.23
N SER A 105 -16.66 -1.69 25.74
CA SER A 105 -16.17 -3.06 25.93
C SER A 105 -17.11 -4.06 25.26
N GLY A 106 -18.39 -3.77 25.27
CA GLY A 106 -19.37 -4.65 24.66
C GLY A 106 -20.76 -4.05 24.62
N GLY A 1 13.41 -5.07 -21.99
CA GLY A 1 12.25 -4.61 -22.74
C GLY A 1 12.50 -3.28 -23.43
N SER A 2 12.17 -3.21 -24.71
CA SER A 2 12.35 -1.98 -25.48
C SER A 2 11.04 -1.21 -25.61
N SER A 3 10.00 -1.90 -26.04
CA SER A 3 8.68 -1.28 -26.21
C SER A 3 8.27 -0.54 -24.94
N GLY A 4 7.83 0.70 -25.10
CA GLY A 4 7.41 1.50 -23.96
C GLY A 4 8.56 1.79 -23.01
N SER A 5 8.47 1.24 -21.81
CA SER A 5 9.50 1.44 -20.80
C SER A 5 9.95 0.12 -20.20
N SER A 6 11.05 0.16 -19.44
CA SER A 6 11.58 -1.04 -18.81
C SER A 6 10.87 -1.33 -17.49
N GLY A 7 9.94 -2.29 -17.53
CA GLY A 7 9.20 -2.63 -16.32
C GLY A 7 7.78 -3.05 -16.63
N PRO A 8 7.11 -3.65 -15.63
CA PRO A 8 5.72 -4.12 -15.78
C PRO A 8 4.73 -2.97 -15.87
N ASP A 9 3.45 -3.29 -15.98
CA ASP A 9 2.41 -2.28 -16.08
C ASP A 9 2.09 -1.69 -14.71
N GLN A 10 1.51 -0.49 -14.71
CA GLN A 10 1.16 0.18 -13.46
C GLN A 10 0.48 -0.79 -12.50
N CYS A 11 0.54 -0.48 -11.21
CA CYS A 11 -0.07 -1.32 -10.18
C CYS A 11 -1.32 -0.66 -9.61
N LYS A 12 -2.41 -1.41 -9.54
CA LYS A 12 -3.67 -0.90 -9.02
C LYS A 12 -3.54 -0.60 -7.52
N PRO A 13 -4.36 0.36 -7.05
CA PRO A 13 -4.37 0.75 -5.64
C PRO A 13 -4.95 -0.32 -4.74
N PRO A 14 -4.28 -0.56 -3.60
CA PRO A 14 -4.72 -1.57 -2.61
C PRO A 14 -6.01 -1.17 -1.90
N GLN A 15 -6.60 -2.12 -1.19
CA GLN A 15 -7.84 -1.86 -0.47
C GLN A 15 -7.58 -1.74 1.03
N VAL A 16 -7.84 -0.55 1.58
CA VAL A 16 -7.62 -0.30 3.00
C VAL A 16 -8.90 -0.54 3.79
N THR A 17 -8.81 -1.39 4.81
CA THR A 17 -9.95 -1.71 5.65
C THR A 17 -9.62 -1.51 7.13
N CYS A 18 -9.86 -0.30 7.62
CA CYS A 18 -9.59 0.03 9.01
C CYS A 18 -10.43 -0.84 9.95
N ARG A 19 -9.95 -2.06 10.21
CA ARG A 19 -10.65 -2.98 11.08
C ARG A 19 -11.08 -2.30 12.38
N SER A 20 -10.25 -1.37 12.84
CA SER A 20 -10.54 -0.64 14.08
C SER A 20 -9.89 0.74 14.05
N ALA A 21 -10.03 1.47 15.17
CA ALA A 21 -9.46 2.80 15.27
C ALA A 21 -7.94 2.76 15.22
N THR A 22 -7.36 1.66 15.71
CA THR A 22 -5.91 1.50 15.70
C THR A 22 -5.49 0.25 14.92
N CYS A 23 -6.35 -0.16 14.00
CA CYS A 23 -6.07 -1.34 13.18
C CYS A 23 -6.40 -1.09 11.72
N ALA A 24 -5.54 -1.55 10.83
CA ALA A 24 -5.74 -1.36 9.39
C ALA A 24 -5.15 -2.53 8.60
N GLN A 25 -5.79 -2.88 7.49
CA GLN A 25 -5.33 -3.97 6.64
C GLN A 25 -5.31 -3.56 5.18
N VAL A 26 -4.19 -3.81 4.51
CA VAL A 26 -4.05 -3.48 3.10
C VAL A 26 -4.11 -4.72 2.22
N ASN A 27 -4.56 -4.54 0.99
CA ASN A 27 -4.67 -5.66 0.05
C ASN A 27 -4.45 -5.18 -1.39
N TRP A 28 -3.39 -5.69 -2.02
CA TRP A 28 -3.07 -5.31 -3.39
C TRP A 28 -3.16 -6.52 -4.32
N GLU A 29 -2.86 -6.31 -5.59
CA GLU A 29 -2.90 -7.37 -6.58
C GLU A 29 -1.71 -7.28 -7.54
N VAL A 30 -1.57 -8.29 -8.38
CA VAL A 30 -0.48 -8.33 -9.34
C VAL A 30 -0.97 -7.97 -10.75
N PRO A 31 -0.31 -6.99 -11.37
CA PRO A 31 -0.66 -6.53 -12.72
C PRO A 31 -0.33 -7.56 -13.78
N LEU A 32 -0.71 -7.27 -15.03
CA LEU A 32 -0.46 -8.17 -16.15
C LEU A 32 0.99 -8.08 -16.59
N SER A 33 1.76 -9.14 -16.35
CA SER A 33 3.17 -9.18 -16.72
C SER A 33 3.49 -10.45 -17.50
N ASN A 34 3.60 -10.32 -18.82
CA ASN A 34 3.90 -11.45 -19.68
C ASN A 34 5.40 -11.60 -19.88
N GLY A 35 6.04 -12.39 -19.01
CA GLY A 35 7.47 -12.59 -19.11
C GLY A 35 8.14 -12.64 -17.75
N THR A 36 8.35 -11.47 -17.15
CA THR A 36 8.99 -11.37 -15.85
C THR A 36 7.95 -11.22 -14.74
N ASP A 37 8.24 -11.81 -13.58
CA ASP A 37 7.33 -11.75 -12.45
C ASP A 37 7.88 -10.80 -11.38
N VAL A 38 6.98 -10.26 -10.56
CA VAL A 38 7.37 -9.34 -9.50
C VAL A 38 8.19 -10.06 -8.43
N THR A 39 9.47 -9.71 -8.33
CA THR A 39 10.35 -10.32 -7.35
C THR A 39 9.89 -10.01 -5.92
N GLU A 40 9.57 -8.75 -5.67
CA GLU A 40 9.10 -8.33 -4.35
C GLU A 40 8.15 -7.15 -4.45
N TYR A 41 7.43 -6.87 -3.37
CA TYR A 41 6.49 -5.77 -3.34
C TYR A 41 6.79 -4.81 -2.20
N ARG A 42 7.06 -3.56 -2.53
CA ARG A 42 7.37 -2.54 -1.53
C ARG A 42 6.13 -1.75 -1.17
N LEU A 43 5.64 -1.96 0.05
CA LEU A 43 4.45 -1.25 0.53
C LEU A 43 4.81 -0.24 1.62
N GLU A 44 4.61 1.03 1.33
CA GLU A 44 4.91 2.09 2.28
C GLU A 44 3.64 2.56 2.99
N TRP A 45 3.79 2.95 4.25
CA TRP A 45 2.66 3.41 5.05
C TRP A 45 3.08 4.54 5.98
N GLY A 46 2.61 5.75 5.70
CA GLY A 46 2.95 6.89 6.53
C GLY A 46 1.79 7.85 6.70
N GLY A 47 1.55 8.27 7.93
CA GLY A 47 0.46 9.19 8.21
C GLY A 47 0.31 10.25 7.13
N VAL A 48 1.40 10.98 6.87
CA VAL A 48 1.39 12.03 5.86
C VAL A 48 2.13 11.59 4.61
N GLU A 49 1.43 11.66 3.47
CA GLU A 49 2.02 11.27 2.20
C GLU A 49 3.39 11.93 2.01
N GLY A 50 3.56 13.12 2.57
CA GLY A 50 4.81 13.83 2.45
C GLY A 50 5.98 13.04 3.00
N SER A 51 5.72 12.23 4.02
CA SER A 51 6.76 11.42 4.64
C SER A 51 6.30 9.98 4.82
N MET A 52 6.83 9.09 3.98
CA MET A 52 6.47 7.68 4.05
C MET A 52 7.72 6.81 4.15
N GLN A 53 7.53 5.57 4.58
CA GLN A 53 8.64 4.63 4.73
C GLN A 53 8.18 3.20 4.45
N ILE A 54 9.14 2.35 4.08
CA ILE A 54 8.84 0.95 3.80
C ILE A 54 8.16 0.27 4.98
N CYS A 55 6.86 0.02 4.85
CA CYS A 55 6.10 -0.62 5.91
C CYS A 55 6.20 -2.14 5.81
N TYR A 56 6.02 -2.66 4.60
CA TYR A 56 6.10 -4.09 4.37
C TYR A 56 6.78 -4.40 3.04
N CYS A 57 7.71 -5.34 3.06
CA CYS A 57 8.44 -5.73 1.86
C CYS A 57 8.47 -7.25 1.70
N GLY A 58 7.85 -7.75 0.65
CA GLY A 58 7.82 -9.18 0.40
C GLY A 58 6.90 -9.55 -0.74
N PRO A 59 6.94 -10.84 -1.13
CA PRO A 59 6.11 -11.36 -2.22
C PRO A 59 4.62 -11.40 -1.85
N GLY A 60 4.35 -11.47 -0.56
CA GLY A 60 2.97 -11.51 -0.10
C GLY A 60 2.08 -10.52 -0.82
N LEU A 61 0.77 -10.70 -0.71
CA LEU A 61 -0.19 -9.81 -1.36
C LEU A 61 -1.12 -9.17 -0.32
N SER A 62 -0.96 -9.58 0.94
CA SER A 62 -1.78 -9.04 2.01
C SER A 62 -0.94 -8.72 3.24
N TYR A 63 -1.20 -7.56 3.84
CA TYR A 63 -0.46 -7.13 5.02
C TYR A 63 -1.38 -6.41 6.00
N GLU A 64 -1.54 -7.00 7.18
CA GLU A 64 -2.39 -6.41 8.21
C GLU A 64 -1.59 -5.49 9.13
N ILE A 65 -1.86 -4.19 9.03
CA ILE A 65 -1.17 -3.21 9.86
C ILE A 65 -1.91 -2.96 11.16
N LYS A 66 -1.15 -2.68 12.22
CA LYS A 66 -1.73 -2.42 13.53
C LYS A 66 -0.93 -1.38 14.29
N GLY A 67 -1.44 -0.94 15.43
CA GLY A 67 -0.75 0.05 16.23
C GLY A 67 -0.89 1.45 15.66
N LEU A 68 -2.07 1.78 15.17
CA LEU A 68 -2.32 3.09 14.59
C LEU A 68 -3.10 3.97 15.56
N SER A 69 -3.19 5.26 15.24
CA SER A 69 -3.90 6.21 16.08
C SER A 69 -5.23 6.62 15.44
N PRO A 70 -6.26 6.79 16.28
CA PRO A 70 -7.60 7.19 15.82
C PRO A 70 -7.64 8.62 15.32
N ALA A 71 -8.56 8.90 14.40
CA ALA A 71 -8.69 10.24 13.85
C ALA A 71 -7.38 10.75 13.27
N THR A 72 -6.80 9.96 12.37
CA THR A 72 -5.52 10.32 11.75
C THR A 72 -5.47 9.86 10.30
N THR A 73 -4.99 10.72 9.43
CA THR A 73 -4.88 10.40 8.01
C THR A 73 -3.73 9.45 7.74
N TYR A 74 -3.89 8.59 6.74
CA TYR A 74 -2.87 7.62 6.39
C TYR A 74 -2.90 7.30 4.89
N TYR A 75 -1.76 6.93 4.35
CA TYR A 75 -1.66 6.60 2.93
C TYR A 75 -0.83 5.33 2.71
N CYS A 76 -0.93 4.76 1.52
CA CYS A 76 -0.20 3.55 1.19
C CYS A 76 -0.04 3.40 -0.32
N ARG A 77 1.18 3.11 -0.76
CA ARG A 77 1.47 2.94 -2.18
C ARG A 77 2.28 1.67 -2.42
N VAL A 78 1.73 0.78 -3.25
CA VAL A 78 2.41 -0.47 -3.57
C VAL A 78 2.91 -0.47 -5.00
N GLN A 79 4.09 -1.06 -5.21
CA GLN A 79 4.68 -1.13 -6.53
C GLN A 79 5.25 -2.51 -6.81
N ALA A 80 5.40 -2.85 -8.08
CA ALA A 80 5.94 -4.14 -8.48
C ALA A 80 7.40 -4.02 -8.91
N LEU A 81 8.28 -4.76 -8.23
CA LEU A 81 9.70 -4.73 -8.56
C LEU A 81 10.09 -5.96 -9.37
N SER A 82 10.89 -5.74 -10.41
CA SER A 82 11.34 -6.82 -11.28
C SER A 82 12.86 -6.94 -11.25
N VAL A 83 13.39 -7.83 -12.09
CA VAL A 83 14.83 -8.04 -12.17
C VAL A 83 15.47 -7.12 -13.21
N VAL A 84 14.63 -6.47 -14.00
CA VAL A 84 15.09 -5.56 -15.03
C VAL A 84 15.00 -4.10 -14.58
N GLY A 85 14.21 -3.87 -13.55
CA GLY A 85 14.04 -2.52 -13.03
C GLY A 85 12.94 -2.43 -11.99
N ALA A 86 12.02 -1.48 -12.20
CA ALA A 86 10.90 -1.28 -11.28
C ALA A 86 9.77 -0.52 -11.95
N GLY A 87 8.58 -0.61 -11.38
CA GLY A 87 7.43 0.07 -11.93
C GLY A 87 7.00 1.25 -11.08
N PRO A 88 6.02 2.02 -11.59
CA PRO A 88 5.50 3.20 -10.91
C PRO A 88 4.69 2.84 -9.66
N PHE A 89 4.31 3.84 -8.89
CA PHE A 89 3.53 3.62 -7.67
C PHE A 89 2.04 3.82 -7.93
N SER A 90 1.24 2.88 -7.45
CA SER A 90 -0.21 2.95 -7.64
C SER A 90 -0.76 4.28 -7.16
N GLU A 91 -2.07 4.47 -7.31
CA GLU A 91 -2.71 5.71 -6.90
C GLU A 91 -2.80 5.80 -5.37
N VAL A 92 -2.07 6.76 -4.81
CA VAL A 92 -2.05 6.96 -3.36
C VAL A 92 -3.46 6.78 -2.78
N VAL A 93 -3.61 5.77 -1.92
CA VAL A 93 -4.90 5.50 -1.29
C VAL A 93 -4.95 6.10 0.11
N ALA A 94 -5.71 7.19 0.25
CA ALA A 94 -5.85 7.85 1.55
C ALA A 94 -6.87 7.13 2.43
N CYS A 95 -6.63 7.18 3.74
CA CYS A 95 -7.52 6.53 4.70
C CYS A 95 -7.33 7.09 6.09
N VAL A 96 -8.42 7.52 6.71
CA VAL A 96 -8.36 8.09 8.06
C VAL A 96 -9.09 7.20 9.06
N THR A 97 -8.37 6.76 10.08
CA THR A 97 -8.95 5.89 11.11
C THR A 97 -10.04 6.62 11.88
N PRO A 98 -11.03 5.85 12.38
CA PRO A 98 -12.14 6.41 13.15
C PRO A 98 -11.71 6.90 14.53
N PRO A 99 -12.42 7.91 15.04
CA PRO A 99 -12.12 8.50 16.35
C PRO A 99 -12.44 7.55 17.51
N SER A 100 -11.55 7.49 18.48
CA SER A 100 -11.73 6.61 19.63
C SER A 100 -12.26 7.41 20.83
N SER A 101 -13.57 7.61 20.85
CA SER A 101 -14.21 8.34 21.93
C SER A 101 -15.60 7.80 22.23
N GLY A 102 -15.74 7.10 23.36
CA GLY A 102 -17.02 6.54 23.73
C GLY A 102 -16.88 5.37 24.70
N PRO A 103 -17.86 5.24 25.61
CA PRO A 103 -17.86 4.17 26.61
C PRO A 103 -18.11 2.79 25.99
N SER A 104 -18.76 2.78 24.83
CA SER A 104 -19.06 1.53 24.14
C SER A 104 -18.08 1.29 23.00
N SER A 105 -17.87 0.02 22.66
CA SER A 105 -16.95 -0.35 21.60
C SER A 105 -17.27 0.40 20.32
N GLY A 106 -18.56 0.44 19.96
CA GLY A 106 -18.97 1.13 18.76
C GLY A 106 -18.84 2.63 18.88
N GLY A 1 15.88 7.93 -26.78
CA GLY A 1 17.15 8.16 -27.45
C GLY A 1 18.22 7.17 -27.03
N SER A 2 18.75 7.36 -25.83
CA SER A 2 19.80 6.49 -25.31
C SER A 2 19.24 5.58 -24.21
N SER A 3 18.74 6.21 -23.14
CA SER A 3 18.18 5.47 -22.02
C SER A 3 16.81 4.89 -22.37
N GLY A 4 16.69 3.57 -22.23
CA GLY A 4 15.43 2.92 -22.54
C GLY A 4 14.72 2.41 -21.30
N SER A 5 13.45 2.77 -21.15
CA SER A 5 12.66 2.34 -20.01
C SER A 5 12.40 0.84 -20.04
N SER A 6 12.20 0.25 -18.87
CA SER A 6 11.94 -1.17 -18.78
C SER A 6 11.27 -1.52 -17.44
N GLY A 7 10.34 -2.46 -17.47
CA GLY A 7 9.65 -2.86 -16.26
C GLY A 7 8.17 -3.09 -16.49
N PRO A 8 7.48 -3.58 -15.45
CA PRO A 8 6.03 -3.86 -15.51
C PRO A 8 5.20 -2.57 -15.61
N ASP A 9 3.89 -2.74 -15.76
CA ASP A 9 2.98 -1.61 -15.85
C ASP A 9 2.65 -1.06 -14.47
N GLN A 10 2.18 0.18 -14.43
CA GLN A 10 1.81 0.82 -13.17
C GLN A 10 1.01 -0.13 -12.29
N CYS A 11 1.15 0.03 -10.98
CA CYS A 11 0.43 -0.82 -10.03
C CYS A 11 -0.88 -0.16 -9.61
N LYS A 12 -1.93 -0.96 -9.53
CA LYS A 12 -3.25 -0.46 -9.15
C LYS A 12 -3.31 -0.19 -7.64
N PRO A 13 -4.16 0.75 -7.23
CA PRO A 13 -4.33 1.11 -5.82
C PRO A 13 -5.01 0.00 -5.02
N PRO A 14 -4.37 -0.40 -3.91
CA PRO A 14 -4.90 -1.45 -3.03
C PRO A 14 -6.15 -1.00 -2.28
N GLN A 15 -6.78 -1.95 -1.59
CA GLN A 15 -7.99 -1.65 -0.83
C GLN A 15 -7.70 -1.65 0.68
N VAL A 16 -7.89 -0.50 1.32
CA VAL A 16 -7.65 -0.37 2.75
C VAL A 16 -8.92 -0.61 3.54
N THR A 17 -8.78 -1.23 4.71
CA THR A 17 -9.92 -1.51 5.57
C THR A 17 -9.59 -1.24 7.03
N CYS A 18 -10.15 -0.16 7.57
CA CYS A 18 -9.91 0.20 8.97
C CYS A 18 -10.51 -0.83 9.91
N ARG A 19 -9.81 -1.96 10.05
CA ARG A 19 -10.27 -3.03 10.93
C ARG A 19 -10.75 -2.48 12.27
N SER A 20 -10.05 -1.46 12.76
CA SER A 20 -10.40 -0.84 14.04
C SER A 20 -9.84 0.58 14.13
N ALA A 21 -10.03 1.21 15.27
CA ALA A 21 -9.54 2.57 15.50
C ALA A 21 -8.02 2.62 15.43
N THR A 22 -7.38 1.54 15.88
CA THR A 22 -5.92 1.48 15.87
C THR A 22 -5.44 0.30 15.03
N CYS A 23 -6.24 -0.10 14.06
CA CYS A 23 -5.89 -1.22 13.18
C CYS A 23 -6.30 -0.92 11.74
N ALA A 24 -5.64 -1.59 10.80
CA ALA A 24 -5.92 -1.40 9.38
C ALA A 24 -5.45 -2.60 8.56
N GLN A 25 -6.03 -2.76 7.37
CA GLN A 25 -5.67 -3.86 6.50
C GLN A 25 -5.50 -3.38 5.05
N VAL A 26 -4.58 -3.99 4.34
CA VAL A 26 -4.31 -3.62 2.95
C VAL A 26 -4.36 -4.84 2.04
N ASN A 27 -4.78 -4.64 0.80
CA ASN A 27 -4.86 -5.72 -0.17
C ASN A 27 -4.51 -5.23 -1.57
N TRP A 28 -3.59 -5.93 -2.22
CA TRP A 28 -3.16 -5.57 -3.57
C TRP A 28 -3.05 -6.81 -4.46
N GLU A 29 -2.63 -6.60 -5.70
CA GLU A 29 -2.49 -7.70 -6.65
C GLU A 29 -1.39 -7.41 -7.66
N VAL A 30 -1.06 -8.41 -8.47
CA VAL A 30 -0.02 -8.26 -9.48
C VAL A 30 -0.59 -7.74 -10.79
N PRO A 31 0.07 -6.73 -11.37
CA PRO A 31 -0.35 -6.12 -12.63
C PRO A 31 -0.15 -7.06 -13.83
N LEU A 32 -0.57 -6.61 -15.00
CA LEU A 32 -0.42 -7.41 -16.22
C LEU A 32 1.02 -7.37 -16.73
N SER A 33 1.80 -8.38 -16.36
CA SER A 33 3.20 -8.46 -16.77
C SER A 33 3.50 -9.83 -17.39
N ASN A 34 3.82 -9.82 -18.68
CA ASN A 34 4.13 -11.06 -19.39
C ASN A 34 5.63 -11.17 -19.68
N GLY A 35 6.27 -12.14 -19.05
CA GLY A 35 7.70 -12.33 -19.23
C GLY A 35 8.46 -12.43 -17.93
N THR A 36 8.71 -11.29 -17.31
CA THR A 36 9.44 -11.25 -16.04
C THR A 36 8.48 -11.24 -14.86
N ASP A 37 8.87 -11.91 -13.77
CA ASP A 37 8.04 -11.98 -12.58
C ASP A 37 8.45 -10.91 -11.57
N VAL A 38 7.48 -10.43 -10.80
CA VAL A 38 7.75 -9.40 -9.81
C VAL A 38 8.57 -9.95 -8.64
N THR A 39 9.85 -9.57 -8.61
CA THR A 39 10.75 -10.03 -7.56
C THR A 39 10.10 -9.89 -6.19
N GLU A 40 9.76 -8.67 -5.82
CA GLU A 40 9.14 -8.40 -4.53
C GLU A 40 8.18 -7.21 -4.62
N TYR A 41 7.62 -6.82 -3.48
CA TYR A 41 6.69 -5.70 -3.43
C TYR A 41 6.97 -4.81 -2.23
N ARG A 42 7.35 -3.56 -2.50
CA ARG A 42 7.64 -2.61 -1.43
C ARG A 42 6.44 -1.75 -1.12
N LEU A 43 5.81 -2.01 0.02
CA LEU A 43 4.63 -1.25 0.44
C LEU A 43 5.01 -0.15 1.43
N GLU A 44 4.85 1.10 1.01
CA GLU A 44 5.17 2.24 1.85
C GLU A 44 3.91 2.81 2.50
N TRP A 45 3.90 2.86 3.83
CA TRP A 45 2.76 3.38 4.57
C TRP A 45 3.19 4.50 5.52
N GLY A 46 2.47 5.61 5.48
CA GLY A 46 2.80 6.73 6.35
C GLY A 46 1.60 7.64 6.58
N GLY A 47 1.44 8.06 7.83
CA GLY A 47 0.33 8.94 8.18
C GLY A 47 0.14 10.05 7.16
N VAL A 48 1.23 10.69 6.77
CA VAL A 48 1.18 11.78 5.80
C VAL A 48 1.80 11.37 4.48
N GLU A 49 1.05 11.53 3.40
CA GLU A 49 1.52 11.18 2.06
C GLU A 49 2.86 11.85 1.77
N GLY A 50 3.07 13.04 2.35
CA GLY A 50 4.31 13.76 2.14
C GLY A 50 5.52 12.98 2.60
N SER A 51 5.34 12.20 3.67
CA SER A 51 6.44 11.41 4.22
C SER A 51 6.00 9.97 4.46
N MET A 52 6.43 9.07 3.58
CA MET A 52 6.07 7.65 3.70
C MET A 52 7.33 6.78 3.72
N GLN A 53 7.24 5.66 4.43
CA GLN A 53 8.37 4.74 4.53
C GLN A 53 7.92 3.30 4.31
N ILE A 54 8.88 2.43 4.01
CA ILE A 54 8.58 1.03 3.78
C ILE A 54 8.03 0.36 5.03
N CYS A 55 6.77 -0.02 4.98
CA CYS A 55 6.12 -0.67 6.12
C CYS A 55 6.30 -2.18 6.06
N TYR A 56 6.10 -2.74 4.87
CA TYR A 56 6.23 -4.18 4.68
C TYR A 56 6.86 -4.49 3.32
N CYS A 57 7.68 -5.53 3.28
CA CYS A 57 8.35 -5.93 2.05
C CYS A 57 8.32 -7.45 1.88
N GLY A 58 7.97 -7.90 0.68
CA GLY A 58 7.91 -9.32 0.41
C GLY A 58 7.00 -9.65 -0.75
N PRO A 59 7.03 -10.91 -1.20
CA PRO A 59 6.21 -11.38 -2.32
C PRO A 59 4.73 -11.45 -1.97
N GLY A 60 4.43 -11.33 -0.67
CA GLY A 60 3.05 -11.39 -0.23
C GLY A 60 2.12 -10.53 -1.08
N LEU A 61 0.83 -10.65 -0.85
CA LEU A 61 -0.15 -9.89 -1.60
C LEU A 61 -1.04 -9.06 -0.68
N SER A 62 -0.90 -9.30 0.62
CA SER A 62 -1.69 -8.59 1.63
C SER A 62 -0.93 -8.48 2.94
N TYR A 63 -0.97 -7.30 3.56
CA TYR A 63 -0.29 -7.07 4.82
C TYR A 63 -1.23 -6.47 5.84
N GLU A 64 -1.03 -6.81 7.11
CA GLU A 64 -1.86 -6.31 8.19
C GLU A 64 -1.12 -5.25 9.01
N ILE A 65 -1.73 -4.09 9.14
CA ILE A 65 -1.13 -3.00 9.90
C ILE A 65 -1.91 -2.71 11.18
N LYS A 66 -1.18 -2.54 12.28
CA LYS A 66 -1.80 -2.25 13.57
C LYS A 66 -0.97 -1.26 14.37
N GLY A 67 -1.51 -0.81 15.50
CA GLY A 67 -0.80 0.13 16.34
C GLY A 67 -0.92 1.55 15.85
N LEU A 68 -2.04 1.86 15.20
CA LEU A 68 -2.28 3.20 14.67
C LEU A 68 -3.10 4.03 15.66
N SER A 69 -3.35 5.29 15.29
CA SER A 69 -4.11 6.19 16.15
C SER A 69 -5.44 6.56 15.49
N PRO A 70 -6.48 6.70 16.32
CA PRO A 70 -7.82 7.05 15.85
C PRO A 70 -7.91 8.49 15.35
N ALA A 71 -8.88 8.77 14.48
CA ALA A 71 -9.06 10.10 13.93
C ALA A 71 -7.76 10.65 13.36
N THR A 72 -7.07 9.81 12.59
CA THR A 72 -5.81 10.20 11.97
C THR A 72 -5.73 9.74 10.53
N THR A 73 -5.24 10.62 9.65
CA THR A 73 -5.12 10.29 8.24
C THR A 73 -3.94 9.37 7.98
N TYR A 74 -4.04 8.55 6.94
CA TYR A 74 -2.98 7.61 6.60
C TYR A 74 -2.95 7.35 5.09
N TYR A 75 -1.78 6.99 4.58
CA TYR A 75 -1.63 6.71 3.16
C TYR A 75 -0.84 5.42 2.94
N CYS A 76 -1.24 4.66 1.93
CA CYS A 76 -0.57 3.40 1.61
C CYS A 76 -0.35 3.27 0.10
N ARG A 77 0.83 2.75 -0.27
CA ARG A 77 1.17 2.59 -1.67
C ARG A 77 1.89 1.26 -1.89
N VAL A 78 1.79 0.73 -3.11
CA VAL A 78 2.44 -0.53 -3.45
C VAL A 78 2.96 -0.51 -4.89
N GLN A 79 4.11 -1.15 -5.10
CA GLN A 79 4.72 -1.21 -6.43
C GLN A 79 5.27 -2.59 -6.72
N ALA A 80 5.34 -2.95 -7.99
CA ALA A 80 5.86 -4.25 -8.40
C ALA A 80 7.30 -4.14 -8.89
N LEU A 81 8.21 -4.80 -8.18
CA LEU A 81 9.62 -4.78 -8.54
C LEU A 81 10.00 -6.01 -9.36
N SER A 82 10.96 -5.85 -10.26
CA SER A 82 11.40 -6.95 -11.11
C SER A 82 12.92 -7.02 -11.15
N VAL A 83 13.44 -7.96 -11.93
CA VAL A 83 14.89 -8.13 -12.06
C VAL A 83 15.45 -7.21 -13.13
N VAL A 84 14.57 -6.52 -13.83
CA VAL A 84 14.99 -5.60 -14.89
C VAL A 84 15.00 -4.17 -14.40
N GLY A 85 14.28 -3.92 -13.30
CA GLY A 85 14.22 -2.58 -12.74
C GLY A 85 13.19 -2.46 -11.65
N ALA A 86 12.22 -1.56 -11.84
CA ALA A 86 11.17 -1.35 -10.85
C ALA A 86 10.02 -0.53 -11.44
N GLY A 87 8.84 -0.69 -10.87
CA GLY A 87 7.69 0.06 -11.36
C GLY A 87 7.30 1.20 -10.43
N PRO A 88 6.48 2.13 -10.94
CA PRO A 88 6.02 3.29 -10.18
C PRO A 88 5.04 2.91 -9.08
N PHE A 89 4.88 3.80 -8.10
CA PHE A 89 3.97 3.54 -6.99
C PHE A 89 2.53 3.79 -7.41
N SER A 90 1.65 2.85 -7.07
CA SER A 90 0.24 2.96 -7.41
C SER A 90 -0.35 4.26 -6.87
N GLU A 91 -1.59 4.54 -7.24
CA GLU A 91 -2.28 5.75 -6.79
C GLU A 91 -2.41 5.78 -5.27
N VAL A 92 -1.71 6.70 -4.64
CA VAL A 92 -1.74 6.84 -3.18
C VAL A 92 -3.17 6.74 -2.65
N VAL A 93 -3.41 5.73 -1.83
CA VAL A 93 -4.74 5.52 -1.26
C VAL A 93 -4.81 6.04 0.17
N ALA A 94 -5.44 7.20 0.34
CA ALA A 94 -5.58 7.81 1.66
C ALA A 94 -6.68 7.13 2.46
N CYS A 95 -6.57 7.20 3.79
CA CYS A 95 -7.55 6.59 4.68
C CYS A 95 -7.47 7.19 6.08
N VAL A 96 -8.63 7.49 6.66
CA VAL A 96 -8.68 8.07 8.00
C VAL A 96 -9.38 7.13 8.97
N THR A 97 -8.64 6.68 9.98
CA THR A 97 -9.18 5.77 10.98
C THR A 97 -10.31 6.43 11.76
N PRO A 98 -11.25 5.60 12.26
CA PRO A 98 -12.40 6.08 13.03
C PRO A 98 -11.99 6.61 14.40
N PRO A 99 -12.76 7.58 14.91
CA PRO A 99 -12.50 8.19 16.22
C PRO A 99 -12.78 7.24 17.38
N SER A 100 -11.90 7.24 18.37
CA SER A 100 -12.04 6.37 19.53
C SER A 100 -12.77 7.09 20.66
N SER A 101 -12.35 8.32 20.94
CA SER A 101 -12.97 9.11 22.00
C SER A 101 -13.76 10.28 21.42
N GLY A 102 -15.06 10.28 21.66
CA GLY A 102 -15.91 11.34 21.15
C GLY A 102 -17.06 11.66 22.09
N PRO A 103 -17.46 12.94 22.13
CA PRO A 103 -18.56 13.39 22.98
C PRO A 103 -19.92 12.89 22.50
N SER A 104 -19.92 12.14 21.40
CA SER A 104 -21.15 11.60 20.84
C SER A 104 -21.01 10.11 20.57
N SER A 105 -22.13 9.46 20.28
CA SER A 105 -22.14 8.02 20.01
C SER A 105 -22.82 7.73 18.68
N GLY A 106 -22.02 7.58 17.63
CA GLY A 106 -22.56 7.30 16.32
C GLY A 106 -21.53 7.46 15.22
N GLY A 1 2.28 6.66 -27.27
CA GLY A 1 2.97 5.57 -26.62
C GLY A 1 3.62 4.62 -27.62
N SER A 2 4.43 3.70 -27.12
CA SER A 2 5.12 2.74 -27.97
C SER A 2 5.31 1.41 -27.24
N SER A 3 4.79 0.34 -27.84
CA SER A 3 4.90 -0.99 -27.25
C SER A 3 6.37 -1.41 -27.13
N GLY A 4 6.75 -1.85 -25.94
CA GLY A 4 8.11 -2.28 -25.71
C GLY A 4 8.77 -1.56 -24.55
N SER A 5 8.09 -1.53 -23.41
CA SER A 5 8.61 -0.85 -22.23
C SER A 5 9.29 -1.85 -21.30
N SER A 6 10.42 -1.43 -20.74
CA SER A 6 11.18 -2.29 -19.82
C SER A 6 10.54 -2.32 -18.45
N GLY A 7 9.86 -3.41 -18.14
CA GLY A 7 9.21 -3.55 -16.85
C GLY A 7 7.71 -3.74 -16.98
N PRO A 8 7.06 -4.15 -15.86
CA PRO A 8 5.61 -4.38 -15.84
C PRO A 8 4.82 -3.09 -15.95
N ASP A 9 3.50 -3.21 -15.91
CA ASP A 9 2.62 -2.05 -16.01
C ASP A 9 2.38 -1.43 -14.64
N GLN A 10 1.93 -0.18 -14.63
CA GLN A 10 1.67 0.53 -13.38
C GLN A 10 0.94 -0.38 -12.39
N CYS A 11 1.08 -0.07 -11.10
CA CYS A 11 0.43 -0.85 -10.06
C CYS A 11 -0.94 -0.27 -9.71
N LYS A 12 -1.86 -1.15 -9.35
CA LYS A 12 -3.21 -0.73 -8.99
C LYS A 12 -3.31 -0.43 -7.49
N PRO A 13 -4.24 0.47 -7.13
CA PRO A 13 -4.46 0.85 -5.73
C PRO A 13 -5.07 -0.27 -4.90
N PRO A 14 -4.42 -0.59 -3.77
CA PRO A 14 -4.88 -1.65 -2.87
C PRO A 14 -6.16 -1.27 -2.13
N GLN A 15 -6.77 -2.24 -1.46
CA GLN A 15 -8.00 -2.00 -0.73
C GLN A 15 -7.75 -1.98 0.77
N VAL A 16 -8.04 -0.84 1.40
CA VAL A 16 -7.83 -0.68 2.83
C VAL A 16 -9.12 -0.94 3.60
N THR A 17 -9.04 -1.80 4.61
CA THR A 17 -10.19 -2.15 5.42
C THR A 17 -9.95 -1.83 6.89
N CYS A 18 -10.44 -0.68 7.34
CA CYS A 18 -10.28 -0.27 8.73
C CYS A 18 -10.87 -1.30 9.69
N ARG A 19 -10.00 -2.05 10.34
CA ARG A 19 -10.44 -3.08 11.29
C ARG A 19 -10.86 -2.45 12.61
N SER A 20 -10.17 -1.39 13.01
CA SER A 20 -10.48 -0.70 14.26
C SER A 20 -9.82 0.67 14.29
N ALA A 21 -10.01 1.39 15.40
CA ALA A 21 -9.44 2.72 15.56
C ALA A 21 -7.92 2.68 15.42
N THR A 22 -7.31 1.62 15.96
CA THR A 22 -5.86 1.48 15.91
C THR A 22 -5.47 0.25 15.09
N CYS A 23 -6.35 -0.17 14.18
CA CYS A 23 -6.09 -1.32 13.34
C CYS A 23 -6.46 -1.03 11.89
N ALA A 24 -5.73 -1.64 10.97
CA ALA A 24 -5.96 -1.45 9.54
C ALA A 24 -5.42 -2.62 8.73
N GLN A 25 -6.05 -2.88 7.59
CA GLN A 25 -5.64 -3.98 6.72
C GLN A 25 -5.56 -3.53 5.27
N VAL A 26 -4.49 -3.91 4.59
CA VAL A 26 -4.30 -3.54 3.18
C VAL A 26 -4.31 -4.76 2.29
N ASN A 27 -4.67 -4.56 1.02
CA ASN A 27 -4.73 -5.66 0.06
C ASN A 27 -4.41 -5.16 -1.35
N TRP A 28 -3.58 -5.92 -2.05
CA TRP A 28 -3.19 -5.55 -3.42
C TRP A 28 -3.21 -6.76 -4.34
N GLU A 29 -2.85 -6.56 -5.60
CA GLU A 29 -2.83 -7.64 -6.58
C GLU A 29 -1.72 -7.44 -7.60
N VAL A 30 -1.51 -8.43 -8.45
CA VAL A 30 -0.48 -8.36 -9.47
C VAL A 30 -1.06 -7.89 -10.80
N PRO A 31 -0.34 -6.98 -11.47
CA PRO A 31 -0.75 -6.43 -12.77
C PRO A 31 -0.68 -7.46 -13.88
N LEU A 32 -0.71 -6.99 -15.12
CA LEU A 32 -0.64 -7.86 -16.29
C LEU A 32 0.69 -7.68 -17.02
N SER A 33 1.69 -8.44 -16.61
CA SER A 33 3.01 -8.37 -17.23
C SER A 33 3.26 -9.59 -18.10
N ASN A 34 3.44 -9.35 -19.41
CA ASN A 34 3.70 -10.43 -20.35
C ASN A 34 5.19 -10.57 -20.63
N GLY A 35 5.92 -11.07 -19.64
CA GLY A 35 7.36 -11.23 -19.80
C GLY A 35 8.05 -11.55 -18.49
N THR A 36 8.09 -10.56 -17.59
CA THR A 36 8.73 -10.73 -16.30
C THR A 36 7.70 -10.78 -15.17
N ASP A 37 7.98 -11.57 -14.15
CA ASP A 37 7.08 -11.70 -13.01
C ASP A 37 7.58 -10.90 -11.82
N VAL A 38 6.67 -10.26 -11.10
CA VAL A 38 7.02 -9.45 -9.94
C VAL A 38 7.76 -10.30 -8.90
N THR A 39 8.98 -9.88 -8.57
CA THR A 39 9.79 -10.59 -7.59
C THR A 39 9.32 -10.30 -6.17
N GLU A 40 9.23 -9.01 -5.83
CA GLU A 40 8.79 -8.60 -4.50
C GLU A 40 7.87 -7.39 -4.59
N TYR A 41 7.36 -6.95 -3.44
CA TYR A 41 6.47 -5.80 -3.38
C TYR A 41 6.88 -4.85 -2.26
N ARG A 42 7.06 -3.59 -2.61
CA ARG A 42 7.44 -2.58 -1.63
C ARG A 42 6.27 -1.65 -1.31
N LEU A 43 5.63 -1.89 -0.17
CA LEU A 43 4.49 -1.07 0.25
C LEU A 43 4.89 -0.10 1.35
N GLU A 44 4.65 1.19 1.11
CA GLU A 44 4.99 2.22 2.09
C GLU A 44 3.74 2.69 2.84
N TRP A 45 3.94 3.14 4.08
CA TRP A 45 2.84 3.61 4.91
C TRP A 45 3.30 4.71 5.84
N GLY A 46 2.92 5.95 5.53
CA GLY A 46 3.31 7.07 6.36
C GLY A 46 2.12 7.95 6.74
N GLY A 47 1.93 8.15 8.03
CA GLY A 47 0.82 8.97 8.50
C GLY A 47 0.52 10.11 7.56
N VAL A 48 1.51 10.95 7.31
CA VAL A 48 1.35 12.10 6.42
C VAL A 48 1.96 11.83 5.05
N GLU A 49 1.18 12.04 4.00
CA GLU A 49 1.64 11.82 2.64
C GLU A 49 3.05 12.40 2.45
N GLY A 50 3.33 13.49 3.15
CA GLY A 50 4.64 14.12 3.04
C GLY A 50 5.77 13.19 3.45
N SER A 51 5.51 12.38 4.48
CA SER A 51 6.51 11.45 4.98
C SER A 51 6.04 10.00 4.82
N MET A 52 6.56 9.32 3.81
CA MET A 52 6.19 7.94 3.54
C MET A 52 7.42 7.04 3.58
N GLN A 53 7.25 5.84 4.14
CA GLN A 53 8.34 4.88 4.24
C GLN A 53 7.84 3.45 4.08
N ILE A 54 8.75 2.53 3.80
CA ILE A 54 8.40 1.13 3.63
C ILE A 54 8.01 0.49 4.96
N CYS A 55 6.84 -0.13 4.99
CA CYS A 55 6.36 -0.80 6.20
C CYS A 55 6.36 -2.31 6.04
N TYR A 56 6.21 -2.76 4.80
CA TYR A 56 6.19 -4.20 4.50
C TYR A 56 6.92 -4.49 3.20
N CYS A 57 7.68 -5.58 3.19
CA CYS A 57 8.43 -5.99 2.00
C CYS A 57 8.30 -7.49 1.76
N GLY A 58 7.84 -7.85 0.57
CA GLY A 58 7.69 -9.25 0.23
C GLY A 58 6.69 -9.48 -0.90
N PRO A 59 6.80 -10.63 -1.56
CA PRO A 59 5.92 -10.98 -2.67
C PRO A 59 4.49 -11.28 -2.21
N GLY A 60 4.24 -11.13 -0.92
CA GLY A 60 2.93 -11.38 -0.37
C GLY A 60 1.86 -10.55 -1.05
N LEU A 61 0.60 -10.82 -0.71
CA LEU A 61 -0.52 -10.11 -1.31
C LEU A 61 -1.52 -9.67 -0.23
N SER A 62 -1.06 -9.62 1.01
CA SER A 62 -1.90 -9.23 2.13
C SER A 62 -1.07 -8.92 3.36
N TYR A 63 -1.29 -7.75 3.95
CA TYR A 63 -0.55 -7.34 5.14
C TYR A 63 -1.46 -6.61 6.12
N GLU A 64 -1.41 -7.00 7.38
CA GLU A 64 -2.23 -6.37 8.41
C GLU A 64 -1.41 -5.36 9.23
N ILE A 65 -1.89 -4.13 9.25
CA ILE A 65 -1.20 -3.07 9.99
C ILE A 65 -1.95 -2.73 11.28
N LYS A 66 -1.20 -2.61 12.38
CA LYS A 66 -1.79 -2.28 13.67
C LYS A 66 -0.98 -1.20 14.37
N GLY A 67 -1.46 -0.78 15.54
CA GLY A 67 -0.77 0.25 16.29
C GLY A 67 -0.95 1.63 15.69
N LEU A 68 -2.15 1.92 15.22
CA LEU A 68 -2.45 3.21 14.61
C LEU A 68 -3.21 4.11 15.59
N SER A 69 -3.38 5.36 15.22
CA SER A 69 -4.08 6.33 16.07
C SER A 69 -5.40 6.74 15.42
N PRO A 70 -6.43 6.94 16.26
CA PRO A 70 -7.76 7.36 15.79
C PRO A 70 -7.78 8.79 15.26
N ALA A 71 -8.65 9.05 14.30
CA ALA A 71 -8.78 10.38 13.72
C ALA A 71 -7.44 10.84 13.15
N THR A 72 -6.81 9.99 12.35
CA THR A 72 -5.53 10.32 11.74
C THR A 72 -5.47 9.85 10.29
N THR A 73 -5.01 10.74 9.40
CA THR A 73 -4.91 10.42 7.99
C THR A 73 -3.71 9.53 7.71
N TYR A 74 -3.85 8.64 6.74
CA TYR A 74 -2.77 7.72 6.37
C TYR A 74 -2.74 7.50 4.86
N TYR A 75 -1.58 7.08 4.36
CA TYR A 75 -1.41 6.83 2.94
C TYR A 75 -0.59 5.57 2.70
N CYS A 76 -0.91 4.86 1.62
CA CYS A 76 -0.20 3.63 1.27
C CYS A 76 -0.05 3.49 -0.23
N ARG A 77 1.14 3.10 -0.68
CA ARG A 77 1.41 2.93 -2.11
C ARG A 77 2.23 1.66 -2.36
N VAL A 78 1.73 0.82 -3.27
CA VAL A 78 2.42 -0.42 -3.60
C VAL A 78 2.99 -0.37 -5.01
N GLN A 79 4.20 -0.89 -5.16
CA GLN A 79 4.86 -0.91 -6.47
C GLN A 79 5.35 -2.31 -6.80
N ALA A 80 5.63 -2.54 -8.09
CA ALA A 80 6.11 -3.84 -8.55
C ALA A 80 7.59 -3.79 -8.89
N LEU A 81 8.34 -4.76 -8.39
CA LEU A 81 9.78 -4.82 -8.64
C LEU A 81 10.12 -6.01 -9.52
N SER A 82 11.11 -5.84 -10.39
CA SER A 82 11.53 -6.91 -11.29
C SER A 82 13.05 -7.05 -11.27
N VAL A 83 13.56 -7.95 -12.11
CA VAL A 83 15.00 -8.19 -12.20
C VAL A 83 15.65 -7.28 -13.22
N VAL A 84 14.85 -6.40 -13.83
CA VAL A 84 15.35 -5.47 -14.83
C VAL A 84 15.12 -4.03 -14.41
N GLY A 85 14.15 -3.82 -13.53
CA GLY A 85 13.84 -2.49 -13.05
C GLY A 85 12.80 -2.48 -11.94
N ALA A 86 12.31 -1.30 -11.60
CA ALA A 86 11.32 -1.16 -10.55
C ALA A 86 10.11 -0.36 -11.04
N GLY A 87 8.98 -1.04 -11.23
CA GLY A 87 7.79 -0.37 -11.69
C GLY A 87 7.42 0.82 -10.84
N PRO A 88 6.56 1.70 -11.38
CA PRO A 88 6.11 2.91 -10.67
C PRO A 88 5.21 2.58 -9.49
N PHE A 89 4.68 3.62 -8.84
CA PHE A 89 3.80 3.44 -7.69
C PHE A 89 2.34 3.64 -8.10
N SER A 90 1.45 2.89 -7.46
CA SER A 90 0.03 2.97 -7.75
C SER A 90 -0.57 4.27 -7.22
N GLU A 91 -1.86 4.46 -7.44
CA GLU A 91 -2.55 5.66 -6.99
C GLU A 91 -2.61 5.71 -5.46
N VAL A 92 -1.99 6.72 -4.88
CA VAL A 92 -1.99 6.89 -3.44
C VAL A 92 -3.38 6.71 -2.86
N VAL A 93 -3.54 5.71 -2.00
CA VAL A 93 -4.82 5.43 -1.38
C VAL A 93 -4.88 5.98 0.05
N ALA A 94 -5.54 7.12 0.21
CA ALA A 94 -5.67 7.75 1.52
C ALA A 94 -6.69 7.02 2.39
N CYS A 95 -6.48 7.04 3.69
CA CYS A 95 -7.39 6.39 4.63
C CYS A 95 -7.28 7.01 6.02
N VAL A 96 -8.42 7.40 6.58
CA VAL A 96 -8.45 8.01 7.91
C VAL A 96 -9.16 7.10 8.90
N THR A 97 -8.43 6.68 9.94
CA THR A 97 -8.99 5.81 10.96
C THR A 97 -10.10 6.51 11.73
N PRO A 98 -11.09 5.74 12.21
CA PRO A 98 -12.21 6.27 12.97
C PRO A 98 -11.80 6.75 14.36
N PRO A 99 -12.49 7.78 14.86
CA PRO A 99 -12.22 8.36 16.17
C PRO A 99 -12.61 7.42 17.31
N SER A 100 -11.76 7.35 18.33
CA SER A 100 -12.02 6.48 19.48
C SER A 100 -12.66 7.27 20.62
N SER A 101 -11.99 8.36 21.02
CA SER A 101 -12.49 9.19 22.10
C SER A 101 -13.75 9.94 21.68
N GLY A 102 -14.90 9.43 22.10
CA GLY A 102 -16.16 10.05 21.76
C GLY A 102 -17.30 9.61 22.65
N PRO A 103 -18.35 10.44 22.75
CA PRO A 103 -19.53 10.14 23.58
C PRO A 103 -20.35 9.00 23.00
N SER A 104 -19.93 8.47 21.86
CA SER A 104 -20.65 7.38 21.21
C SER A 104 -20.19 6.03 21.76
N SER A 105 -18.87 5.87 21.90
CA SER A 105 -18.30 4.63 22.41
C SER A 105 -18.22 4.65 23.93
N GLY A 106 -19.05 3.85 24.57
CA GLY A 106 -19.05 3.79 26.02
C GLY A 106 -20.43 4.03 26.61
N GLY A 1 6.12 9.22 -24.47
CA GLY A 1 7.17 8.88 -23.52
C GLY A 1 8.00 7.69 -23.98
N SER A 2 7.55 6.49 -23.64
CA SER A 2 8.26 5.28 -24.01
C SER A 2 7.30 4.22 -24.54
N SER A 3 7.76 3.44 -25.52
CA SER A 3 6.93 2.41 -26.13
C SER A 3 7.33 1.02 -25.62
N GLY A 4 6.44 0.40 -24.86
CA GLY A 4 6.72 -0.92 -24.31
C GLY A 4 8.14 -1.04 -23.80
N SER A 5 8.47 -0.24 -22.80
CA SER A 5 9.81 -0.26 -22.22
C SER A 5 9.95 -1.40 -21.20
N SER A 6 11.15 -1.56 -20.68
CA SER A 6 11.42 -2.62 -19.70
C SER A 6 10.76 -2.30 -18.37
N GLY A 7 9.81 -3.15 -17.97
CA GLY A 7 9.11 -2.94 -16.72
C GLY A 7 7.62 -3.15 -16.84
N PRO A 8 6.97 -3.51 -15.72
CA PRO A 8 5.53 -3.75 -15.68
C PRO A 8 4.72 -2.46 -15.84
N ASP A 9 3.41 -2.58 -15.73
CA ASP A 9 2.52 -1.43 -15.86
C ASP A 9 2.10 -0.90 -14.49
N GLN A 10 1.64 0.36 -14.46
CA GLN A 10 1.22 0.97 -13.21
C GLN A 10 0.33 0.02 -12.41
N CYS A 11 0.59 -0.07 -11.11
CA CYS A 11 -0.19 -0.94 -10.24
C CYS A 11 -1.43 -0.23 -9.73
N LYS A 12 -2.45 -1.00 -9.37
CA LYS A 12 -3.70 -0.45 -8.87
C LYS A 12 -3.62 -0.20 -7.36
N PRO A 13 -4.41 0.78 -6.88
CA PRO A 13 -4.44 1.14 -5.47
C PRO A 13 -5.10 0.06 -4.61
N PRO A 14 -4.44 -0.29 -3.50
CA PRO A 14 -4.95 -1.31 -2.57
C PRO A 14 -6.18 -0.85 -1.82
N GLN A 15 -6.94 -1.81 -1.30
CA GLN A 15 -8.15 -1.50 -0.55
C GLN A 15 -7.91 -1.57 0.95
N VAL A 16 -8.09 -0.45 1.63
CA VAL A 16 -7.89 -0.39 3.08
C VAL A 16 -9.18 -0.69 3.83
N THR A 17 -9.10 -1.60 4.80
CA THR A 17 -10.26 -1.96 5.59
C THR A 17 -10.03 -1.68 7.07
N CYS A 18 -10.54 -0.54 7.54
CA CYS A 18 -10.38 -0.15 8.93
C CYS A 18 -11.01 -1.20 9.86
N ARG A 19 -10.17 -2.09 10.36
CA ARG A 19 -10.63 -3.15 11.26
C ARG A 19 -11.03 -2.58 12.61
N SER A 20 -10.32 -1.53 13.03
CA SER A 20 -10.61 -0.89 14.31
C SER A 20 -10.01 0.52 14.35
N ALA A 21 -10.27 1.23 15.45
CA ALA A 21 -9.76 2.58 15.62
C ALA A 21 -8.24 2.62 15.50
N THR A 22 -7.59 1.55 15.94
CA THR A 22 -6.14 1.46 15.88
C THR A 22 -5.69 0.28 15.04
N CYS A 23 -6.54 -0.14 14.11
CA CYS A 23 -6.25 -1.26 13.23
C CYS A 23 -6.57 -0.92 11.78
N ALA A 24 -5.76 -1.44 10.86
CA ALA A 24 -5.95 -1.20 9.44
C ALA A 24 -5.31 -2.28 8.60
N GLN A 25 -6.05 -2.78 7.61
CA GLN A 25 -5.55 -3.84 6.74
C GLN A 25 -5.46 -3.34 5.29
N VAL A 26 -4.49 -3.88 4.55
CA VAL A 26 -4.31 -3.50 3.16
C VAL A 26 -4.39 -4.71 2.24
N ASN A 27 -4.80 -4.47 0.99
CA ASN A 27 -4.92 -5.54 0.01
C ASN A 27 -4.60 -5.04 -1.39
N TRP A 28 -3.65 -5.70 -2.05
CA TRP A 28 -3.26 -5.32 -3.40
C TRP A 28 -3.21 -6.54 -4.32
N GLU A 29 -2.82 -6.31 -5.57
CA GLU A 29 -2.73 -7.38 -6.55
C GLU A 29 -1.71 -7.06 -7.63
N VAL A 30 -1.41 -8.04 -8.48
CA VAL A 30 -0.45 -7.85 -9.56
C VAL A 30 -1.14 -7.31 -10.82
N PRO A 31 -0.55 -6.26 -11.40
CA PRO A 31 -1.09 -5.63 -12.61
C PRO A 31 -0.94 -6.51 -13.84
N LEU A 32 -1.28 -5.97 -15.00
CA LEU A 32 -1.18 -6.71 -16.25
C LEU A 32 0.19 -6.53 -16.90
N SER A 33 1.08 -7.48 -16.65
CA SER A 33 2.43 -7.43 -17.20
C SER A 33 2.63 -8.51 -18.25
N ASN A 34 2.83 -8.10 -19.50
CA ASN A 34 3.03 -9.03 -20.60
C ASN A 34 4.50 -9.09 -20.99
N GLY A 35 5.38 -9.24 -20.00
CA GLY A 35 6.79 -9.29 -20.26
C GLY A 35 7.61 -9.56 -19.01
N THR A 36 7.40 -8.74 -17.98
CA THR A 36 8.12 -8.90 -16.72
C THR A 36 7.23 -9.52 -15.66
N ASP A 37 7.83 -10.38 -14.82
CA ASP A 37 7.10 -11.05 -13.76
C ASP A 37 7.53 -10.54 -12.39
N VAL A 38 6.69 -9.74 -11.76
CA VAL A 38 6.99 -9.19 -10.45
C VAL A 38 7.43 -10.28 -9.48
N THR A 39 8.53 -10.05 -8.79
CA THR A 39 9.05 -11.02 -7.82
C THR A 39 8.92 -10.50 -6.40
N GLU A 40 8.97 -9.18 -6.25
CA GLU A 40 8.86 -8.56 -4.93
C GLU A 40 7.87 -7.39 -4.96
N TYR A 41 7.39 -7.01 -3.79
CA TYR A 41 6.43 -5.91 -3.68
C TYR A 41 6.77 -5.01 -2.49
N ARG A 42 7.10 -3.75 -2.79
CA ARG A 42 7.44 -2.79 -1.75
C ARG A 42 6.22 -1.98 -1.33
N LEU A 43 5.70 -2.26 -0.14
CA LEU A 43 4.54 -1.56 0.38
C LEU A 43 4.95 -0.43 1.31
N GLU A 44 4.65 0.80 0.93
CA GLU A 44 4.98 1.97 1.73
C GLU A 44 3.77 2.46 2.50
N TRP A 45 3.96 2.73 3.79
CA TRP A 45 2.87 3.21 4.64
C TRP A 45 3.39 4.22 5.67
N GLY A 46 2.76 5.38 5.72
CA GLY A 46 3.17 6.41 6.65
C GLY A 46 1.99 7.19 7.22
N GLY A 47 2.29 8.15 8.08
CA GLY A 47 1.23 8.95 8.69
C GLY A 47 0.63 9.94 7.71
N VAL A 48 1.45 10.88 7.26
CA VAL A 48 1.00 11.89 6.31
C VAL A 48 1.65 11.71 4.94
N GLU A 49 1.00 12.22 3.91
CA GLU A 49 1.52 12.12 2.55
C GLU A 49 2.92 12.71 2.45
N GLY A 50 3.20 13.69 3.31
CA GLY A 50 4.50 14.32 3.30
C GLY A 50 5.57 13.46 3.96
N SER A 51 5.14 12.44 4.68
CA SER A 51 6.07 11.54 5.36
C SER A 51 5.63 10.09 5.23
N MET A 52 6.32 9.33 4.38
CA MET A 52 6.00 7.93 4.16
C MET A 52 7.26 7.11 3.98
N GLN A 53 7.21 5.85 4.43
CA GLN A 53 8.36 4.96 4.32
C GLN A 53 7.91 3.51 4.19
N ILE A 54 8.83 2.64 3.78
CA ILE A 54 8.52 1.23 3.63
C ILE A 54 8.37 0.54 4.98
N CYS A 55 7.40 -0.35 5.09
CA CYS A 55 7.15 -1.08 6.33
C CYS A 55 7.13 -2.58 6.09
N TYR A 56 6.77 -2.97 4.87
CA TYR A 56 6.70 -4.38 4.50
C TYR A 56 7.41 -4.65 3.18
N CYS A 57 8.24 -5.68 3.15
CA CYS A 57 8.98 -6.04 1.94
C CYS A 57 8.95 -7.54 1.72
N GLY A 58 8.31 -7.96 0.63
CA GLY A 58 8.23 -9.38 0.32
C GLY A 58 7.26 -9.66 -0.81
N PRO A 59 7.23 -10.93 -1.27
CA PRO A 59 6.35 -11.35 -2.36
C PRO A 59 4.88 -11.36 -1.96
N GLY A 60 4.64 -11.35 -0.65
CA GLY A 60 3.27 -11.35 -0.15
C GLY A 60 2.37 -10.42 -0.94
N LEU A 61 1.06 -10.61 -0.78
CA LEU A 61 0.08 -9.76 -1.47
C LEU A 61 -0.81 -9.03 -0.48
N SER A 62 -0.83 -9.50 0.76
CA SER A 62 -1.64 -8.88 1.80
C SER A 62 -0.81 -8.63 3.05
N TYR A 63 -1.05 -7.49 3.69
CA TYR A 63 -0.32 -7.11 4.90
C TYR A 63 -1.23 -6.36 5.87
N GLU A 64 -1.23 -6.79 7.13
CA GLU A 64 -2.05 -6.15 8.15
C GLU A 64 -1.24 -5.13 8.94
N ILE A 65 -1.87 -4.03 9.30
CA ILE A 65 -1.21 -2.97 10.07
C ILE A 65 -1.99 -2.65 11.34
N LYS A 66 -1.26 -2.37 12.41
CA LYS A 66 -1.88 -2.03 13.69
C LYS A 66 -1.10 -0.93 14.40
N GLY A 67 -1.54 -0.57 15.60
CA GLY A 67 -0.88 0.48 16.36
C GLY A 67 -1.10 1.85 15.76
N LEU A 68 -2.27 2.05 15.15
CA LEU A 68 -2.60 3.33 14.53
C LEU A 68 -3.39 4.21 15.49
N SER A 69 -3.59 5.47 15.12
CA SER A 69 -4.32 6.41 15.94
C SER A 69 -5.67 6.76 15.30
N PRO A 70 -6.70 6.93 16.14
CA PRO A 70 -8.05 7.26 15.68
C PRO A 70 -8.14 8.69 15.14
N ALA A 71 -9.06 8.91 14.22
CA ALA A 71 -9.25 10.24 13.63
C ALA A 71 -7.93 10.79 13.10
N THR A 72 -7.27 10.01 12.25
CA THR A 72 -6.00 10.43 11.67
C THR A 72 -5.87 9.96 10.22
N THR A 73 -5.51 10.88 9.33
CA THR A 73 -5.35 10.57 7.92
C THR A 73 -4.11 9.71 7.68
N TYR A 74 -4.23 8.75 6.77
CA TYR A 74 -3.11 7.86 6.46
C TYR A 74 -2.98 7.68 4.94
N TYR A 75 -1.84 7.14 4.52
CA TYR A 75 -1.58 6.92 3.11
C TYR A 75 -0.79 5.63 2.89
N CYS A 76 -0.97 5.04 1.71
CA CYS A 76 -0.27 3.80 1.38
C CYS A 76 -0.01 3.70 -0.11
N ARG A 77 1.13 3.12 -0.48
CA ARG A 77 1.51 2.97 -1.88
C ARG A 77 2.28 1.68 -2.09
N VAL A 78 1.80 0.85 -3.01
CA VAL A 78 2.45 -0.42 -3.31
C VAL A 78 3.05 -0.40 -4.72
N GLN A 79 4.23 -1.00 -4.85
CA GLN A 79 4.91 -1.05 -6.14
C GLN A 79 5.32 -2.49 -6.48
N ALA A 80 5.46 -2.76 -7.78
CA ALA A 80 5.85 -4.09 -8.23
C ALA A 80 7.31 -4.12 -8.65
N LEU A 81 8.08 -5.02 -8.03
CA LEU A 81 9.50 -5.15 -8.34
C LEU A 81 9.73 -6.22 -9.40
N SER A 82 10.54 -5.89 -10.39
CA SER A 82 10.85 -6.83 -11.48
C SER A 82 12.33 -7.20 -11.47
N VAL A 83 12.70 -8.10 -12.38
CA VAL A 83 14.09 -8.55 -12.48
C VAL A 83 14.90 -7.63 -13.38
N VAL A 84 14.27 -6.56 -13.84
CA VAL A 84 14.94 -5.60 -14.72
C VAL A 84 14.96 -4.20 -14.11
N GLY A 85 14.16 -4.01 -13.07
CA GLY A 85 14.10 -2.73 -12.40
C GLY A 85 12.76 -2.48 -11.72
N ALA A 86 12.82 -2.00 -10.49
CA ALA A 86 11.60 -1.72 -9.72
C ALA A 86 10.54 -1.07 -10.60
N GLY A 87 9.29 -1.51 -10.43
CA GLY A 87 8.21 -0.96 -11.22
C GLY A 87 7.63 0.30 -10.60
N PRO A 88 6.67 0.92 -11.31
CA PRO A 88 6.01 2.15 -10.85
C PRO A 88 5.10 1.90 -9.65
N PHE A 89 4.77 2.97 -8.94
CA PHE A 89 3.90 2.86 -7.76
C PHE A 89 2.45 3.17 -8.13
N SER A 90 1.52 2.63 -7.36
CA SER A 90 0.10 2.85 -7.60
C SER A 90 -0.33 4.24 -7.14
N GLU A 91 -1.62 4.51 -7.23
CA GLU A 91 -2.16 5.81 -6.83
C GLU A 91 -2.40 5.86 -5.32
N VAL A 92 -1.64 6.71 -4.64
CA VAL A 92 -1.76 6.85 -3.19
C VAL A 92 -3.22 6.73 -2.74
N VAL A 93 -3.46 5.91 -1.73
CA VAL A 93 -4.80 5.70 -1.21
C VAL A 93 -4.95 6.30 0.18
N ALA A 94 -5.69 7.40 0.29
CA ALA A 94 -5.90 8.06 1.56
C ALA A 94 -7.04 7.40 2.34
N CYS A 95 -6.88 7.33 3.66
CA CYS A 95 -7.89 6.71 4.51
C CYS A 95 -7.77 7.22 5.94
N VAL A 96 -8.89 7.64 6.50
CA VAL A 96 -8.91 8.16 7.87
C VAL A 96 -9.56 7.17 8.83
N THR A 97 -8.90 6.92 9.96
CA THR A 97 -9.40 6.00 10.96
C THR A 97 -10.51 6.62 11.80
N PRO A 98 -11.42 5.79 12.31
CA PRO A 98 -12.54 6.24 13.14
C PRO A 98 -12.09 6.74 14.51
N PRO A 99 -12.82 7.72 15.06
CA PRO A 99 -12.51 8.31 16.36
C PRO A 99 -12.78 7.34 17.51
N SER A 100 -11.83 7.24 18.44
CA SER A 100 -11.96 6.35 19.58
C SER A 100 -12.60 7.08 20.76
N SER A 101 -13.92 6.93 20.91
CA SER A 101 -14.63 7.58 21.99
C SER A 101 -16.06 7.04 22.10
N GLY A 102 -16.73 7.36 23.20
CA GLY A 102 -18.09 6.90 23.40
C GLY A 102 -18.18 5.80 24.44
N PRO A 103 -18.24 6.19 25.72
CA PRO A 103 -18.34 5.25 26.84
C PRO A 103 -19.69 4.54 26.89
N SER A 104 -20.72 5.21 26.37
CA SER A 104 -22.07 4.65 26.37
C SER A 104 -22.04 3.18 25.98
N SER A 105 -23.00 2.43 26.50
CA SER A 105 -23.08 1.00 26.22
C SER A 105 -23.35 0.76 24.73
N GLY A 106 -23.07 -0.46 24.28
CA GLY A 106 -23.27 -0.80 22.89
C GLY A 106 -23.42 -2.29 22.66
N GLY A 1 5.74 6.00 -25.10
CA GLY A 1 6.76 5.01 -24.81
C GLY A 1 6.71 4.53 -23.36
N SER A 2 5.54 4.11 -22.93
CA SER A 2 5.35 3.63 -21.57
C SER A 2 6.13 2.32 -21.33
N SER A 3 6.18 1.89 -20.08
CA SER A 3 6.89 0.67 -19.72
C SER A 3 6.08 -0.56 -20.10
N GLY A 4 6.28 -1.05 -21.32
CA GLY A 4 5.56 -2.22 -21.79
C GLY A 4 6.46 -3.42 -21.99
N SER A 5 7.20 -3.43 -23.10
CA SER A 5 8.10 -4.53 -23.40
C SER A 5 8.97 -4.88 -22.20
N SER A 6 9.59 -3.85 -21.61
CA SER A 6 10.45 -4.04 -20.45
C SER A 6 9.75 -3.57 -19.18
N GLY A 7 9.40 -4.52 -18.31
CA GLY A 7 8.74 -4.17 -17.07
C GLY A 7 7.23 -4.39 -17.13
N PRO A 8 6.64 -4.76 -15.99
CA PRO A 8 5.20 -5.00 -15.89
C PRO A 8 4.38 -3.72 -16.03
N ASP A 9 3.06 -3.86 -15.98
CA ASP A 9 2.16 -2.72 -16.10
C ASP A 9 1.96 -2.04 -14.74
N GLN A 10 1.50 -0.79 -14.77
CA GLN A 10 1.26 -0.04 -13.55
C GLN A 10 0.56 -0.90 -12.51
N CYS A 11 0.81 -0.60 -11.24
CA CYS A 11 0.21 -1.35 -10.14
C CYS A 11 -1.10 -0.70 -9.69
N LYS A 12 -2.15 -1.50 -9.59
CA LYS A 12 -3.45 -1.01 -9.17
C LYS A 12 -3.46 -0.68 -7.68
N PRO A 13 -4.33 0.26 -7.29
CA PRO A 13 -4.46 0.68 -5.88
C PRO A 13 -5.07 -0.40 -5.00
N PRO A 14 -4.42 -0.68 -3.86
CA PRO A 14 -4.88 -1.69 -2.91
C PRO A 14 -6.16 -1.27 -2.19
N GLN A 15 -6.73 -2.20 -1.43
CA GLN A 15 -7.95 -1.92 -0.68
C GLN A 15 -7.67 -1.83 0.82
N VAL A 16 -7.89 -0.66 1.38
CA VAL A 16 -7.66 -0.45 2.81
C VAL A 16 -8.92 -0.76 3.62
N THR A 17 -8.72 -1.28 4.83
CA THR A 17 -9.84 -1.62 5.70
C THR A 17 -9.51 -1.31 7.16
N CYS A 18 -10.17 -0.29 7.70
CA CYS A 18 -9.95 0.11 9.09
C CYS A 18 -10.51 -0.94 10.06
N ARG A 19 -9.77 -2.03 10.22
CA ARG A 19 -10.18 -3.10 11.11
C ARG A 19 -10.66 -2.55 12.44
N SER A 20 -10.01 -1.48 12.90
CA SER A 20 -10.37 -0.86 14.17
C SER A 20 -9.82 0.56 14.25
N ALA A 21 -10.00 1.20 15.40
CA ALA A 21 -9.51 2.56 15.62
C ALA A 21 -8.01 2.64 15.41
N THR A 22 -7.29 1.64 15.90
CA THR A 22 -5.84 1.59 15.77
C THR A 22 -5.40 0.38 14.95
N CYS A 23 -6.30 -0.12 14.12
CA CYS A 23 -6.00 -1.28 13.29
C CYS A 23 -6.42 -1.02 11.85
N ALA A 24 -5.73 -1.68 10.91
CA ALA A 24 -6.03 -1.52 9.49
C ALA A 24 -5.53 -2.72 8.69
N GLN A 25 -6.05 -2.87 7.47
CA GLN A 25 -5.67 -3.97 6.61
C GLN A 25 -5.58 -3.52 5.15
N VAL A 26 -4.61 -4.05 4.43
CA VAL A 26 -4.43 -3.71 3.02
C VAL A 26 -4.44 -4.95 2.14
N ASN A 27 -4.76 -4.78 0.87
CA ASN A 27 -4.81 -5.88 -0.07
C ASN A 27 -4.54 -5.40 -1.50
N TRP A 28 -3.53 -5.98 -2.13
CA TRP A 28 -3.17 -5.60 -3.49
C TRP A 28 -3.18 -6.82 -4.41
N GLU A 29 -2.82 -6.61 -5.67
CA GLU A 29 -2.79 -7.69 -6.66
C GLU A 29 -1.63 -7.52 -7.62
N VAL A 30 -1.40 -8.53 -8.45
CA VAL A 30 -0.32 -8.48 -9.43
C VAL A 30 -0.86 -8.23 -10.83
N PRO A 31 -0.17 -7.37 -11.59
CA PRO A 31 -0.56 -7.02 -12.96
C PRO A 31 -0.37 -8.18 -13.93
N LEU A 32 -0.48 -7.89 -15.22
CA LEU A 32 -0.32 -8.91 -16.25
C LEU A 32 1.10 -8.90 -16.81
N SER A 33 1.87 -9.93 -16.47
CA SER A 33 3.25 -10.03 -16.94
C SER A 33 3.58 -11.47 -17.35
N ASN A 34 4.28 -11.61 -18.46
CA ASN A 34 4.65 -12.93 -18.97
C ASN A 34 6.16 -13.14 -18.87
N GLY A 35 6.92 -12.28 -19.52
CA GLY A 35 8.36 -12.40 -19.50
C GLY A 35 8.90 -12.63 -18.10
N THR A 36 8.92 -11.58 -17.29
CA THR A 36 9.41 -11.67 -15.92
C THR A 36 8.30 -11.41 -14.91
N ASP A 37 8.27 -12.20 -13.85
CA ASP A 37 7.25 -12.05 -12.82
C ASP A 37 7.76 -11.17 -11.68
N VAL A 38 6.83 -10.58 -10.93
CA VAL A 38 7.18 -9.72 -9.81
C VAL A 38 7.95 -10.48 -8.75
N THR A 39 9.13 -9.97 -8.40
CA THR A 39 9.98 -10.60 -7.39
C THR A 39 9.46 -10.32 -5.99
N GLU A 40 9.21 -9.04 -5.70
CA GLU A 40 8.71 -8.64 -4.39
C GLU A 40 7.93 -7.33 -4.48
N TYR A 41 7.21 -7.00 -3.42
CA TYR A 41 6.41 -5.78 -3.38
C TYR A 41 6.87 -4.86 -2.25
N ARG A 42 6.94 -3.57 -2.53
CA ARG A 42 7.36 -2.59 -1.54
C ARG A 42 6.21 -1.66 -1.17
N LEU A 43 5.57 -1.93 -0.03
CA LEU A 43 4.45 -1.12 0.43
C LEU A 43 4.93 -0.04 1.40
N GLU A 44 4.55 1.21 1.12
CA GLU A 44 4.94 2.34 1.97
C GLU A 44 3.73 2.91 2.68
N TRP A 45 3.82 2.99 4.01
CA TRP A 45 2.73 3.52 4.82
C TRP A 45 3.26 4.45 5.90
N GLY A 46 2.83 5.72 5.86
CA GLY A 46 3.28 6.69 6.84
C GLY A 46 2.18 7.63 7.27
N GLY A 47 2.44 8.42 8.31
CA GLY A 47 1.45 9.34 8.80
C GLY A 47 0.79 10.14 7.69
N VAL A 48 1.58 10.95 7.00
CA VAL A 48 1.07 11.77 5.90
C VAL A 48 1.75 11.41 4.59
N GLU A 49 1.10 11.75 3.47
CA GLU A 49 1.65 11.47 2.16
C GLU A 49 3.11 11.89 2.07
N GLY A 50 3.42 13.05 2.64
CA GLY A 50 4.79 13.55 2.62
C GLY A 50 5.75 12.63 3.36
N SER A 51 5.27 12.01 4.43
CA SER A 51 6.10 11.10 5.22
C SER A 51 5.68 9.65 4.99
N MET A 52 6.55 8.89 4.34
CA MET A 52 6.28 7.49 4.06
C MET A 52 7.58 6.70 3.92
N GLN A 53 7.57 5.45 4.40
CA GLN A 53 8.74 4.60 4.33
C GLN A 53 8.34 3.13 4.19
N ILE A 54 9.31 2.29 3.87
CA ILE A 54 9.07 0.86 3.71
C ILE A 54 8.56 0.24 5.00
N CYS A 55 7.26 -0.04 5.05
CA CYS A 55 6.66 -0.65 6.23
C CYS A 55 6.61 -2.16 6.11
N TYR A 56 6.40 -2.65 4.88
CA TYR A 56 6.32 -4.08 4.63
C TYR A 56 7.00 -4.43 3.32
N CYS A 57 7.78 -5.52 3.33
CA CYS A 57 8.49 -5.96 2.14
C CYS A 57 8.39 -7.48 1.97
N GLY A 58 7.87 -7.92 0.84
CA GLY A 58 7.72 -9.33 0.58
C GLY A 58 6.82 -9.62 -0.60
N PRO A 59 6.91 -10.85 -1.14
CA PRO A 59 6.10 -11.27 -2.28
C PRO A 59 4.63 -11.44 -1.92
N GLY A 60 4.30 -11.20 -0.66
CA GLY A 60 2.92 -11.33 -0.21
C GLY A 60 1.97 -10.46 -1.01
N LEU A 61 0.70 -10.81 -1.01
CA LEU A 61 -0.32 -10.05 -1.74
C LEU A 61 -1.22 -9.29 -0.77
N SER A 62 -1.19 -9.69 0.49
CA SER A 62 -2.01 -9.04 1.51
C SER A 62 -1.23 -8.85 2.81
N TYR A 63 -1.38 -7.69 3.43
CA TYR A 63 -0.69 -7.40 4.68
C TYR A 63 -1.56 -6.54 5.59
N GLU A 64 -1.47 -6.79 6.89
CA GLU A 64 -2.25 -6.05 7.88
C GLU A 64 -1.37 -5.07 8.63
N ILE A 65 -1.96 -3.95 9.05
CA ILE A 65 -1.23 -2.92 9.79
C ILE A 65 -1.92 -2.60 11.10
N LYS A 66 -1.13 -2.46 12.16
CA LYS A 66 -1.66 -2.15 13.49
C LYS A 66 -0.82 -1.08 14.18
N GLY A 67 -1.26 -0.63 15.34
CA GLY A 67 -0.54 0.37 16.08
C GLY A 67 -0.73 1.77 15.52
N LEU A 68 -1.95 2.04 15.03
CA LEU A 68 -2.27 3.34 14.46
C LEU A 68 -3.07 4.18 15.44
N SER A 69 -3.21 5.47 15.14
CA SER A 69 -3.95 6.39 16.00
C SER A 69 -5.29 6.75 15.38
N PRO A 70 -6.32 6.90 16.22
CA PRO A 70 -7.67 7.24 15.78
C PRO A 70 -7.76 8.68 15.27
N ALA A 71 -8.69 8.91 14.34
CA ALA A 71 -8.88 10.23 13.77
C ALA A 71 -7.57 10.77 13.19
N THR A 72 -6.95 9.99 12.30
CA THR A 72 -5.70 10.40 11.68
C THR A 72 -5.63 9.92 10.23
N THR A 73 -5.29 10.83 9.33
CA THR A 73 -5.19 10.50 7.92
C THR A 73 -3.93 9.69 7.62
N TYR A 74 -4.05 8.71 6.75
CA TYR A 74 -2.92 7.85 6.39
C TYR A 74 -2.89 7.60 4.89
N TYR A 75 -1.73 7.19 4.39
CA TYR A 75 -1.57 6.90 2.97
C TYR A 75 -0.75 5.64 2.75
N CYS A 76 -1.09 4.89 1.70
CA CYS A 76 -0.39 3.65 1.39
C CYS A 76 -0.20 3.50 -0.12
N ARG A 77 1.01 3.15 -0.53
CA ARG A 77 1.33 2.98 -1.93
C ARG A 77 2.11 1.69 -2.17
N VAL A 78 1.65 0.88 -3.12
CA VAL A 78 2.30 -0.38 -3.44
C VAL A 78 2.91 -0.34 -4.84
N GLN A 79 4.11 -0.91 -4.97
CA GLN A 79 4.79 -0.94 -6.26
C GLN A 79 5.27 -2.35 -6.58
N ALA A 80 5.38 -2.66 -7.87
CA ALA A 80 5.83 -3.98 -8.30
C ALA A 80 7.29 -3.93 -8.74
N LEU A 81 8.11 -4.78 -8.12
CA LEU A 81 9.53 -4.84 -8.45
C LEU A 81 9.85 -6.06 -9.28
N SER A 82 10.75 -5.90 -10.25
CA SER A 82 11.14 -7.00 -11.13
C SER A 82 12.66 -7.07 -11.26
N VAL A 83 13.13 -7.96 -12.14
CA VAL A 83 14.55 -8.12 -12.36
C VAL A 83 15.05 -7.22 -13.49
N VAL A 84 14.11 -6.64 -14.22
CA VAL A 84 14.44 -5.74 -15.32
C VAL A 84 14.32 -4.28 -14.90
N GLY A 85 13.70 -4.05 -13.75
CA GLY A 85 13.53 -2.70 -13.26
C GLY A 85 12.57 -2.64 -12.08
N ALA A 86 12.08 -1.43 -11.78
CA ALA A 86 11.15 -1.24 -10.68
C ALA A 86 9.90 -0.49 -11.14
N GLY A 87 8.82 -1.24 -11.34
CA GLY A 87 7.57 -0.65 -11.79
C GLY A 87 7.23 0.62 -11.02
N PRO A 88 6.31 1.42 -11.57
CA PRO A 88 5.89 2.68 -10.94
C PRO A 88 5.07 2.46 -9.68
N PHE A 89 4.58 3.54 -9.09
CA PHE A 89 3.78 3.46 -7.88
C PHE A 89 2.29 3.56 -8.20
N SER A 90 1.49 2.74 -7.53
CA SER A 90 0.05 2.73 -7.75
C SER A 90 -0.57 4.04 -7.27
N GLU A 91 -1.89 4.14 -7.38
CA GLU A 91 -2.61 5.35 -6.96
C GLU A 91 -2.65 5.45 -5.45
N VAL A 92 -1.98 6.45 -4.90
CA VAL A 92 -1.94 6.67 -3.46
C VAL A 92 -3.34 6.54 -2.85
N VAL A 93 -3.54 5.46 -2.09
CA VAL A 93 -4.83 5.23 -1.45
C VAL A 93 -4.83 5.72 -0.01
N ALA A 94 -5.45 6.86 0.22
CA ALA A 94 -5.52 7.45 1.56
C ALA A 94 -6.66 6.82 2.37
N CYS A 95 -6.57 6.95 3.69
CA CYS A 95 -7.59 6.40 4.57
C CYS A 95 -7.55 7.08 5.93
N VAL A 96 -8.74 7.30 6.51
CA VAL A 96 -8.84 7.94 7.82
C VAL A 96 -9.41 6.99 8.85
N THR A 97 -8.82 6.98 10.05
CA THR A 97 -9.27 6.11 11.12
C THR A 97 -10.32 6.81 11.98
N PRO A 98 -11.26 6.03 12.54
CA PRO A 98 -12.33 6.55 13.39
C PRO A 98 -11.80 7.04 14.73
N PRO A 99 -12.50 8.04 15.31
CA PRO A 99 -12.12 8.62 16.60
C PRO A 99 -12.35 7.65 17.76
N SER A 100 -11.36 7.54 18.63
CA SER A 100 -11.45 6.64 19.79
C SER A 100 -11.93 7.40 21.02
N SER A 101 -11.22 8.48 21.35
CA SER A 101 -11.56 9.29 22.52
C SER A 101 -12.75 10.19 22.22
N GLY A 102 -13.73 10.18 23.12
CA GLY A 102 -14.91 11.00 22.94
C GLY A 102 -15.40 11.61 24.24
N PRO A 103 -16.33 12.57 24.13
CA PRO A 103 -16.90 13.24 25.30
C PRO A 103 -17.80 12.32 26.13
N SER A 104 -18.29 11.27 25.49
CA SER A 104 -19.17 10.32 26.17
C SER A 104 -18.39 9.49 27.19
N SER A 105 -19.01 9.25 28.34
CA SER A 105 -18.38 8.48 29.40
C SER A 105 -18.00 7.08 28.91
N GLY A 106 -16.75 6.69 29.17
CA GLY A 106 -16.29 5.38 28.75
C GLY A 106 -15.64 4.60 29.89
N GLY A 1 -1.21 7.30 -23.12
CA GLY A 1 -1.41 5.91 -22.75
C GLY A 1 -0.51 5.49 -21.60
N SER A 2 0.45 4.62 -21.89
CA SER A 2 1.37 4.13 -20.86
C SER A 2 2.82 4.34 -21.30
N SER A 3 3.61 4.96 -20.42
CA SER A 3 5.01 5.23 -20.70
C SER A 3 5.91 4.24 -19.97
N GLY A 4 7.07 3.96 -20.56
CA GLY A 4 8.01 3.03 -19.95
C GLY A 4 8.40 1.91 -20.89
N SER A 5 9.70 1.61 -20.95
CA SER A 5 10.20 0.56 -21.82
C SER A 5 10.57 -0.68 -21.01
N SER A 6 11.45 -0.49 -20.03
CA SER A 6 11.90 -1.59 -19.18
C SER A 6 11.14 -1.60 -17.86
N GLY A 7 10.26 -2.58 -17.69
CA GLY A 7 9.49 -2.69 -16.47
C GLY A 7 8.02 -2.94 -16.74
N PRO A 8 7.31 -3.48 -15.73
CA PRO A 8 5.88 -3.78 -15.83
C PRO A 8 5.02 -2.52 -15.89
N ASP A 9 3.71 -2.71 -15.97
CA ASP A 9 2.78 -1.59 -16.04
C ASP A 9 2.42 -1.10 -14.63
N GLN A 10 1.94 0.13 -14.55
CA GLN A 10 1.57 0.73 -13.26
C GLN A 10 0.66 -0.22 -12.48
N CYS A 11 0.89 -0.31 -11.18
CA CYS A 11 0.08 -1.17 -10.31
C CYS A 11 -1.16 -0.44 -9.82
N LYS A 12 -2.19 -1.21 -9.48
CA LYS A 12 -3.44 -0.64 -8.99
C LYS A 12 -3.38 -0.42 -7.48
N PRO A 13 -4.16 0.57 -6.99
CA PRO A 13 -4.22 0.90 -5.57
C PRO A 13 -4.91 -0.19 -4.75
N PRO A 14 -4.28 -0.56 -3.62
CA PRO A 14 -4.82 -1.59 -2.72
C PRO A 14 -6.07 -1.13 -2.00
N GLN A 15 -6.79 -2.07 -1.39
CA GLN A 15 -8.00 -1.75 -0.65
C GLN A 15 -7.73 -1.70 0.85
N VAL A 16 -7.94 -0.52 1.44
CA VAL A 16 -7.71 -0.34 2.87
C VAL A 16 -8.98 -0.63 3.66
N THR A 17 -8.83 -1.33 4.78
CA THR A 17 -9.97 -1.67 5.63
C THR A 17 -9.65 -1.42 7.10
N CYS A 18 -10.24 -0.37 7.66
CA CYS A 18 -10.02 -0.02 9.06
C CYS A 18 -10.63 -1.07 9.98
N ARG A 19 -9.93 -2.18 10.16
CA ARG A 19 -10.41 -3.26 11.02
C ARG A 19 -10.77 -2.73 12.40
N SER A 20 -10.02 -1.72 12.85
CA SER A 20 -10.27 -1.13 14.17
C SER A 20 -9.69 0.28 14.24
N ALA A 21 -10.10 1.03 15.26
CA ALA A 21 -9.64 2.40 15.44
C ALA A 21 -8.12 2.49 15.30
N THR A 22 -7.43 1.45 15.78
CA THR A 22 -5.97 1.42 15.70
C THR A 22 -5.50 0.24 14.85
N CYS A 23 -6.32 -0.16 13.90
CA CYS A 23 -5.98 -1.28 13.01
C CYS A 23 -6.43 -1.00 11.58
N ALA A 24 -5.62 -1.44 10.62
CA ALA A 24 -5.93 -1.23 9.21
C ALA A 24 -5.26 -2.28 8.34
N GLN A 25 -6.05 -2.95 7.50
CA GLN A 25 -5.52 -3.99 6.62
C GLN A 25 -5.46 -3.49 5.18
N VAL A 26 -4.46 -3.97 4.43
CA VAL A 26 -4.29 -3.57 3.04
C VAL A 26 -4.24 -4.79 2.12
N ASN A 27 -4.70 -4.62 0.89
CA ASN A 27 -4.70 -5.71 -0.09
C ASN A 27 -4.39 -5.18 -1.48
N TRP A 28 -3.35 -5.73 -2.10
CA TRP A 28 -2.94 -5.31 -3.43
C TRP A 28 -2.96 -6.50 -4.39
N GLU A 29 -2.58 -6.25 -5.64
CA GLU A 29 -2.55 -7.30 -6.66
C GLU A 29 -1.56 -6.95 -7.76
N VAL A 30 -1.05 -7.99 -8.43
CA VAL A 30 -0.09 -7.80 -9.51
C VAL A 30 -0.77 -7.33 -10.78
N PRO A 31 -0.16 -6.35 -11.46
CA PRO A 31 -0.68 -5.78 -12.70
C PRO A 31 -0.62 -6.78 -13.86
N LEU A 32 -0.85 -6.27 -15.07
CA LEU A 32 -0.82 -7.11 -16.26
C LEU A 32 0.51 -6.97 -16.99
N SER A 33 1.49 -7.76 -16.58
CA SER A 33 2.82 -7.73 -17.20
C SER A 33 3.08 -9.00 -18.01
N ASN A 34 3.26 -8.83 -19.31
CA ASN A 34 3.51 -9.95 -20.20
C ASN A 34 5.00 -10.02 -20.59
N GLY A 35 5.85 -10.16 -19.59
CA GLY A 35 7.28 -10.24 -19.85
C GLY A 35 8.09 -10.50 -18.59
N THR A 36 8.22 -9.47 -17.76
CA THR A 36 8.97 -9.59 -16.52
C THR A 36 8.10 -10.14 -15.39
N ASP A 37 8.72 -10.81 -14.43
CA ASP A 37 7.99 -11.38 -13.30
C ASP A 37 8.33 -10.63 -12.02
N VAL A 38 7.28 -10.13 -11.34
CA VAL A 38 7.47 -9.38 -10.11
C VAL A 38 8.21 -10.22 -9.07
N THR A 39 9.29 -9.65 -8.53
CA THR A 39 10.09 -10.34 -7.54
C THR A 39 9.50 -10.17 -6.14
N GLU A 40 9.24 -8.93 -5.76
CA GLU A 40 8.67 -8.63 -4.45
C GLU A 40 7.74 -7.43 -4.52
N TYR A 41 7.16 -7.07 -3.37
CA TYR A 41 6.25 -5.93 -3.31
C TYR A 41 6.63 -4.99 -2.16
N ARG A 42 6.98 -3.75 -2.52
CA ARG A 42 7.37 -2.76 -1.53
C ARG A 42 6.19 -1.85 -1.17
N LEU A 43 5.57 -2.12 -0.04
CA LEU A 43 4.43 -1.32 0.41
C LEU A 43 4.87 -0.24 1.39
N GLU A 44 4.56 1.01 1.08
CA GLU A 44 4.92 2.13 1.93
C GLU A 44 3.70 2.67 2.66
N TRP A 45 3.83 2.90 3.95
CA TRP A 45 2.74 3.42 4.76
C TRP A 45 3.26 4.31 5.89
N GLY A 46 2.84 5.57 5.88
CA GLY A 46 3.28 6.50 6.91
C GLY A 46 2.19 7.48 7.31
N GLY A 47 2.41 8.19 8.42
CA GLY A 47 1.43 9.15 8.88
C GLY A 47 0.85 9.99 7.75
N VAL A 48 1.67 10.87 7.21
CA VAL A 48 1.24 11.74 6.12
C VAL A 48 2.06 11.49 4.86
N GLU A 49 1.61 12.05 3.74
CA GLU A 49 2.30 11.89 2.46
C GLU A 49 3.76 12.35 2.57
N GLY A 50 3.98 13.39 3.36
CA GLY A 50 5.32 13.92 3.52
C GLY A 50 6.22 12.98 4.31
N SER A 51 5.60 12.02 5.00
CA SER A 51 6.35 11.05 5.80
C SER A 51 5.89 9.63 5.51
N MET A 52 6.67 8.91 4.70
CA MET A 52 6.34 7.54 4.35
C MET A 52 7.62 6.70 4.18
N GLN A 53 7.55 5.45 4.62
CA GLN A 53 8.69 4.55 4.52
C GLN A 53 8.24 3.10 4.32
N ILE A 54 9.18 2.23 4.00
CA ILE A 54 8.87 0.83 3.77
C ILE A 54 8.42 0.15 5.06
N CYS A 55 7.14 -0.20 5.12
CA CYS A 55 6.58 -0.86 6.29
C CYS A 55 6.69 -2.38 6.18
N TYR A 56 6.37 -2.90 5.00
CA TYR A 56 6.43 -4.34 4.77
C TYR A 56 7.05 -4.64 3.40
N CYS A 57 7.84 -5.70 3.34
CA CYS A 57 8.49 -6.10 2.09
C CYS A 57 8.41 -7.61 1.89
N GLY A 58 8.09 -8.03 0.68
CA GLY A 58 7.99 -9.44 0.38
C GLY A 58 7.03 -9.72 -0.77
N PRO A 59 7.06 -10.97 -1.27
CA PRO A 59 6.20 -11.39 -2.37
C PRO A 59 4.73 -11.47 -1.98
N GLY A 60 4.46 -11.27 -0.70
CA GLY A 60 3.09 -11.32 -0.21
C GLY A 60 2.18 -10.38 -0.96
N LEU A 61 0.87 -10.66 -0.90
CA LEU A 61 -0.11 -9.82 -1.58
C LEU A 61 -1.07 -9.19 -0.58
N SER A 62 -0.91 -9.54 0.70
CA SER A 62 -1.76 -9.01 1.75
C SER A 62 -0.96 -8.78 3.03
N TYR A 63 -1.16 -7.63 3.65
CA TYR A 63 -0.46 -7.29 4.88
C TYR A 63 -1.36 -6.49 5.81
N GLU A 64 -1.27 -6.79 7.11
CA GLU A 64 -2.08 -6.11 8.11
C GLU A 64 -1.23 -5.09 8.88
N ILE A 65 -1.80 -3.90 9.08
CA ILE A 65 -1.09 -2.85 9.81
C ILE A 65 -1.78 -2.55 11.14
N LYS A 66 -0.98 -2.33 12.18
CA LYS A 66 -1.52 -2.03 13.50
C LYS A 66 -0.71 -0.92 14.17
N GLY A 67 -1.22 -0.42 15.29
CA GLY A 67 -0.53 0.64 16.01
C GLY A 67 -0.83 2.01 15.45
N LEU A 68 -1.99 2.15 14.83
CA LEU A 68 -2.40 3.42 14.23
C LEU A 68 -3.22 4.25 15.23
N SER A 69 -3.50 5.49 14.86
CA SER A 69 -4.27 6.38 15.72
C SER A 69 -5.62 6.73 15.08
N PRO A 70 -6.66 6.86 15.91
CA PRO A 70 -8.01 7.18 15.45
C PRO A 70 -8.12 8.61 14.94
N ALA A 71 -9.11 8.86 14.09
CA ALA A 71 -9.31 10.19 13.54
C ALA A 71 -8.02 10.76 12.96
N THR A 72 -7.28 9.93 12.25
CA THR A 72 -6.02 10.35 11.65
C THR A 72 -5.93 9.91 10.19
N THR A 73 -5.46 10.82 9.33
CA THR A 73 -5.33 10.53 7.91
C THR A 73 -4.05 9.75 7.63
N TYR A 74 -4.17 8.70 6.82
CA TYR A 74 -3.03 7.86 6.47
C TYR A 74 -2.95 7.67 4.96
N TYR A 75 -1.79 7.20 4.50
CA TYR A 75 -1.58 6.97 3.07
C TYR A 75 -0.77 5.69 2.85
N CYS A 76 -1.01 5.05 1.71
CA CYS A 76 -0.31 3.82 1.36
C CYS A 76 -0.12 3.70 -0.14
N ARG A 77 0.97 3.05 -0.54
CA ARG A 77 1.28 2.87 -1.96
C ARG A 77 2.10 1.60 -2.19
N VAL A 78 1.63 0.75 -3.09
CA VAL A 78 2.32 -0.49 -3.40
C VAL A 78 2.85 -0.48 -4.83
N GLN A 79 4.10 -0.93 -4.99
CA GLN A 79 4.72 -0.97 -6.31
C GLN A 79 5.23 -2.38 -6.62
N ALA A 80 5.46 -2.65 -7.90
CA ALA A 80 5.94 -3.96 -8.34
C ALA A 80 7.41 -3.89 -8.74
N LEU A 81 8.23 -4.71 -8.09
CA LEU A 81 9.66 -4.74 -8.38
C LEU A 81 9.99 -5.89 -9.34
N SER A 82 10.99 -5.67 -10.19
CA SER A 82 11.40 -6.67 -11.16
C SER A 82 12.92 -6.86 -11.14
N VAL A 83 13.43 -7.67 -12.05
CA VAL A 83 14.85 -7.94 -12.14
C VAL A 83 15.52 -6.97 -13.12
N VAL A 84 14.74 -6.10 -13.72
CA VAL A 84 15.25 -5.13 -14.68
C VAL A 84 15.01 -3.70 -14.20
N GLY A 85 14.31 -3.57 -13.08
CA GLY A 85 14.03 -2.27 -12.52
C GLY A 85 12.86 -2.27 -11.56
N ALA A 86 12.23 -1.12 -11.37
CA ALA A 86 11.10 -1.00 -10.47
C ALA A 86 9.95 -0.23 -11.11
N GLY A 87 8.72 -0.59 -10.76
CA GLY A 87 7.57 0.08 -11.32
C GLY A 87 7.12 1.25 -10.48
N PRO A 88 6.23 2.09 -11.05
CA PRO A 88 5.70 3.27 -10.36
C PRO A 88 4.77 2.90 -9.22
N PHE A 89 4.73 3.76 -8.20
CA PHE A 89 3.87 3.53 -7.04
C PHE A 89 2.41 3.74 -7.39
N SER A 90 1.59 2.72 -7.14
CA SER A 90 0.17 2.79 -7.43
C SER A 90 -0.43 4.09 -6.91
N GLU A 91 -1.66 4.39 -7.35
CA GLU A 91 -2.34 5.60 -6.92
C GLU A 91 -2.51 5.63 -5.40
N VAL A 92 -1.82 6.58 -4.76
CA VAL A 92 -1.90 6.71 -3.30
C VAL A 92 -3.33 6.55 -2.80
N VAL A 93 -3.51 5.65 -1.85
CA VAL A 93 -4.83 5.40 -1.28
C VAL A 93 -4.96 6.00 0.12
N ALA A 94 -5.66 7.13 0.20
CA ALA A 94 -5.86 7.81 1.47
C ALA A 94 -6.98 7.15 2.28
N CYS A 95 -6.87 7.23 3.60
CA CYS A 95 -7.87 6.63 4.49
C CYS A 95 -7.78 7.23 5.88
N VAL A 96 -8.94 7.52 6.47
CA VAL A 96 -8.98 8.09 7.82
C VAL A 96 -9.64 7.13 8.80
N THR A 97 -8.87 6.66 9.77
CA THR A 97 -9.37 5.72 10.77
C THR A 97 -10.48 6.37 11.60
N PRO A 98 -11.41 5.54 12.08
CA PRO A 98 -12.54 6.00 12.89
C PRO A 98 -12.11 6.46 14.28
N PRO A 99 -12.83 7.44 14.84
CA PRO A 99 -12.53 7.99 16.16
C PRO A 99 -12.85 7.01 17.28
N SER A 100 -11.91 6.86 18.21
CA SER A 100 -12.08 5.94 19.33
C SER A 100 -12.40 6.70 20.61
N SER A 101 -11.52 7.63 20.99
CA SER A 101 -11.72 8.43 22.20
C SER A 101 -13.18 8.78 22.38
N GLY A 102 -13.85 8.07 23.28
CA GLY A 102 -15.26 8.33 23.54
C GLY A 102 -16.17 7.59 22.58
N PRO A 103 -17.44 7.41 22.99
CA PRO A 103 -18.44 6.71 22.17
C PRO A 103 -18.83 7.50 20.93
N SER A 104 -18.96 6.79 19.81
CA SER A 104 -19.34 7.43 18.54
C SER A 104 -20.78 7.11 18.19
N SER A 105 -21.09 5.83 18.09
CA SER A 105 -22.44 5.39 17.74
C SER A 105 -23.48 6.11 18.61
N GLY A 106 -24.56 6.55 17.98
CA GLY A 106 -25.62 7.24 18.72
C GLY A 106 -26.25 8.36 17.90
N GLY A 1 12.44 8.92 -31.43
CA GLY A 1 13.22 7.78 -30.98
C GLY A 1 12.35 6.69 -30.38
N SER A 2 12.39 5.50 -30.96
CA SER A 2 11.60 4.37 -30.47
C SER A 2 12.28 3.72 -29.27
N SER A 3 11.92 4.18 -28.07
CA SER A 3 12.49 3.65 -26.85
C SER A 3 11.66 2.48 -26.33
N GLY A 4 12.06 1.27 -26.67
CA GLY A 4 11.35 0.08 -26.23
C GLY A 4 11.03 0.13 -24.75
N SER A 5 9.81 -0.29 -24.39
CA SER A 5 9.38 -0.30 -23.00
C SER A 5 9.99 -1.48 -22.25
N SER A 6 10.69 -1.20 -21.16
CA SER A 6 11.32 -2.24 -20.37
C SER A 6 10.78 -2.22 -18.93
N GLY A 7 9.72 -2.98 -18.70
CA GLY A 7 9.13 -3.04 -17.37
C GLY A 7 7.65 -3.38 -17.41
N PRO A 8 7.11 -3.79 -16.26
CA PRO A 8 5.69 -4.16 -16.14
C PRO A 8 4.78 -2.95 -16.25
N ASP A 9 3.47 -3.18 -16.07
CA ASP A 9 2.49 -2.12 -16.16
C ASP A 9 2.25 -1.49 -14.79
N GLN A 10 1.68 -0.28 -14.78
CA GLN A 10 1.40 0.43 -13.54
C GLN A 10 0.68 -0.48 -12.55
N CYS A 11 0.90 -0.24 -11.26
CA CYS A 11 0.28 -1.03 -10.22
C CYS A 11 -1.03 -0.40 -9.76
N LYS A 12 -2.02 -1.24 -9.45
CA LYS A 12 -3.32 -0.75 -9.01
C LYS A 12 -3.31 -0.47 -7.51
N PRO A 13 -4.17 0.47 -7.08
CA PRO A 13 -4.28 0.85 -5.67
C PRO A 13 -4.90 -0.25 -4.82
N PRO A 14 -4.25 -0.57 -3.68
CA PRO A 14 -4.72 -1.60 -2.76
C PRO A 14 -5.99 -1.19 -2.02
N GLN A 15 -6.68 -2.17 -1.45
CA GLN A 15 -7.91 -1.91 -0.71
C GLN A 15 -7.65 -1.86 0.79
N VAL A 16 -7.88 -0.69 1.39
CA VAL A 16 -7.68 -0.51 2.82
C VAL A 16 -8.93 -0.87 3.60
N THR A 17 -8.76 -1.54 4.74
CA THR A 17 -9.87 -1.93 5.58
C THR A 17 -9.62 -1.58 7.04
N CYS A 18 -10.04 -0.39 7.44
CA CYS A 18 -9.85 0.07 8.81
C CYS A 18 -10.45 -0.92 9.80
N ARG A 19 -9.68 -1.97 10.12
CA ARG A 19 -10.13 -2.99 11.06
C ARG A 19 -10.72 -2.36 12.31
N SER A 20 -10.04 -1.33 12.82
CA SER A 20 -10.49 -0.64 14.03
C SER A 20 -9.84 0.73 14.15
N ALA A 21 -10.18 1.45 15.21
CA ALA A 21 -9.62 2.77 15.44
C ALA A 21 -8.11 2.78 15.24
N THR A 22 -7.44 1.78 15.81
CA THR A 22 -5.99 1.67 15.70
C THR A 22 -5.60 0.41 14.95
N CYS A 23 -6.44 0.01 13.99
CA CYS A 23 -6.17 -1.18 13.19
C CYS A 23 -6.54 -0.96 11.73
N ALA A 24 -5.68 -1.43 10.83
CA ALA A 24 -5.92 -1.27 9.39
C ALA A 24 -5.32 -2.45 8.62
N GLN A 25 -5.93 -2.76 7.48
CA GLN A 25 -5.46 -3.86 6.65
C GLN A 25 -5.40 -3.44 5.18
N VAL A 26 -4.34 -3.83 4.50
CA VAL A 26 -4.16 -3.49 3.08
C VAL A 26 -4.16 -4.75 2.22
N ASN A 27 -4.52 -4.59 0.95
CA ASN A 27 -4.56 -5.71 0.01
C ASN A 27 -4.24 -5.24 -1.40
N TRP A 28 -3.36 -5.98 -2.08
CA TRP A 28 -2.96 -5.65 -3.44
C TRP A 28 -2.92 -6.89 -4.31
N GLU A 29 -2.54 -6.72 -5.58
CA GLU A 29 -2.45 -7.83 -6.51
C GLU A 29 -1.48 -7.52 -7.64
N VAL A 30 -1.20 -8.52 -8.47
CA VAL A 30 -0.27 -8.35 -9.59
C VAL A 30 -1.02 -7.90 -10.84
N PRO A 31 -0.54 -6.78 -11.42
CA PRO A 31 -1.14 -6.22 -12.63
C PRO A 31 -0.89 -7.08 -13.86
N LEU A 32 -1.42 -6.65 -15.01
CA LEU A 32 -1.26 -7.38 -16.25
C LEU A 32 0.05 -7.01 -16.94
N SER A 33 1.14 -7.67 -16.54
CA SER A 33 2.46 -7.40 -17.11
C SER A 33 2.74 -8.35 -18.26
N ASN A 34 2.76 -7.81 -19.48
CA ASN A 34 3.02 -8.60 -20.68
C ASN A 34 4.51 -8.64 -20.99
N GLY A 35 5.31 -9.04 -20.00
CA GLY A 35 6.75 -9.10 -20.19
C GLY A 35 7.47 -9.65 -18.97
N THR A 36 7.55 -8.83 -17.93
CA THR A 36 8.22 -9.24 -16.70
C THR A 36 7.21 -9.57 -15.60
N ASP A 37 7.60 -10.43 -14.68
CA ASP A 37 6.74 -10.83 -13.57
C ASP A 37 7.24 -10.24 -12.26
N VAL A 38 6.32 -9.68 -11.48
CA VAL A 38 6.66 -9.09 -10.19
C VAL A 38 7.45 -10.07 -9.32
N THR A 39 8.55 -9.61 -8.77
CA THR A 39 9.40 -10.44 -7.92
C THR A 39 9.35 -9.97 -6.47
N GLU A 40 9.15 -8.68 -6.28
CA GLU A 40 9.09 -8.10 -4.94
C GLU A 40 7.99 -7.04 -4.86
N TYR A 41 7.70 -6.60 -3.64
CA TYR A 41 6.67 -5.58 -3.41
C TYR A 41 7.04 -4.68 -2.24
N ARG A 42 7.12 -3.39 -2.51
CA ARG A 42 7.47 -2.41 -1.49
C ARG A 42 6.26 -1.54 -1.13
N LEU A 43 5.57 -1.89 -0.05
CA LEU A 43 4.41 -1.15 0.39
C LEU A 43 4.76 -0.19 1.51
N GLU A 44 4.60 1.11 1.25
CA GLU A 44 4.91 2.13 2.25
C GLU A 44 3.62 2.66 2.89
N TRP A 45 3.71 3.00 4.18
CA TRP A 45 2.57 3.52 4.92
C TRP A 45 3.00 4.63 5.88
N GLY A 46 2.51 5.83 5.64
CA GLY A 46 2.84 6.95 6.49
C GLY A 46 1.70 7.93 6.66
N GLY A 47 1.42 8.32 7.90
CA GLY A 47 0.33 9.25 8.16
C GLY A 47 0.18 10.27 7.06
N VAL A 48 1.28 10.91 6.68
CA VAL A 48 1.27 11.92 5.64
C VAL A 48 1.83 11.38 4.33
N GLU A 49 1.03 11.45 3.27
CA GLU A 49 1.46 10.97 1.96
C GLU A 49 2.80 11.57 1.56
N GLY A 50 3.08 12.76 2.06
CA GLY A 50 4.33 13.43 1.75
C GLY A 50 5.53 12.71 2.32
N SER A 51 5.30 11.94 3.38
CA SER A 51 6.37 11.20 4.04
C SER A 51 5.94 9.77 4.37
N MET A 52 6.50 8.80 3.66
CA MET A 52 6.17 7.40 3.88
C MET A 52 7.42 6.53 3.84
N GLN A 53 7.39 5.44 4.60
CA GLN A 53 8.53 4.52 4.64
C GLN A 53 8.08 3.08 4.43
N ILE A 54 9.03 2.20 4.18
CA ILE A 54 8.73 0.79 3.95
C ILE A 54 8.26 0.12 5.24
N CYS A 55 7.08 -0.50 5.18
CA CYS A 55 6.51 -1.17 6.34
C CYS A 55 6.62 -2.69 6.18
N TYR A 56 6.39 -3.17 4.96
CA TYR A 56 6.46 -4.61 4.68
C TYR A 56 7.09 -4.86 3.32
N CYS A 57 7.86 -5.94 3.23
CA CYS A 57 8.53 -6.30 1.98
C CYS A 57 8.42 -7.80 1.72
N GLY A 58 8.16 -8.16 0.46
CA GLY A 58 8.03 -9.56 0.11
C GLY A 58 7.02 -9.80 -0.98
N PRO A 59 7.00 -11.02 -1.53
CA PRO A 59 6.08 -11.40 -2.60
C PRO A 59 4.63 -11.49 -2.11
N GLY A 60 4.46 -11.45 -0.80
CA GLY A 60 3.12 -11.54 -0.22
C GLY A 60 2.15 -10.57 -0.88
N LEU A 61 0.87 -10.89 -0.80
CA LEU A 61 -0.17 -10.05 -1.40
C LEU A 61 -1.19 -9.61 -0.35
N SER A 62 -0.73 -9.51 0.90
CA SER A 62 -1.61 -9.11 1.99
C SER A 62 -0.78 -8.79 3.25
N TYR A 63 -1.08 -7.65 3.86
CA TYR A 63 -0.38 -7.23 5.07
C TYR A 63 -1.30 -6.48 6.02
N GLU A 64 -1.36 -6.95 7.26
CA GLU A 64 -2.22 -6.32 8.27
C GLU A 64 -1.44 -5.29 9.08
N ILE A 65 -1.94 -4.05 9.08
CA ILE A 65 -1.30 -2.97 9.81
C ILE A 65 -2.02 -2.69 11.12
N LYS A 66 -1.25 -2.44 12.18
CA LYS A 66 -1.83 -2.14 13.49
C LYS A 66 -1.04 -1.04 14.19
N GLY A 67 -1.48 -0.68 15.39
CA GLY A 67 -0.81 0.37 16.14
C GLY A 67 -0.99 1.74 15.52
N LEU A 68 -2.18 2.01 15.02
CA LEU A 68 -2.49 3.29 14.39
C LEU A 68 -3.25 4.19 15.34
N SER A 69 -3.36 5.47 14.99
CA SER A 69 -4.07 6.44 15.82
C SER A 69 -5.42 6.81 15.18
N PRO A 70 -6.44 6.99 16.03
CA PRO A 70 -7.78 7.36 15.57
C PRO A 70 -7.84 8.78 15.03
N ALA A 71 -8.86 9.05 14.21
CA ALA A 71 -9.04 10.37 13.63
C ALA A 71 -7.72 10.92 13.07
N THR A 72 -7.03 10.10 12.27
CA THR A 72 -5.76 10.50 11.69
C THR A 72 -5.67 10.05 10.23
N THR A 73 -5.19 10.96 9.38
CA THR A 73 -5.06 10.67 7.95
C THR A 73 -3.87 9.74 7.70
N TYR A 74 -4.08 8.77 6.81
CA TYR A 74 -3.03 7.81 6.47
C TYR A 74 -3.00 7.55 4.97
N TYR A 75 -1.89 6.99 4.50
CA TYR A 75 -1.74 6.67 3.08
C TYR A 75 -0.95 5.38 2.89
N CYS A 76 -1.08 4.79 1.70
CA CYS A 76 -0.39 3.54 1.39
C CYS A 76 -0.20 3.40 -0.11
N ARG A 77 0.99 2.95 -0.51
CA ARG A 77 1.30 2.76 -1.93
C ARG A 77 2.11 1.49 -2.14
N VAL A 78 1.82 0.78 -3.22
CA VAL A 78 2.52 -0.46 -3.54
C VAL A 78 3.11 -0.41 -4.95
N GLN A 79 4.29 -1.00 -5.11
CA GLN A 79 4.95 -1.02 -6.41
C GLN A 79 5.44 -2.42 -6.75
N ALA A 80 5.43 -2.76 -8.03
CA ALA A 80 5.87 -4.07 -8.49
C ALA A 80 7.31 -4.02 -8.99
N LEU A 81 8.17 -4.83 -8.39
CA LEU A 81 9.57 -4.89 -8.79
C LEU A 81 9.83 -6.04 -9.74
N SER A 82 10.87 -5.92 -10.56
CA SER A 82 11.23 -6.95 -11.52
C SER A 82 12.74 -7.16 -11.57
N VAL A 83 13.18 -8.03 -12.46
CA VAL A 83 14.61 -8.33 -12.61
C VAL A 83 15.24 -7.41 -13.65
N VAL A 84 14.45 -6.48 -14.19
CA VAL A 84 14.94 -5.55 -15.20
C VAL A 84 14.87 -4.11 -14.69
N GLY A 85 14.03 -3.88 -13.68
CA GLY A 85 13.89 -2.55 -13.12
C GLY A 85 12.91 -2.51 -11.97
N ALA A 86 12.00 -1.54 -12.00
CA ALA A 86 11.00 -1.40 -10.95
C ALA A 86 9.81 -0.57 -11.43
N GLY A 87 8.62 -1.15 -11.35
CA GLY A 87 7.42 -0.45 -11.78
C GLY A 87 7.10 0.74 -10.91
N PRO A 88 6.22 1.62 -11.40
CA PRO A 88 5.80 2.82 -10.67
C PRO A 88 4.93 2.48 -9.46
N PHE A 89 4.56 3.51 -8.70
CA PHE A 89 3.73 3.32 -7.52
C PHE A 89 2.26 3.55 -7.85
N SER A 90 1.42 2.58 -7.49
CA SER A 90 -0.01 2.66 -7.76
C SER A 90 -0.57 3.99 -7.25
N GLU A 91 -1.89 4.17 -7.41
CA GLU A 91 -2.55 5.39 -6.97
C GLU A 91 -2.66 5.43 -5.44
N VAL A 92 -1.99 6.39 -4.83
CA VAL A 92 -2.03 6.54 -3.38
C VAL A 92 -3.44 6.38 -2.84
N VAL A 93 -3.58 5.55 -1.82
CA VAL A 93 -4.89 5.31 -1.20
C VAL A 93 -4.95 5.89 0.21
N ALA A 94 -5.61 7.03 0.34
CA ALA A 94 -5.75 7.68 1.63
C ALA A 94 -6.85 7.04 2.47
N CYS A 95 -6.70 7.10 3.79
CA CYS A 95 -7.67 6.52 4.69
C CYS A 95 -7.55 7.12 6.09
N VAL A 96 -8.67 7.65 6.60
CA VAL A 96 -8.68 8.26 7.93
C VAL A 96 -9.42 7.38 8.93
N THR A 97 -8.69 6.86 9.91
CA THR A 97 -9.28 6.00 10.93
C THR A 97 -10.31 6.76 11.76
N PRO A 98 -11.31 6.03 12.28
CA PRO A 98 -12.38 6.62 13.10
C PRO A 98 -11.86 7.08 14.46
N PRO A 99 -12.53 8.11 15.03
CA PRO A 99 -12.16 8.66 16.32
C PRO A 99 -12.47 7.70 17.48
N SER A 100 -11.53 7.60 18.41
CA SER A 100 -11.70 6.71 19.56
C SER A 100 -12.05 7.50 20.82
N SER A 101 -11.23 8.49 21.13
CA SER A 101 -11.46 9.33 22.31
C SER A 101 -12.94 9.54 22.54
N GLY A 102 -13.39 9.23 23.76
CA GLY A 102 -14.79 9.39 24.11
C GLY A 102 -15.45 8.07 24.47
N PRO A 103 -16.78 8.03 24.35
CA PRO A 103 -17.57 6.82 24.65
C PRO A 103 -17.32 5.70 23.66
N SER A 104 -17.45 4.46 24.13
CA SER A 104 -17.25 3.30 23.27
C SER A 104 -18.42 3.12 22.30
N SER A 105 -18.14 2.54 21.14
CA SER A 105 -19.16 2.32 20.14
C SER A 105 -20.39 1.64 20.74
N GLY A 106 -20.15 0.64 21.59
CA GLY A 106 -21.24 -0.08 22.22
C GLY A 106 -20.89 -1.52 22.52
N GLY A 1 2.08 11.29 -20.32
CA GLY A 1 2.23 10.86 -18.95
C GLY A 1 3.53 10.11 -18.71
N SER A 2 3.42 8.80 -18.47
CA SER A 2 4.59 7.97 -18.22
C SER A 2 5.00 7.24 -19.49
N SER A 3 6.18 6.63 -19.45
CA SER A 3 6.71 5.89 -20.59
C SER A 3 7.67 4.80 -20.14
N GLY A 4 7.84 3.78 -20.99
CA GLY A 4 8.73 2.68 -20.66
C GLY A 4 8.39 1.41 -21.40
N SER A 5 9.41 0.69 -21.85
CA SER A 5 9.21 -0.56 -22.59
C SER A 5 9.58 -1.76 -21.73
N SER A 6 10.71 -1.66 -21.04
CA SER A 6 11.19 -2.73 -20.18
C SER A 6 10.63 -2.59 -18.77
N GLY A 7 9.72 -3.50 -18.40
CA GLY A 7 9.13 -3.46 -17.08
C GLY A 7 7.63 -3.67 -17.12
N PRO A 8 7.05 -4.02 -15.96
CA PRO A 8 5.60 -4.25 -15.83
C PRO A 8 4.79 -2.97 -15.97
N ASP A 9 3.48 -3.11 -16.06
CA ASP A 9 2.59 -1.96 -16.18
C ASP A 9 2.29 -1.34 -14.82
N GLN A 10 1.86 -0.09 -14.82
CA GLN A 10 1.53 0.61 -13.59
C GLN A 10 0.76 -0.29 -12.64
N CYS A 11 1.09 -0.22 -11.35
CA CYS A 11 0.42 -1.03 -10.34
C CYS A 11 -0.91 -0.41 -9.94
N LYS A 12 -1.85 -1.26 -9.52
CA LYS A 12 -3.17 -0.80 -9.11
C LYS A 12 -3.18 -0.44 -7.63
N PRO A 13 -4.08 0.50 -7.25
CA PRO A 13 -4.22 0.94 -5.86
C PRO A 13 -4.82 -0.14 -4.96
N PRO A 14 -4.18 -0.38 -3.82
CA PRO A 14 -4.63 -1.38 -2.85
C PRO A 14 -5.93 -0.98 -2.15
N GLN A 15 -6.66 -1.96 -1.65
CA GLN A 15 -7.92 -1.71 -0.96
C GLN A 15 -7.73 -1.72 0.55
N VAL A 16 -7.96 -0.57 1.18
CA VAL A 16 -7.81 -0.45 2.63
C VAL A 16 -9.11 -0.82 3.34
N THR A 17 -8.98 -1.44 4.51
CA THR A 17 -10.14 -1.84 5.30
C THR A 17 -9.89 -1.64 6.78
N CYS A 18 -10.52 -0.62 7.35
CA CYS A 18 -10.37 -0.31 8.77
C CYS A 18 -11.08 -1.35 9.63
N ARG A 19 -10.32 -2.01 10.49
CA ARG A 19 -10.88 -3.04 11.37
C ARG A 19 -11.22 -2.45 12.74
N SER A 20 -10.44 -1.47 13.17
CA SER A 20 -10.67 -0.82 14.46
C SER A 20 -10.02 0.56 14.49
N ALA A 21 -10.39 1.35 15.50
CA ALA A 21 -9.84 2.70 15.65
C ALA A 21 -8.31 2.68 15.58
N THR A 22 -7.71 1.61 16.11
CA THR A 22 -6.26 1.48 16.11
C THR A 22 -5.82 0.26 15.30
N CYS A 23 -6.62 -0.11 14.30
CA CYS A 23 -6.31 -1.26 13.46
C CYS A 23 -6.61 -0.94 12.00
N ALA A 24 -5.84 -1.57 11.10
CA ALA A 24 -6.02 -1.35 9.66
C ALA A 24 -5.45 -2.52 8.87
N GLN A 25 -6.02 -2.76 7.69
CA GLN A 25 -5.56 -3.85 6.83
C GLN A 25 -5.46 -3.38 5.38
N VAL A 26 -4.41 -3.81 4.69
CA VAL A 26 -4.19 -3.44 3.30
C VAL A 26 -4.25 -4.67 2.40
N ASN A 27 -4.62 -4.45 1.14
CA ASN A 27 -4.71 -5.55 0.17
C ASN A 27 -4.40 -5.05 -1.23
N TRP A 28 -3.42 -5.69 -1.87
CA TRP A 28 -3.03 -5.30 -3.23
C TRP A 28 -3.01 -6.52 -4.15
N GLU A 29 -2.63 -6.30 -5.40
CA GLU A 29 -2.58 -7.37 -6.38
C GLU A 29 -1.59 -7.05 -7.50
N VAL A 30 -1.23 -8.06 -8.28
CA VAL A 30 -0.30 -7.88 -9.39
C VAL A 30 -1.02 -7.37 -10.64
N PRO A 31 -0.39 -6.39 -11.31
CA PRO A 31 -0.95 -5.79 -12.53
C PRO A 31 -0.93 -6.75 -13.71
N LEU A 32 -1.13 -6.21 -14.90
CA LEU A 32 -1.14 -7.03 -16.12
C LEU A 32 0.21 -6.96 -16.83
N SER A 33 1.28 -7.24 -16.09
CA SER A 33 2.62 -7.20 -16.66
C SER A 33 2.90 -8.45 -17.49
N ASN A 34 2.38 -8.46 -18.71
CA ASN A 34 2.57 -9.59 -19.61
C ASN A 34 4.05 -9.81 -19.91
N GLY A 35 4.71 -10.59 -19.07
CA GLY A 35 6.13 -10.86 -19.26
C GLY A 35 6.78 -11.43 -18.01
N THR A 36 7.66 -10.64 -17.40
CA THR A 36 8.35 -11.07 -16.19
C THR A 36 7.43 -11.06 -14.98
N ASP A 37 7.73 -11.89 -14.00
CA ASP A 37 6.93 -11.97 -12.79
C ASP A 37 7.54 -11.12 -11.68
N VAL A 38 6.68 -10.40 -10.96
CA VAL A 38 7.14 -9.54 -9.87
C VAL A 38 7.96 -10.32 -8.86
N THR A 39 9.13 -9.80 -8.53
CA THR A 39 10.02 -10.45 -7.57
C THR A 39 9.63 -10.11 -6.13
N GLU A 40 9.33 -8.83 -5.90
CA GLU A 40 8.94 -8.38 -4.57
C GLU A 40 8.08 -7.13 -4.66
N TYR A 41 7.35 -6.83 -3.58
CA TYR A 41 6.49 -5.66 -3.54
C TYR A 41 6.84 -4.77 -2.35
N ARG A 42 7.24 -3.54 -2.65
CA ARG A 42 7.61 -2.58 -1.61
C ARG A 42 6.41 -1.72 -1.22
N LEU A 43 5.81 -2.03 -0.08
CA LEU A 43 4.65 -1.29 0.40
C LEU A 43 5.07 -0.25 1.44
N GLU A 44 4.70 1.01 1.21
CA GLU A 44 5.03 2.09 2.11
C GLU A 44 3.80 2.56 2.88
N TRP A 45 4.01 2.99 4.12
CA TRP A 45 2.90 3.47 4.96
C TRP A 45 3.38 4.57 5.89
N GLY A 46 2.99 5.81 5.59
CA GLY A 46 3.38 6.93 6.42
C GLY A 46 2.20 7.77 6.85
N GLY A 47 2.05 7.95 8.17
CA GLY A 47 0.96 8.74 8.68
C GLY A 47 0.58 9.89 7.77
N VAL A 48 1.60 10.61 7.29
CA VAL A 48 1.37 11.74 6.39
C VAL A 48 1.98 11.50 5.03
N GLU A 49 1.18 11.69 3.98
CA GLU A 49 1.64 11.50 2.61
C GLU A 49 3.02 12.12 2.40
N GLY A 50 3.27 13.22 3.11
CA GLY A 50 4.55 13.90 2.99
C GLY A 50 5.71 13.02 3.41
N SER A 51 5.48 12.19 4.43
CA SER A 51 6.52 11.31 4.94
C SER A 51 6.09 9.85 4.82
N MET A 52 6.58 9.18 3.78
CA MET A 52 6.25 7.78 3.54
C MET A 52 7.50 6.91 3.59
N GLN A 53 7.39 5.74 4.21
CA GLN A 53 8.51 4.82 4.33
C GLN A 53 8.05 3.38 4.13
N ILE A 54 9.02 2.48 3.96
CA ILE A 54 8.71 1.07 3.76
C ILE A 54 8.29 0.41 5.07
N CYS A 55 7.20 -0.34 5.02
CA CYS A 55 6.68 -1.03 6.20
C CYS A 55 6.71 -2.54 6.01
N TYR A 56 6.45 -2.98 4.79
CA TYR A 56 6.44 -4.41 4.47
C TYR A 56 7.03 -4.66 3.09
N CYS A 57 7.83 -5.71 2.99
CA CYS A 57 8.47 -6.07 1.72
C CYS A 57 8.40 -7.58 1.48
N GLY A 58 7.94 -7.97 0.29
CA GLY A 58 7.84 -9.38 -0.04
C GLY A 58 6.81 -9.64 -1.13
N PRO A 59 6.79 -10.88 -1.63
CA PRO A 59 5.86 -11.28 -2.69
C PRO A 59 4.42 -11.34 -2.20
N GLY A 60 4.23 -11.27 -0.89
CA GLY A 60 2.90 -11.31 -0.31
C GLY A 60 1.92 -10.43 -1.07
N LEU A 61 0.63 -10.57 -0.75
CA LEU A 61 -0.40 -9.79 -1.40
C LEU A 61 -1.36 -9.20 -0.38
N SER A 62 -0.91 -9.12 0.87
CA SER A 62 -1.74 -8.58 1.95
C SER A 62 -0.90 -8.35 3.21
N TYR A 63 -1.23 -7.30 3.95
CA TYR A 63 -0.51 -6.97 5.17
C TYR A 63 -1.46 -6.43 6.24
N GLU A 64 -1.15 -6.72 7.49
CA GLU A 64 -1.99 -6.27 8.61
C GLU A 64 -1.25 -5.23 9.45
N ILE A 65 -1.86 -4.05 9.57
CA ILE A 65 -1.27 -2.96 10.34
C ILE A 65 -2.04 -2.72 11.63
N LYS A 66 -1.33 -2.45 12.71
CA LYS A 66 -1.94 -2.20 14.00
C LYS A 66 -1.17 -1.15 14.78
N GLY A 67 -1.69 -0.75 15.94
CA GLY A 67 -1.02 0.24 16.77
C GLY A 67 -1.17 1.64 16.21
N LEU A 68 -2.31 1.91 15.58
CA LEU A 68 -2.57 3.23 15.00
C LEU A 68 -3.39 4.09 15.95
N SER A 69 -3.72 5.30 15.51
CA SER A 69 -4.51 6.22 16.32
C SER A 69 -5.81 6.60 15.61
N PRO A 70 -6.88 6.77 16.40
CA PRO A 70 -8.19 7.13 15.87
C PRO A 70 -8.24 8.56 15.35
N ALA A 71 -8.96 8.76 14.25
CA ALA A 71 -9.08 10.09 13.65
C ALA A 71 -7.74 10.58 13.13
N THR A 72 -7.10 9.76 12.31
CA THR A 72 -5.81 10.11 11.73
C THR A 72 -5.73 9.71 10.27
N THR A 73 -5.18 10.60 9.44
CA THR A 73 -5.05 10.33 8.01
C THR A 73 -3.83 9.47 7.73
N TYR A 74 -3.96 8.56 6.78
CA TYR A 74 -2.87 7.66 6.41
C TYR A 74 -2.82 7.46 4.90
N TYR A 75 -1.68 6.96 4.41
CA TYR A 75 -1.51 6.71 2.99
C TYR A 75 -0.66 5.47 2.75
N CYS A 76 -0.84 4.84 1.60
CA CYS A 76 -0.09 3.64 1.25
C CYS A 76 0.13 3.55 -0.25
N ARG A 77 1.32 3.11 -0.65
CA ARG A 77 1.66 2.98 -2.06
C ARG A 77 2.40 1.67 -2.33
N VAL A 78 1.92 0.91 -3.30
CA VAL A 78 2.54 -0.37 -3.65
C VAL A 78 3.04 -0.35 -5.10
N GLN A 79 4.15 -1.03 -5.34
CA GLN A 79 4.73 -1.10 -6.67
C GLN A 79 5.22 -2.51 -6.99
N ALA A 80 5.44 -2.79 -8.26
CA ALA A 80 5.91 -4.09 -8.70
C ALA A 80 7.36 -4.03 -9.17
N LEU A 81 8.23 -4.77 -8.49
CA LEU A 81 9.64 -4.80 -8.85
C LEU A 81 9.97 -6.01 -9.71
N SER A 82 10.76 -5.79 -10.75
CA SER A 82 11.15 -6.86 -11.67
C SER A 82 12.66 -7.11 -11.61
N VAL A 83 13.14 -7.99 -12.48
CA VAL A 83 14.56 -8.32 -12.53
C VAL A 83 15.27 -7.50 -13.59
N VAL A 84 14.50 -6.74 -14.37
CA VAL A 84 15.06 -5.91 -15.42
C VAL A 84 14.83 -4.42 -15.13
N GLY A 85 14.03 -4.15 -14.11
CA GLY A 85 13.75 -2.77 -13.75
C GLY A 85 12.85 -2.67 -12.53
N ALA A 86 11.91 -1.73 -12.58
CA ALA A 86 10.97 -1.54 -11.47
C ALA A 86 9.79 -0.67 -11.89
N GLY A 87 8.58 -1.17 -11.65
CA GLY A 87 7.40 -0.43 -12.02
C GLY A 87 7.17 0.78 -11.13
N PRO A 88 6.36 1.74 -11.63
CA PRO A 88 6.05 2.96 -10.89
C PRO A 88 5.17 2.70 -9.67
N PHE A 89 4.79 3.77 -8.98
CA PHE A 89 3.94 3.67 -7.79
C PHE A 89 2.47 3.80 -8.16
N SER A 90 1.64 2.95 -7.57
CA SER A 90 0.20 2.96 -7.84
C SER A 90 -0.43 4.24 -7.29
N GLU A 91 -1.74 4.37 -7.47
CA GLU A 91 -2.47 5.54 -6.99
C GLU A 91 -2.54 5.55 -5.48
N VAL A 92 -1.97 6.60 -4.87
CA VAL A 92 -1.97 6.73 -3.41
C VAL A 92 -3.38 6.59 -2.85
N VAL A 93 -3.61 5.55 -2.07
CA VAL A 93 -4.90 5.30 -1.46
C VAL A 93 -4.96 5.86 -0.04
N ALA A 94 -5.62 7.01 0.11
CA ALA A 94 -5.76 7.65 1.41
C ALA A 94 -6.83 6.96 2.25
N CYS A 95 -6.67 7.02 3.56
CA CYS A 95 -7.62 6.40 4.48
C CYS A 95 -7.56 7.05 5.86
N VAL A 96 -8.70 7.50 6.35
CA VAL A 96 -8.77 8.14 7.65
C VAL A 96 -9.42 7.23 8.68
N THR A 97 -8.66 6.86 9.71
CA THR A 97 -9.16 5.98 10.77
C THR A 97 -10.31 6.64 11.53
N PRO A 98 -11.24 5.81 12.01
CA PRO A 98 -12.41 6.29 12.75
C PRO A 98 -12.03 6.83 14.14
N PRO A 99 -12.80 7.81 14.61
CA PRO A 99 -12.57 8.43 15.93
C PRO A 99 -12.89 7.49 17.08
N SER A 100 -12.14 7.62 18.17
CA SER A 100 -12.35 6.78 19.34
C SER A 100 -12.79 7.61 20.54
N SER A 101 -13.99 7.33 21.05
CA SER A 101 -14.53 8.05 22.20
C SER A 101 -15.32 7.11 23.10
N GLY A 102 -15.17 7.30 24.41
CA GLY A 102 -15.86 6.47 25.37
C GLY A 102 -15.55 6.84 26.80
N PRO A 103 -15.90 5.95 27.75
CA PRO A 103 -15.66 6.18 29.17
C PRO A 103 -14.18 6.10 29.53
N SER A 104 -13.58 7.27 29.76
CA SER A 104 -12.16 7.34 30.11
C SER A 104 -11.95 7.07 31.60
N SER A 105 -12.65 6.06 32.11
CA SER A 105 -12.54 5.69 33.52
C SER A 105 -12.88 4.21 33.72
N GLY A 106 -12.78 3.77 34.97
CA GLY A 106 -13.08 2.37 35.28
C GLY A 106 -12.61 1.43 34.19
N GLY A 1 2.16 6.37 -23.94
CA GLY A 1 3.03 7.15 -23.09
C GLY A 1 4.48 7.11 -23.53
N SER A 2 5.40 7.33 -22.60
CA SER A 2 6.82 7.33 -22.91
C SER A 2 7.27 5.95 -23.40
N SER A 3 8.40 5.92 -24.10
CA SER A 3 8.94 4.68 -24.63
C SER A 3 10.03 4.12 -23.73
N GLY A 4 9.85 2.89 -23.27
CA GLY A 4 10.83 2.26 -22.40
C GLY A 4 10.26 1.93 -21.04
N SER A 5 9.23 1.11 -21.01
CA SER A 5 8.58 0.72 -19.76
C SER A 5 9.63 0.25 -18.74
N SER A 6 10.44 -0.71 -19.14
CA SER A 6 11.48 -1.25 -18.27
C SER A 6 10.87 -2.06 -17.12
N GLY A 7 9.85 -2.85 -17.44
CA GLY A 7 9.19 -3.65 -16.43
C GLY A 7 7.71 -3.85 -16.71
N PRO A 8 6.96 -4.30 -15.70
CA PRO A 8 5.52 -4.53 -15.82
C PRO A 8 4.73 -3.23 -15.95
N ASP A 9 3.40 -3.34 -15.92
CA ASP A 9 2.53 -2.18 -16.04
C ASP A 9 2.25 -1.59 -14.66
N GLN A 10 1.83 -0.32 -14.65
CA GLN A 10 1.51 0.37 -13.40
C GLN A 10 0.73 -0.54 -12.47
N CYS A 11 0.86 -0.30 -11.16
CA CYS A 11 0.17 -1.10 -10.16
C CYS A 11 -1.13 -0.41 -9.73
N LYS A 12 -2.11 -1.21 -9.34
CA LYS A 12 -3.40 -0.69 -8.91
C LYS A 12 -3.40 -0.40 -7.41
N PRO A 13 -4.24 0.56 -6.98
CA PRO A 13 -4.35 0.95 -5.58
C PRO A 13 -5.00 -0.14 -4.72
N PRO A 14 -4.38 -0.43 -3.57
CA PRO A 14 -4.88 -1.45 -2.64
C PRO A 14 -6.17 -1.03 -1.95
N GLN A 15 -6.84 -1.98 -1.32
CA GLN A 15 -8.10 -1.70 -0.62
C GLN A 15 -7.89 -1.75 0.90
N VAL A 16 -7.97 -0.59 1.53
CA VAL A 16 -7.81 -0.50 2.98
C VAL A 16 -9.09 -0.85 3.71
N THR A 17 -8.97 -1.60 4.80
CA THR A 17 -10.12 -2.01 5.58
C THR A 17 -9.90 -1.74 7.07
N CYS A 18 -10.10 -0.50 7.49
CA CYS A 18 -9.91 -0.12 8.89
C CYS A 18 -10.63 -1.10 9.80
N ARG A 19 -9.88 -2.02 10.39
CA ARG A 19 -10.44 -3.02 11.29
C ARG A 19 -10.83 -2.38 12.62
N SER A 20 -10.03 -1.43 13.07
CA SER A 20 -10.30 -0.74 14.34
C SER A 20 -9.62 0.63 14.36
N ALA A 21 -9.78 1.34 15.47
CA ALA A 21 -9.18 2.65 15.63
C ALA A 21 -7.67 2.60 15.41
N THR A 22 -7.04 1.56 15.93
CA THR A 22 -5.59 1.39 15.80
C THR A 22 -5.26 0.16 14.98
N CYS A 23 -6.14 -0.19 14.04
CA CYS A 23 -5.94 -1.35 13.18
C CYS A 23 -6.38 -1.06 11.76
N ALA A 24 -5.65 -1.60 10.79
CA ALA A 24 -5.97 -1.41 9.39
C ALA A 24 -5.38 -2.50 8.52
N GLN A 25 -6.17 -3.02 7.59
CA GLN A 25 -5.71 -4.08 6.69
C GLN A 25 -5.64 -3.59 5.26
N VAL A 26 -4.59 -4.01 4.55
CA VAL A 26 -4.41 -3.61 3.15
C VAL A 26 -4.45 -4.82 2.23
N ASN A 27 -4.95 -4.61 1.01
CA ASN A 27 -5.04 -5.68 0.03
C ASN A 27 -4.71 -5.17 -1.37
N TRP A 28 -3.82 -5.88 -2.06
CA TRP A 28 -3.41 -5.50 -3.41
C TRP A 28 -3.35 -6.72 -4.32
N GLU A 29 -2.97 -6.49 -5.58
CA GLU A 29 -2.87 -7.57 -6.55
C GLU A 29 -1.77 -7.28 -7.56
N VAL A 30 -1.49 -8.26 -8.42
CA VAL A 30 -0.46 -8.12 -9.43
C VAL A 30 -1.06 -7.74 -10.78
N PRO A 31 -0.43 -6.79 -11.47
CA PRO A 31 -0.88 -6.32 -12.78
C PRO A 31 -0.70 -7.36 -13.88
N LEU A 32 -0.78 -6.93 -15.12
CA LEU A 32 -0.61 -7.83 -16.26
C LEU A 32 0.82 -7.77 -16.80
N SER A 33 1.55 -8.87 -16.63
CA SER A 33 2.93 -8.94 -17.09
C SER A 33 3.28 -10.36 -17.54
N ASN A 34 4.11 -10.45 -18.58
CA ASN A 34 4.53 -11.76 -19.09
C ASN A 34 6.04 -11.90 -19.07
N GLY A 35 6.73 -10.95 -19.70
CA GLY A 35 8.18 -10.98 -19.74
C GLY A 35 8.80 -10.92 -18.35
N THR A 36 8.74 -9.75 -17.74
CA THR A 36 9.30 -9.57 -16.40
C THR A 36 8.32 -10.03 -15.33
N ASP A 37 8.84 -10.78 -14.35
CA ASP A 37 8.01 -11.29 -13.26
C ASP A 37 8.26 -10.50 -11.98
N VAL A 38 7.19 -10.02 -11.37
CA VAL A 38 7.28 -9.25 -10.14
C VAL A 38 8.07 -10.01 -9.07
N THR A 39 9.26 -9.52 -8.75
CA THR A 39 10.11 -10.16 -7.76
C THR A 39 9.52 -10.01 -6.37
N GLU A 40 9.38 -8.77 -5.91
CA GLU A 40 8.84 -8.49 -4.59
C GLU A 40 7.96 -7.24 -4.61
N TYR A 41 7.27 -7.00 -3.51
CA TYR A 41 6.38 -5.84 -3.40
C TYR A 41 6.76 -4.97 -2.21
N ARG A 42 7.13 -3.72 -2.48
CA ARG A 42 7.52 -2.79 -1.43
C ARG A 42 6.38 -1.83 -1.11
N LEU A 43 5.78 -2.00 0.07
CA LEU A 43 4.68 -1.15 0.50
C LEU A 43 5.18 -0.01 1.38
N GLU A 44 4.57 1.17 1.22
CA GLU A 44 4.96 2.34 2.00
C GLU A 44 3.77 2.90 2.76
N TRP A 45 3.79 2.75 4.08
CA TRP A 45 2.71 3.25 4.93
C TRP A 45 3.24 4.19 6.00
N GLY A 46 2.69 5.41 6.04
CA GLY A 46 3.13 6.38 7.02
C GLY A 46 2.00 7.32 7.44
N GLY A 47 2.29 8.20 8.40
CA GLY A 47 1.30 9.13 8.87
C GLY A 47 0.71 9.97 7.76
N VAL A 48 1.56 10.76 7.11
CA VAL A 48 1.11 11.63 6.02
C VAL A 48 1.81 11.26 4.71
N GLU A 49 1.25 11.72 3.60
CA GLU A 49 1.82 11.44 2.29
C GLU A 49 3.28 11.89 2.22
N GLY A 50 3.56 13.06 2.80
CA GLY A 50 4.91 13.58 2.78
C GLY A 50 5.85 12.76 3.65
N SER A 51 5.29 11.83 4.41
CA SER A 51 6.10 10.98 5.29
C SER A 51 5.67 9.52 5.16
N MET A 52 6.48 8.74 4.45
CA MET A 52 6.19 7.32 4.25
C MET A 52 7.47 6.52 4.06
N GLN A 53 7.47 5.28 4.51
CA GLN A 53 8.63 4.41 4.38
C GLN A 53 8.22 2.96 4.20
N ILE A 54 9.18 2.11 3.85
CA ILE A 54 8.91 0.69 3.64
C ILE A 54 8.36 0.05 4.91
N CYS A 55 7.07 -0.25 4.90
CA CYS A 55 6.42 -0.86 6.07
C CYS A 55 6.52 -2.38 5.99
N TYR A 56 6.36 -2.92 4.78
CA TYR A 56 6.42 -4.37 4.58
C TYR A 56 7.15 -4.70 3.27
N CYS A 57 7.91 -5.79 3.29
CA CYS A 57 8.66 -6.22 2.12
C CYS A 57 8.53 -7.73 1.91
N GLY A 58 8.24 -8.14 0.68
CA GLY A 58 8.10 -9.55 0.39
C GLY A 58 7.12 -9.80 -0.75
N PRO A 59 7.13 -11.04 -1.26
CA PRO A 59 6.24 -11.44 -2.37
C PRO A 59 4.77 -11.52 -1.93
N GLY A 60 4.55 -11.44 -0.63
CA GLY A 60 3.19 -11.50 -0.10
C GLY A 60 2.25 -10.59 -0.86
N LEU A 61 0.95 -10.72 -0.57
CA LEU A 61 -0.06 -9.90 -1.22
C LEU A 61 -0.92 -9.17 -0.20
N SER A 62 -1.06 -9.78 0.99
CA SER A 62 -1.86 -9.19 2.05
C SER A 62 -0.99 -8.89 3.27
N TYR A 63 -1.19 -7.71 3.85
CA TYR A 63 -0.43 -7.30 5.02
C TYR A 63 -1.32 -6.55 6.02
N GLU A 64 -1.27 -6.97 7.27
CA GLU A 64 -2.07 -6.33 8.32
C GLU A 64 -1.24 -5.32 9.10
N ILE A 65 -1.73 -4.09 9.15
CA ILE A 65 -1.03 -3.02 9.86
C ILE A 65 -1.76 -2.65 11.15
N LYS A 66 -1.01 -2.50 12.23
CA LYS A 66 -1.57 -2.14 13.53
C LYS A 66 -0.73 -1.08 14.22
N GLY A 67 -1.21 -0.62 15.37
CA GLY A 67 -0.48 0.40 16.12
C GLY A 67 -0.68 1.79 15.54
N LEU A 68 -1.81 2.01 14.89
CA LEU A 68 -2.12 3.30 14.29
C LEU A 68 -2.85 4.20 15.28
N SER A 69 -3.09 5.45 14.87
CA SER A 69 -3.78 6.41 15.72
C SER A 69 -5.16 6.74 15.16
N PRO A 70 -6.14 6.93 16.05
CA PRO A 70 -7.51 7.26 15.67
C PRO A 70 -7.64 8.67 15.10
N ALA A 71 -8.69 8.89 14.32
CA ALA A 71 -8.92 10.19 13.71
C ALA A 71 -7.64 10.75 13.10
N THR A 72 -6.98 9.93 12.29
CA THR A 72 -5.75 10.35 11.64
C THR A 72 -5.69 9.85 10.19
N THR A 73 -5.38 10.75 9.27
CA THR A 73 -5.29 10.40 7.85
C THR A 73 -4.02 9.63 7.56
N TYR A 74 -4.14 8.56 6.77
CA TYR A 74 -2.99 7.74 6.41
C TYR A 74 -2.92 7.53 4.90
N TYR A 75 -1.75 7.12 4.42
CA TYR A 75 -1.56 6.88 2.99
C TYR A 75 -0.75 5.61 2.75
N CYS A 76 -1.02 4.95 1.64
CA CYS A 76 -0.32 3.72 1.29
C CYS A 76 -0.16 3.59 -0.22
N ARG A 77 1.04 3.19 -0.64
CA ARG A 77 1.33 3.03 -2.07
C ARG A 77 2.12 1.76 -2.32
N VAL A 78 1.62 0.91 -3.22
CA VAL A 78 2.29 -0.33 -3.55
C VAL A 78 2.84 -0.31 -4.97
N GLN A 79 3.96 -0.99 -5.19
CA GLN A 79 4.58 -1.04 -6.51
C GLN A 79 5.20 -2.41 -6.76
N ALA A 80 5.30 -2.78 -8.04
CA ALA A 80 5.89 -4.06 -8.41
C ALA A 80 7.34 -3.91 -8.85
N LEU A 81 8.23 -4.65 -8.22
CA LEU A 81 9.65 -4.60 -8.55
C LEU A 81 10.05 -5.76 -9.44
N SER A 82 10.78 -5.45 -10.51
CA SER A 82 11.23 -6.48 -11.45
C SER A 82 12.74 -6.68 -11.35
N VAL A 83 13.28 -7.53 -12.22
CA VAL A 83 14.71 -7.81 -12.24
C VAL A 83 15.43 -6.93 -13.24
N VAL A 84 14.69 -6.02 -13.87
CA VAL A 84 15.26 -5.11 -14.85
C VAL A 84 15.06 -3.65 -14.44
N GLY A 85 14.06 -3.42 -13.60
CA GLY A 85 13.77 -2.07 -13.13
C GLY A 85 12.84 -2.05 -11.94
N ALA A 86 11.83 -1.20 -12.00
CA ALA A 86 10.87 -1.08 -10.90
C ALA A 86 9.62 -0.32 -11.35
N GLY A 87 8.46 -0.96 -11.20
CA GLY A 87 7.21 -0.34 -11.60
C GLY A 87 6.88 0.87 -10.75
N PRO A 88 6.07 1.78 -11.31
CA PRO A 88 5.65 3.00 -10.61
C PRO A 88 4.69 2.72 -9.46
N PHE A 89 4.55 3.69 -8.56
CA PHE A 89 3.66 3.54 -7.42
C PHE A 89 2.21 3.80 -7.81
N SER A 90 1.31 2.94 -7.33
CA SER A 90 -0.11 3.08 -7.63
C SER A 90 -0.64 4.43 -7.17
N GLU A 91 -1.95 4.63 -7.31
CA GLU A 91 -2.58 5.89 -6.92
C GLU A 91 -2.70 5.98 -5.39
N VAL A 92 -1.98 6.92 -4.81
CA VAL A 92 -2.00 7.11 -3.36
C VAL A 92 -3.42 7.00 -2.82
N VAL A 93 -3.68 5.93 -2.06
CA VAL A 93 -4.99 5.71 -1.48
C VAL A 93 -5.07 6.26 -0.07
N ALA A 94 -5.75 7.40 0.09
CA ALA A 94 -5.90 8.03 1.38
C ALA A 94 -6.99 7.35 2.20
N CYS A 95 -6.84 7.38 3.53
CA CYS A 95 -7.81 6.75 4.42
C CYS A 95 -7.71 7.36 5.82
N VAL A 96 -8.87 7.73 6.38
CA VAL A 96 -8.92 8.32 7.71
C VAL A 96 -9.43 7.32 8.73
N THR A 97 -8.65 7.12 9.80
CA THR A 97 -9.01 6.18 10.85
C THR A 97 -10.10 6.77 11.75
N PRO A 98 -10.97 5.88 12.28
CA PRO A 98 -12.07 6.29 13.16
C PRO A 98 -11.58 6.78 14.51
N PRO A 99 -12.33 7.73 15.10
CA PRO A 99 -11.98 8.30 16.41
C PRO A 99 -12.18 7.31 17.55
N SER A 100 -11.39 7.47 18.61
CA SER A 100 -11.47 6.58 19.76
C SER A 100 -11.97 7.33 21.00
N SER A 101 -13.29 7.41 21.14
CA SER A 101 -13.90 8.10 22.27
C SER A 101 -14.45 7.11 23.29
N GLY A 102 -15.24 6.16 22.80
CA GLY A 102 -15.82 5.16 23.68
C GLY A 102 -17.33 5.26 23.76
N PRO A 103 -17.97 4.21 24.31
CA PRO A 103 -19.43 4.16 24.45
C PRO A 103 -19.95 5.16 25.49
N SER A 104 -19.05 5.63 26.34
CA SER A 104 -19.42 6.59 27.38
C SER A 104 -19.38 8.02 26.84
N SER A 105 -20.55 8.57 26.54
CA SER A 105 -20.65 9.93 26.02
C SER A 105 -21.58 10.78 26.89
N GLY A 106 -22.83 10.34 27.01
CA GLY A 106 -23.79 11.07 27.81
C GLY A 106 -25.20 10.94 27.28
N GLY A 1 9.42 -4.07 -35.05
CA GLY A 1 8.72 -5.14 -34.34
C GLY A 1 8.94 -5.09 -32.85
N SER A 2 7.92 -5.48 -32.09
CA SER A 2 8.00 -5.48 -30.63
C SER A 2 7.45 -6.77 -30.05
N SER A 3 8.12 -7.28 -29.02
CA SER A 3 7.70 -8.53 -28.37
C SER A 3 7.30 -8.28 -26.94
N GLY A 4 8.19 -7.64 -26.18
CA GLY A 4 7.90 -7.35 -24.78
C GLY A 4 8.43 -6.00 -24.35
N SER A 5 7.75 -5.36 -23.41
CA SER A 5 8.15 -4.06 -22.91
C SER A 5 8.98 -4.19 -21.63
N SER A 6 10.13 -3.55 -21.60
CA SER A 6 11.01 -3.59 -20.45
C SER A 6 10.31 -3.06 -19.20
N GLY A 7 9.84 -3.97 -18.36
CA GLY A 7 9.16 -3.56 -17.14
C GLY A 7 7.66 -3.81 -17.21
N PRO A 8 7.06 -4.14 -16.07
CA PRO A 8 5.62 -4.42 -15.98
C PRO A 8 4.78 -3.16 -16.16
N ASP A 9 3.49 -3.26 -15.89
CA ASP A 9 2.58 -2.13 -16.02
C ASP A 9 2.27 -1.52 -14.65
N GLN A 10 1.79 -0.28 -14.66
CA GLN A 10 1.46 0.42 -13.42
C GLN A 10 0.70 -0.49 -12.47
N CYS A 11 0.93 -0.32 -11.17
CA CYS A 11 0.27 -1.12 -10.16
C CYS A 11 -1.04 -0.47 -9.72
N LYS A 12 -2.03 -1.30 -9.41
CA LYS A 12 -3.34 -0.81 -8.97
C LYS A 12 -3.33 -0.51 -7.48
N PRO A 13 -4.20 0.43 -7.06
CA PRO A 13 -4.31 0.82 -5.65
C PRO A 13 -4.92 -0.29 -4.78
N PRO A 14 -4.29 -0.54 -3.62
CA PRO A 14 -4.77 -1.57 -2.69
C PRO A 14 -6.08 -1.19 -2.01
N GLN A 15 -6.76 -2.17 -1.44
CA GLN A 15 -8.02 -1.94 -0.75
C GLN A 15 -7.82 -1.88 0.76
N VAL A 16 -8.04 -0.71 1.34
CA VAL A 16 -7.89 -0.52 2.78
C VAL A 16 -9.16 -0.90 3.51
N THR A 17 -9.01 -1.54 4.67
CA THR A 17 -10.15 -1.96 5.48
C THR A 17 -9.94 -1.61 6.94
N CYS A 18 -10.39 -0.44 7.35
CA CYS A 18 -10.25 0.00 8.73
C CYS A 18 -10.72 -1.07 9.70
N ARG A 19 -9.76 -1.81 10.25
CA ARG A 19 -10.08 -2.88 11.20
C ARG A 19 -10.57 -2.30 12.53
N SER A 20 -10.00 -1.17 12.92
CA SER A 20 -10.38 -0.52 14.16
C SER A 20 -9.76 0.87 14.27
N ALA A 21 -10.03 1.56 15.37
CA ALA A 21 -9.49 2.90 15.60
C ALA A 21 -7.97 2.91 15.49
N THR A 22 -7.35 1.78 15.85
CA THR A 22 -5.89 1.67 15.79
C THR A 22 -5.48 0.44 14.99
N CYS A 23 -6.39 -0.04 14.13
CA CYS A 23 -6.11 -1.21 13.31
C CYS A 23 -6.52 -0.96 11.86
N ALA A 24 -5.71 -1.46 10.93
CA ALA A 24 -5.99 -1.30 9.51
C ALA A 24 -5.47 -2.47 8.70
N GLN A 25 -6.05 -2.69 7.53
CA GLN A 25 -5.64 -3.79 6.66
C GLN A 25 -5.50 -3.33 5.21
N VAL A 26 -4.54 -3.91 4.50
CA VAL A 26 -4.30 -3.55 3.11
C VAL A 26 -4.21 -4.79 2.23
N ASN A 27 -4.48 -4.61 0.95
CA ASN A 27 -4.43 -5.73 0.00
C ASN A 27 -4.19 -5.21 -1.43
N TRP A 28 -3.21 -5.80 -2.10
CA TRP A 28 -2.89 -5.41 -3.46
C TRP A 28 -2.96 -6.60 -4.41
N GLU A 29 -2.66 -6.37 -5.68
CA GLU A 29 -2.69 -7.43 -6.68
C GLU A 29 -1.57 -7.24 -7.70
N VAL A 30 -1.41 -8.24 -8.57
CA VAL A 30 -0.36 -8.20 -9.60
C VAL A 30 -0.94 -7.74 -10.93
N PRO A 31 -0.34 -6.68 -11.51
CA PRO A 31 -0.78 -6.12 -12.79
C PRO A 31 -0.46 -7.05 -13.96
N LEU A 32 -0.99 -6.72 -15.13
CA LEU A 32 -0.78 -7.53 -16.32
C LEU A 32 0.71 -7.59 -16.68
N SER A 33 1.35 -8.69 -16.34
CA SER A 33 2.77 -8.88 -16.62
C SER A 33 3.00 -10.11 -17.47
N ASN A 34 2.88 -9.96 -18.79
CA ASN A 34 3.08 -11.07 -19.71
C ASN A 34 4.54 -11.19 -20.10
N GLY A 35 5.40 -11.28 -19.10
CA GLY A 35 6.83 -11.41 -19.37
C GLY A 35 7.66 -11.34 -18.09
N THR A 36 7.68 -10.16 -17.46
CA THR A 36 8.43 -9.96 -16.24
C THR A 36 7.65 -10.44 -15.02
N ASP A 37 8.35 -11.11 -14.11
CA ASP A 37 7.73 -11.62 -12.90
C ASP A 37 8.05 -10.73 -11.70
N VAL A 38 7.01 -10.22 -11.05
CA VAL A 38 7.18 -9.36 -9.89
C VAL A 38 8.01 -10.04 -8.82
N THR A 39 9.25 -9.59 -8.65
CA THR A 39 10.15 -10.15 -7.66
C THR A 39 9.60 -9.97 -6.25
N GLU A 40 9.52 -8.71 -5.81
CA GLU A 40 9.00 -8.41 -4.49
C GLU A 40 8.02 -7.24 -4.54
N TYR A 41 7.46 -6.89 -3.39
CA TYR A 41 6.51 -5.80 -3.30
C TYR A 41 6.84 -4.87 -2.14
N ARG A 42 7.22 -3.64 -2.45
CA ARG A 42 7.57 -2.66 -1.43
C ARG A 42 6.35 -1.82 -1.04
N LEU A 43 5.82 -2.07 0.16
CA LEU A 43 4.67 -1.34 0.65
C LEU A 43 5.08 -0.24 1.62
N GLU A 44 4.68 0.99 1.32
CA GLU A 44 5.01 2.12 2.18
C GLU A 44 3.75 2.69 2.84
N TRP A 45 3.81 2.85 4.16
CA TRP A 45 2.68 3.38 4.91
C TRP A 45 3.12 4.54 5.80
N GLY A 46 2.53 5.71 5.57
CA GLY A 46 2.87 6.88 6.36
C GLY A 46 1.67 7.77 6.61
N GLY A 47 1.45 8.14 7.87
CA GLY A 47 0.34 8.99 8.22
C GLY A 47 0.14 10.12 7.24
N VAL A 48 1.24 10.73 6.80
CA VAL A 48 1.18 11.83 5.85
C VAL A 48 1.90 11.47 4.54
N GLU A 49 1.18 11.58 3.44
CA GLU A 49 1.74 11.26 2.13
C GLU A 49 3.11 11.91 1.95
N GLY A 50 3.30 13.05 2.60
CA GLY A 50 4.57 13.76 2.51
C GLY A 50 5.74 12.90 2.95
N SER A 51 5.52 12.09 3.99
CA SER A 51 6.57 11.23 4.52
C SER A 51 6.07 9.79 4.64
N MET A 52 6.70 8.89 3.89
CA MET A 52 6.32 7.48 3.91
C MET A 52 7.55 6.59 3.83
N GLN A 53 7.56 5.53 4.63
CA GLN A 53 8.69 4.59 4.65
C GLN A 53 8.21 3.16 4.45
N ILE A 54 9.13 2.28 4.10
CA ILE A 54 8.80 0.87 3.87
C ILE A 54 8.26 0.22 5.14
N CYS A 55 7.21 -0.58 4.98
CA CYS A 55 6.61 -1.27 6.11
C CYS A 55 6.57 -2.77 5.89
N TYR A 56 6.42 -3.18 4.63
CA TYR A 56 6.37 -4.59 4.28
C TYR A 56 7.08 -4.85 2.96
N CYS A 57 7.85 -5.93 2.91
CA CYS A 57 8.59 -6.28 1.70
C CYS A 57 8.50 -7.78 1.44
N GLY A 58 7.97 -8.15 0.28
CA GLY A 58 7.83 -9.55 -0.08
C GLY A 58 6.81 -9.77 -1.18
N PRO A 59 6.77 -11.00 -1.71
CA PRO A 59 5.84 -11.37 -2.77
C PRO A 59 4.39 -11.41 -2.30
N GLY A 60 4.21 -11.55 -0.99
CA GLY A 60 2.87 -11.60 -0.43
C GLY A 60 1.96 -10.53 -1.00
N LEU A 61 0.66 -10.74 -0.90
CA LEU A 61 -0.32 -9.79 -1.40
C LEU A 61 -1.31 -9.38 -0.31
N SER A 62 -0.89 -9.51 0.94
CA SER A 62 -1.73 -9.16 2.07
C SER A 62 -0.88 -8.85 3.30
N TYR A 63 -1.14 -7.69 3.91
CA TYR A 63 -0.41 -7.27 5.09
C TYR A 63 -1.32 -6.52 6.07
N GLU A 64 -1.32 -6.96 7.33
CA GLU A 64 -2.14 -6.33 8.35
C GLU A 64 -1.34 -5.29 9.13
N ILE A 65 -1.87 -4.07 9.19
CA ILE A 65 -1.22 -2.99 9.91
C ILE A 65 -1.95 -2.65 11.20
N LYS A 66 -1.19 -2.37 12.25
CA LYS A 66 -1.77 -2.03 13.55
C LYS A 66 -0.93 -0.97 14.26
N GLY A 67 -1.37 -0.58 15.46
CA GLY A 67 -0.64 0.41 16.21
C GLY A 67 -0.79 1.81 15.63
N LEU A 68 -1.98 2.09 15.11
CA LEU A 68 -2.26 3.40 14.52
C LEU A 68 -3.03 4.29 15.49
N SER A 69 -3.28 5.52 15.08
CA SER A 69 -4.01 6.47 15.91
C SER A 69 -5.40 6.76 15.32
N PRO A 70 -6.39 6.90 16.21
CA PRO A 70 -7.77 7.18 15.80
C PRO A 70 -7.94 8.59 15.23
N ALA A 71 -8.92 8.75 14.36
CA ALA A 71 -9.18 10.05 13.75
C ALA A 71 -7.91 10.65 13.16
N THR A 72 -7.18 9.85 12.39
CA THR A 72 -5.95 10.30 11.77
C THR A 72 -5.87 9.86 10.31
N THR A 73 -5.39 10.75 9.45
CA THR A 73 -5.27 10.46 8.03
C THR A 73 -4.03 9.61 7.76
N TYR A 74 -4.16 8.66 6.84
CA TYR A 74 -3.05 7.78 6.48
C TYR A 74 -3.01 7.55 4.98
N TYR A 75 -1.87 7.05 4.50
CA TYR A 75 -1.70 6.78 3.08
C TYR A 75 -0.89 5.50 2.86
N CYS A 76 -1.08 4.88 1.70
CA CYS A 76 -0.37 3.65 1.37
C CYS A 76 -0.18 3.52 -0.13
N ARG A 77 1.01 3.09 -0.55
CA ARG A 77 1.31 2.93 -1.97
C ARG A 77 2.13 1.67 -2.20
N VAL A 78 1.69 0.83 -3.13
CA VAL A 78 2.37 -0.41 -3.45
C VAL A 78 2.91 -0.39 -4.88
N GLN A 79 4.09 -0.99 -5.08
CA GLN A 79 4.70 -1.04 -6.40
C GLN A 79 5.27 -2.42 -6.67
N ALA A 80 5.44 -2.74 -7.95
CA ALA A 80 5.98 -4.03 -8.36
C ALA A 80 7.41 -3.89 -8.87
N LEU A 81 8.33 -4.63 -8.26
CA LEU A 81 9.73 -4.58 -8.65
C LEU A 81 10.10 -5.80 -9.49
N SER A 82 10.93 -5.59 -10.51
CA SER A 82 11.35 -6.67 -11.39
C SER A 82 12.88 -6.76 -11.45
N VAL A 83 13.38 -7.64 -12.30
CA VAL A 83 14.82 -7.82 -12.46
C VAL A 83 15.37 -6.93 -13.57
N VAL A 84 14.46 -6.26 -14.28
CA VAL A 84 14.85 -5.38 -15.38
C VAL A 84 14.56 -3.92 -15.03
N GLY A 85 13.91 -3.70 -13.89
CA GLY A 85 13.58 -2.36 -13.47
C GLY A 85 12.59 -2.33 -12.32
N ALA A 86 11.92 -1.20 -12.15
CA ALA A 86 10.94 -1.05 -11.07
C ALA A 86 9.71 -0.27 -11.55
N GLY A 87 8.54 -0.84 -11.30
CA GLY A 87 7.31 -0.19 -11.72
C GLY A 87 6.95 1.00 -10.83
N PRO A 88 6.10 1.89 -11.36
CA PRO A 88 5.67 3.09 -10.63
C PRO A 88 4.75 2.75 -9.46
N PHE A 89 4.57 3.72 -8.56
CA PHE A 89 3.72 3.53 -7.39
C PHE A 89 2.25 3.77 -7.74
N SER A 90 1.39 2.83 -7.37
CA SER A 90 -0.04 2.94 -7.63
C SER A 90 -0.58 4.27 -7.11
N GLU A 91 -1.85 4.54 -7.43
CA GLU A 91 -2.49 5.77 -6.99
C GLU A 91 -2.60 5.82 -5.48
N VAL A 92 -1.91 6.77 -4.87
CA VAL A 92 -1.93 6.93 -3.42
C VAL A 92 -3.35 6.79 -2.87
N VAL A 93 -3.53 5.84 -1.95
CA VAL A 93 -4.83 5.60 -1.35
C VAL A 93 -4.88 6.13 0.09
N ALA A 94 -5.56 7.25 0.28
CA ALA A 94 -5.68 7.86 1.60
C ALA A 94 -6.81 7.22 2.39
N CYS A 95 -6.66 7.16 3.71
CA CYS A 95 -7.67 6.57 4.58
C CYS A 95 -7.55 7.12 6.00
N VAL A 96 -8.68 7.52 6.56
CA VAL A 96 -8.71 8.06 7.92
C VAL A 96 -9.35 7.09 8.89
N THR A 97 -8.70 6.87 10.02
CA THR A 97 -9.21 5.96 11.04
C THR A 97 -10.29 6.63 11.89
N PRO A 98 -11.22 5.80 12.40
CA PRO A 98 -12.33 6.29 13.23
C PRO A 98 -11.85 6.78 14.60
N PRO A 99 -12.60 7.74 15.17
CA PRO A 99 -12.27 8.32 16.47
C PRO A 99 -12.49 7.33 17.61
N SER A 100 -11.54 7.26 18.54
CA SER A 100 -11.63 6.35 19.68
C SER A 100 -11.47 7.12 20.99
N SER A 101 -12.61 7.55 21.55
CA SER A 101 -12.59 8.29 22.81
C SER A 101 -13.62 7.72 23.78
N GLY A 102 -13.52 8.13 25.04
CA GLY A 102 -14.44 7.64 26.06
C GLY A 102 -14.28 8.37 27.37
N PRO A 103 -14.82 7.78 28.46
CA PRO A 103 -14.75 8.35 29.79
C PRO A 103 -13.34 8.32 30.37
N SER A 104 -12.85 9.48 30.80
CA SER A 104 -11.51 9.58 31.36
C SER A 104 -11.56 9.61 32.88
N SER A 105 -11.34 8.46 33.51
CA SER A 105 -11.37 8.36 34.97
C SER A 105 -10.30 9.26 35.59
N GLY A 106 -10.60 9.77 36.78
CA GLY A 106 -9.66 10.63 37.47
C GLY A 106 -10.03 10.85 38.92
#